data_8F9W
#
_entry.id   8F9W
#
_cell.length_a   78.672
_cell.length_b   130.851
_cell.length_c   101.540
_cell.angle_alpha   90.000
_cell.angle_beta   109.336
_cell.angle_gamma   90.000
#
_symmetry.space_group_name_H-M   'P 1 21 1'
#
loop_
_entity.id
_entity.type
_entity.pdbx_description
1 polymer 'Circumsporozoite protein NPDP peptide'
2 polymer 'Ky15.8 Antibody, heavy chain'
3 polymer 'Ky15.8 Antibody, light chain'
4 non-polymer 1,2-ETHANEDIOL
5 water water
#
loop_
_entity_poly.entity_id
_entity_poly.type
_entity_poly.pdbx_seq_one_letter_code
_entity_poly.pdbx_strand_id
1 'polypeptide(L)' NPDPNANPNVDPNANP O,P,Q,R
2 'polypeptide(L)'
;QVQLVESGGNVVQPGRSLRLSCTASGFTFSSYGMHWVRQAPDKGLEWVAIIWYDGGNKFYADSVKGRFTISRDNSKDTLY
LQMNSLRAEDTAVYYCAKAWYKIDDKYSMDVWGQGTTVTVSSASTKGPSVFPLAPSSKSTSGGTAALGCLVKDYFPEPVT
VSWNSGALTSGVHTFPAVLQSSGLYSLSSVVTVPSSSLGTQTYICNVNHKPSNTKVDKKVEPKSC
;
A,C,E,G
3 'polypeptide(L)'
;DIQMTQSPSTLSASVGDRVTITCRASQSISSWLAWYQQKPGKAPKLLIYKASSLESGVPSRFSGSGSGTEFTLTISGLQP
DDFATYYCQQYNSYWTFGQGTKVEIKRTVAAPSVFIFPPSDEQLKSGTASVVCLLNNFYPREAKVQWKVDNALQSGNSQE
SVTEQDSKDSTYSLSSTLTLSKADYEKHKVYACEVTHQGLSSPVTKSFNRGEC
;
B,D,F,H
#
loop_
_chem_comp.id
_chem_comp.type
_chem_comp.name
_chem_comp.formula
EDO non-polymer 1,2-ETHANEDIOL 'C2 H6 O2'
#
# COMPACT_ATOMS: atom_id res chain seq x y z
N ASN A 1 -21.00 -19.22 30.03
CA ASN A 1 -22.12 -19.99 30.58
C ASN A 1 -22.33 -21.36 29.90
N PRO A 2 -22.44 -21.42 28.57
CA PRO A 2 -22.68 -22.71 27.90
C PRO A 2 -21.40 -23.54 27.80
N ASP A 3 -21.59 -24.79 27.39
CA ASP A 3 -20.45 -25.64 27.09
C ASP A 3 -19.71 -25.09 25.87
N PRO A 4 -18.38 -25.06 25.89
CA PRO A 4 -17.65 -24.54 24.72
C PRO A 4 -17.89 -25.33 23.45
N ASN A 5 -18.15 -26.63 23.58
CA ASN A 5 -18.38 -27.50 22.43
C ASN A 5 -19.86 -27.59 22.04
N ALA A 6 -20.72 -26.82 22.70
CA ALA A 6 -22.14 -26.80 22.37
C ALA A 6 -22.37 -25.99 21.10
N ASN A 7 -23.61 -25.93 20.65
CA ASN A 7 -23.92 -25.29 19.38
C ASN A 7 -23.63 -23.80 19.45
N PRO A 8 -22.71 -23.27 18.63
CA PRO A 8 -22.46 -21.83 18.59
C PRO A 8 -23.26 -21.08 17.54
N ASN A 9 -24.10 -21.79 16.79
CA ASN A 9 -24.83 -21.20 15.67
C ASN A 9 -26.27 -20.84 16.06
N GLN B 1 -20.73 -21.68 -2.63
CA GLN B 1 -19.75 -22.32 -1.75
C GLN B 1 -19.28 -21.37 -0.66
N VAL B 2 -18.97 -21.95 0.52
CA VAL B 2 -18.44 -21.16 1.63
C VAL B 2 -17.08 -20.58 1.25
N GLN B 3 -16.86 -19.32 1.59
CA GLN B 3 -15.64 -18.61 1.24
C GLN B 3 -15.17 -17.82 2.46
N LEU B 4 -13.95 -18.10 2.92
CA LEU B 4 -13.35 -17.41 4.06
C LEU B 4 -12.00 -16.87 3.63
N VAL B 5 -11.81 -15.56 3.77
CA VAL B 5 -10.58 -14.89 3.32
C VAL B 5 -9.96 -14.18 4.51
N GLU B 6 -8.77 -14.62 4.91
CA GLU B 6 -8.04 -13.99 6.00
C GLU B 6 -7.20 -12.83 5.48
N SER B 7 -6.89 -11.90 6.38
CA SER B 7 -6.12 -10.71 6.05
C SER B 7 -5.51 -10.14 7.33
N GLY B 8 -4.47 -9.34 7.15
CA GLY B 8 -3.83 -8.65 8.26
C GLY B 8 -2.50 -9.23 8.69
N GLY B 9 -2.11 -10.39 8.18
CA GLY B 9 -0.84 -10.97 8.56
C GLY B 9 0.33 -10.10 8.10
N ASN B 10 1.32 -9.95 8.98
CA ASN B 10 2.45 -9.08 8.68
C ASN B 10 3.58 -9.41 9.66
N VAL B 11 4.73 -8.78 9.42
CA VAL B 11 5.85 -8.87 10.37
C VAL B 11 5.60 -7.89 11.50
N VAL B 12 5.65 -8.39 12.73
CA VAL B 12 5.41 -7.58 13.91
C VAL B 12 6.50 -7.86 14.93
N GLN B 13 6.92 -6.82 15.65
CA GLN B 13 7.98 -6.99 16.63
C GLN B 13 7.43 -7.50 17.96
N PRO B 14 8.24 -8.23 18.73
CA PRO B 14 7.77 -8.76 20.01
C PRO B 14 7.28 -7.65 20.93
N GLY B 15 6.21 -7.94 21.66
CA GLY B 15 5.60 -6.97 22.56
C GLY B 15 4.59 -6.04 21.90
N ARG B 16 4.44 -6.09 20.59
CA ARG B 16 3.55 -5.21 19.86
C ARG B 16 2.23 -5.93 19.56
N SER B 17 1.32 -5.20 18.93
CA SER B 17 -0.02 -5.69 18.62
C SER B 17 -0.20 -5.87 17.12
N LEU B 18 -1.30 -6.55 16.77
CA LEU B 18 -1.66 -6.84 15.39
C LEU B 18 -3.09 -7.38 15.36
N ARG B 19 -3.89 -6.88 14.43
CA ARG B 19 -5.28 -7.31 14.30
C ARG B 19 -5.48 -8.01 12.97
N LEU B 20 -5.98 -9.24 13.00
CA LEU B 20 -6.30 -9.99 11.80
C LEU B 20 -7.78 -9.85 11.47
N SER B 21 -8.10 -10.15 10.22
CA SER B 21 -9.48 -10.10 9.73
C SER B 21 -9.80 -11.38 8.96
N CYS B 22 -11.10 -11.64 8.79
CA CYS B 22 -11.57 -12.82 8.06
C CYS B 22 -12.94 -12.47 7.47
N THR B 23 -12.94 -12.00 6.23
CA THR B 23 -14.17 -11.70 5.54
C THR B 23 -14.76 -12.97 4.93
N ALA B 24 -16.06 -13.17 5.12
CA ALA B 24 -16.74 -14.38 4.69
C ALA B 24 -17.75 -14.07 3.59
N SER B 25 -18.06 -15.10 2.80
CA SER B 25 -19.06 -14.99 1.76
C SER B 25 -19.49 -16.39 1.35
N GLY B 26 -20.63 -16.47 0.69
CA GLY B 26 -21.20 -17.75 0.29
C GLY B 26 -22.11 -18.39 1.31
N PHE B 27 -22.38 -17.72 2.42
CA PHE B 27 -23.30 -18.22 3.45
C PHE B 27 -23.71 -17.05 4.33
N THR B 28 -24.67 -17.31 5.20
CA THR B 28 -25.15 -16.29 6.13
C THR B 28 -24.20 -16.23 7.33
N PHE B 29 -23.39 -15.16 7.37
CA PHE B 29 -22.32 -15.08 8.37
C PHE B 29 -22.87 -15.03 9.79
N SER B 30 -23.92 -14.23 10.02
CA SER B 30 -24.43 -14.04 11.37
C SER B 30 -25.05 -15.30 11.97
N SER B 31 -25.19 -16.36 11.18
CA SER B 31 -25.85 -17.57 11.65
C SER B 31 -24.91 -18.58 12.27
N TYR B 32 -23.60 -18.36 12.20
CA TYR B 32 -22.62 -19.36 12.58
C TYR B 32 -21.61 -18.78 13.56
N GLY B 33 -21.16 -19.63 14.48
CA GLY B 33 -19.96 -19.34 15.23
C GLY B 33 -18.71 -19.55 14.40
N MET B 34 -17.61 -18.97 14.87
CA MET B 34 -16.36 -18.98 14.12
C MET B 34 -15.20 -19.29 15.05
N HIS B 35 -14.21 -20.01 14.52
CA HIS B 35 -12.99 -20.35 15.24
C HIS B 35 -11.79 -19.65 14.62
N TRP B 36 -10.73 -19.53 15.42
CA TRP B 36 -9.39 -19.19 14.94
C TRP B 36 -8.47 -20.35 15.28
N VAL B 37 -7.68 -20.79 14.30
CA VAL B 37 -6.73 -21.88 14.46
C VAL B 37 -5.42 -21.46 13.82
N ARG B 38 -4.31 -21.67 14.52
CA ARG B 38 -3.00 -21.32 13.99
C ARG B 38 -2.16 -22.58 13.76
N GLN B 39 -1.30 -22.52 12.75
CA GLN B 39 -0.47 -23.66 12.37
C GLN B 39 0.99 -23.22 12.25
N ALA B 40 1.88 -24.02 12.83
CA ALA B 40 3.32 -23.78 12.75
C ALA B 40 4.02 -25.09 13.05
N PRO B 41 5.20 -25.32 12.48
CA PRO B 41 5.89 -26.61 12.69
C PRO B 41 6.19 -26.91 14.14
N ASP B 42 6.36 -25.90 14.99
CA ASP B 42 6.61 -26.13 16.41
C ASP B 42 5.35 -26.46 17.19
N LYS B 43 4.17 -26.07 16.69
CA LYS B 43 2.92 -26.28 17.39
C LYS B 43 1.93 -27.16 16.65
N GLY B 44 2.21 -27.52 15.39
CA GLY B 44 1.19 -28.22 14.62
C GLY B 44 -0.01 -27.32 14.41
N LEU B 45 -1.19 -27.94 14.39
CA LEU B 45 -2.45 -27.21 14.35
C LEU B 45 -2.88 -26.92 15.78
N GLU B 46 -3.08 -25.64 16.11
CA GLU B 46 -3.41 -25.22 17.47
C GLU B 46 -4.64 -24.33 17.44
N TRP B 47 -5.68 -24.73 18.16
CA TRP B 47 -6.88 -23.91 18.29
C TRP B 47 -6.61 -22.66 19.12
N VAL B 48 -7.21 -21.54 18.72
CA VAL B 48 -6.97 -20.25 19.36
C VAL B 48 -8.21 -19.76 20.12
N ALA B 49 -9.32 -19.59 19.41
CA ALA B 49 -10.52 -19.03 20.04
C ALA B 49 -11.75 -19.40 19.24
N ILE B 50 -12.89 -19.38 19.91
CA ILE B 50 -14.20 -19.55 19.28
C ILE B 50 -15.12 -18.45 19.79
N ILE B 51 -16.00 -17.97 18.92
CA ILE B 51 -16.99 -16.95 19.28
C ILE B 51 -18.35 -17.39 18.77
N TRP B 52 -19.39 -17.13 19.56
CA TRP B 52 -20.75 -17.49 19.19
C TRP B 52 -21.25 -16.62 18.03
N TYR B 53 -22.39 -17.03 17.47
CA TYR B 53 -22.95 -16.34 16.30
C TYR B 53 -23.30 -14.89 16.61
N ASP B 54 -23.69 -14.59 17.85
CA ASP B 54 -24.12 -13.26 18.22
C ASP B 54 -22.99 -12.42 18.82
N GLY B 55 -21.80 -12.99 18.98
CA GLY B 55 -20.68 -12.27 19.55
C GLY B 55 -20.60 -12.30 21.06
N GLY B 56 -21.50 -13.01 21.72
CA GLY B 56 -21.49 -13.07 23.17
C GLY B 56 -20.43 -13.98 23.74
N ASN B 57 -20.70 -15.28 23.76
CA ASN B 57 -19.80 -16.24 24.40
C ASN B 57 -18.52 -16.38 23.60
N LYS B 58 -17.38 -16.28 24.28
CA LYS B 58 -16.07 -16.46 23.69
C LYS B 58 -15.25 -17.39 24.57
N PHE B 59 -14.38 -18.17 23.95
CA PHE B 59 -13.46 -19.04 24.67
C PHE B 59 -12.09 -18.96 24.01
N TYR B 60 -11.05 -19.22 24.80
CA TYR B 60 -9.67 -19.06 24.35
C TYR B 60 -8.82 -20.22 24.86
N ALA B 61 -7.79 -20.55 24.08
CA ALA B 61 -6.74 -21.43 24.58
C ALA B 61 -6.00 -20.74 25.72
N ASP B 62 -5.46 -21.56 26.62
CA ASP B 62 -4.84 -21.02 27.83
C ASP B 62 -3.68 -20.09 27.50
N SER B 63 -2.84 -20.48 26.54
CA SER B 63 -1.62 -19.73 26.26
C SER B 63 -1.89 -18.34 25.69
N VAL B 64 -3.09 -18.09 25.17
CA VAL B 64 -3.42 -16.79 24.60
C VAL B 64 -4.35 -15.98 25.49
N LYS B 65 -4.83 -16.55 26.61
CA LYS B 65 -5.68 -15.81 27.52
C LYS B 65 -4.98 -14.55 28.02
N GLY B 66 -5.73 -13.44 28.05
CA GLY B 66 -5.18 -12.17 28.46
C GLY B 66 -4.46 -11.39 27.39
N ARG B 67 -4.14 -12.01 26.26
CA ARG B 67 -3.42 -11.35 25.18
C ARG B 67 -4.21 -11.25 23.89
N PHE B 68 -5.04 -12.24 23.59
CA PHE B 68 -5.81 -12.26 22.35
C PHE B 68 -7.27 -11.97 22.66
N THR B 69 -7.93 -11.23 21.76
CA THR B 69 -9.34 -10.87 21.89
C THR B 69 -10.03 -11.13 20.57
N ILE B 70 -10.97 -12.06 20.57
CA ILE B 70 -11.74 -12.41 19.38
C ILE B 70 -13.05 -11.63 19.40
N SER B 71 -13.47 -11.16 18.22
CA SER B 71 -14.72 -10.42 18.11
C SER B 71 -15.22 -10.55 16.67
N ARG B 72 -16.41 -10.01 16.42
CA ARG B 72 -17.02 -10.11 15.11
C ARG B 72 -17.95 -8.93 14.89
N ASP B 73 -18.09 -8.53 13.63
CA ASP B 73 -19.03 -7.47 13.22
C ASP B 73 -19.95 -8.08 12.17
N ASN B 74 -21.13 -8.51 12.61
CA ASN B 74 -22.04 -9.23 11.72
C ASN B 74 -22.61 -8.35 10.62
N SER B 75 -22.59 -7.03 10.79
CA SER B 75 -23.03 -6.15 9.72
C SER B 75 -21.99 -6.00 8.62
N LYS B 76 -20.78 -6.53 8.81
CA LYS B 76 -19.73 -6.51 7.80
C LYS B 76 -19.33 -7.89 7.30
N ASP B 77 -19.85 -8.97 7.89
CA ASP B 77 -19.42 -10.33 7.58
C ASP B 77 -17.92 -10.49 7.79
N THR B 78 -17.42 -9.95 8.90
CA THR B 78 -16.00 -9.96 9.19
C THR B 78 -15.75 -10.53 10.58
N LEU B 79 -14.71 -11.36 10.68
CA LEU B 79 -14.23 -11.88 11.95
C LEU B 79 -12.88 -11.25 12.24
N TYR B 80 -12.63 -10.92 13.51
CA TYR B 80 -11.40 -10.26 13.91
C TYR B 80 -10.69 -11.07 14.99
N LEU B 81 -9.37 -10.92 15.02
CA LEU B 81 -8.54 -11.46 16.11
C LEU B 81 -7.55 -10.38 16.52
N GLN B 82 -7.76 -9.79 17.69
CA GLN B 82 -6.88 -8.75 18.21
C GLN B 82 -5.80 -9.41 19.06
N MET B 83 -4.56 -9.36 18.58
CA MET B 83 -3.41 -9.98 19.23
C MET B 83 -2.55 -8.90 19.86
N ASN B 84 -2.33 -8.98 21.17
CA ASN B 84 -1.56 -7.99 21.91
C ASN B 84 -0.35 -8.63 22.56
N SER B 85 0.69 -7.82 22.77
CA SER B 85 1.94 -8.25 23.39
C SER B 85 2.41 -9.59 22.79
N LEU B 86 2.60 -9.57 21.47
CA LEU B 86 2.93 -10.77 20.72
C LEU B 86 4.32 -11.29 21.10
N ARG B 87 4.47 -12.61 21.05
CA ARG B 87 5.70 -13.29 21.41
C ARG B 87 6.20 -14.11 20.23
N ALA B 88 7.45 -14.55 20.34
CA ALA B 88 8.08 -15.30 19.25
C ALA B 88 7.29 -16.55 18.91
N GLU B 89 6.71 -17.20 19.91
CA GLU B 89 5.94 -18.43 19.69
C GLU B 89 4.56 -18.16 19.11
N ASP B 90 4.15 -16.91 18.94
CA ASP B 90 2.92 -16.59 18.23
C ASP B 90 3.10 -16.60 16.72
N THR B 91 4.31 -16.82 16.23
CA THR B 91 4.57 -16.89 14.80
C THR B 91 3.94 -18.15 14.22
N ALA B 92 3.04 -17.98 13.25
CA ALA B 92 2.32 -19.11 12.66
C ALA B 92 1.49 -18.59 11.49
N VAL B 93 0.83 -19.52 10.80
CA VAL B 93 -0.25 -19.21 9.86
C VAL B 93 -1.55 -19.30 10.62
N TYR B 94 -2.37 -18.24 10.53
CA TYR B 94 -3.61 -18.16 11.28
C TYR B 94 -4.79 -18.39 10.35
N TYR B 95 -5.59 -19.40 10.66
CA TYR B 95 -6.79 -19.74 9.90
C TYR B 95 -8.03 -19.32 10.68
N CYS B 96 -9.05 -18.86 9.94
CA CYS B 96 -10.40 -18.77 10.49
C CYS B 96 -11.20 -19.93 9.93
N ALA B 97 -12.02 -20.54 10.78
CA ALA B 97 -12.81 -21.69 10.39
C ALA B 97 -14.25 -21.48 10.83
N LYS B 98 -15.19 -21.81 9.95
CA LYS B 98 -16.61 -21.77 10.27
C LYS B 98 -16.98 -22.98 11.13
N ALA B 99 -17.79 -22.74 12.15
CA ALA B 99 -18.37 -23.86 12.89
C ALA B 99 -19.29 -24.66 11.98
N TRP B 100 -19.37 -25.96 12.22
CA TRP B 100 -20.22 -26.80 11.40
C TRP B 100 -21.61 -26.91 12.02
N TYR B 101 -22.53 -27.50 11.28
CA TYR B 101 -23.90 -27.70 11.76
C TYR B 101 -24.31 -29.15 11.62
N LYS B 102 -23.42 -30.06 12.02
CA LYS B 102 -23.81 -31.45 12.23
C LYS B 102 -24.51 -31.52 13.58
N ILE B 103 -25.83 -31.66 13.56
CA ILE B 103 -26.64 -31.48 14.76
C ILE B 103 -26.37 -32.64 15.71
N ASP B 104 -25.71 -32.36 16.82
CA ASP B 104 -25.42 -33.35 17.84
C ASP B 104 -25.19 -32.61 19.16
N ASP B 105 -24.51 -33.26 20.10
CA ASP B 105 -24.23 -32.64 21.39
C ASP B 105 -22.95 -31.81 21.36
N LYS B 106 -21.93 -32.26 20.62
CA LYS B 106 -20.65 -31.59 20.52
C LYS B 106 -20.45 -31.09 19.10
N TYR B 107 -19.82 -29.92 18.97
CA TYR B 107 -19.66 -29.27 17.68
C TYR B 107 -18.18 -29.00 17.39
N SER B 108 -17.87 -28.87 16.11
CA SER B 108 -16.52 -28.52 15.68
C SER B 108 -16.56 -27.60 14.47
N MET B 109 -15.55 -27.71 13.61
CA MET B 109 -15.39 -26.81 12.48
C MET B 109 -15.26 -27.62 11.20
N ASP B 110 -15.80 -27.07 10.11
CA ASP B 110 -15.80 -27.78 8.83
C ASP B 110 -14.99 -27.08 7.76
N VAL B 111 -15.24 -25.80 7.48
CA VAL B 111 -14.63 -25.09 6.36
C VAL B 111 -13.63 -24.08 6.89
N TRP B 112 -12.39 -24.18 6.39
CA TRP B 112 -11.30 -23.30 6.77
C TRP B 112 -11.01 -22.31 5.65
N GLY B 113 -10.40 -21.18 6.02
CA GLY B 113 -9.93 -20.21 5.05
C GLY B 113 -8.53 -20.57 4.55
N GLN B 114 -7.97 -19.66 3.75
CA GLN B 114 -6.65 -19.91 3.18
CA GLN B 114 -6.65 -19.87 3.17
C GLN B 114 -5.51 -19.52 4.11
N GLY B 115 -5.78 -18.81 5.20
CA GLY B 115 -4.77 -18.49 6.17
C GLY B 115 -4.05 -17.17 5.88
N THR B 116 -3.41 -16.65 6.91
CA THR B 116 -2.60 -15.45 6.81
C THR B 116 -1.41 -15.59 7.76
N THR B 117 -0.26 -15.11 7.33
CA THR B 117 1.01 -15.42 7.98
C THR B 117 1.41 -14.30 8.94
N VAL B 118 1.72 -14.67 10.18
CA VAL B 118 2.17 -13.74 11.20
C VAL B 118 3.58 -14.14 11.60
N THR B 119 4.52 -13.20 11.49
CA THR B 119 5.92 -13.42 11.82
C THR B 119 6.30 -12.41 12.91
N VAL B 120 6.59 -12.92 14.10
CA VAL B 120 6.94 -12.08 15.24
C VAL B 120 8.46 -12.06 15.35
N SER B 121 9.06 -10.91 15.02
CA SER B 121 10.51 -10.80 14.97
CA SER B 121 10.52 -10.80 15.02
C SER B 121 10.90 -9.33 14.99
N SER B 122 12.11 -9.05 15.47
CA SER B 122 12.64 -7.69 15.53
C SER B 122 13.64 -7.39 14.42
N ALA B 123 13.85 -8.33 13.49
CA ALA B 123 14.78 -8.11 12.40
C ALA B 123 14.28 -7.04 11.44
N SER B 124 15.22 -6.33 10.82
CA SER B 124 14.89 -5.31 9.84
C SER B 124 14.89 -5.90 8.43
N THR B 125 14.07 -5.31 7.57
CA THR B 125 13.99 -5.77 6.18
C THR B 125 15.34 -5.64 5.50
N LYS B 126 15.82 -6.73 4.91
CA LYS B 126 17.14 -6.78 4.30
C LYS B 126 17.11 -7.67 3.07
N GLY B 127 17.63 -7.16 1.96
CA GLY B 127 17.79 -7.94 0.76
C GLY B 127 18.90 -8.97 0.90
N PRO B 128 18.81 -10.06 0.14
CA PRO B 128 19.76 -11.16 0.30
C PRO B 128 21.07 -10.93 -0.43
N SER B 129 22.11 -11.59 0.09
CA SER B 129 23.39 -11.73 -0.60
C SER B 129 23.39 -13.05 -1.36
N VAL B 130 23.79 -13.00 -2.63
CA VAL B 130 23.80 -14.17 -3.50
C VAL B 130 25.24 -14.57 -3.74
N PHE B 131 25.58 -15.82 -3.42
CA PHE B 131 26.92 -16.32 -3.60
C PHE B 131 26.90 -17.58 -4.47
N PRO B 132 27.85 -17.72 -5.39
CA PRO B 132 27.84 -18.88 -6.28
C PRO B 132 28.28 -20.16 -5.59
N LEU B 133 27.67 -21.26 -6.02
CA LEU B 133 28.07 -22.60 -5.60
C LEU B 133 28.69 -23.27 -6.83
N ALA B 134 29.96 -22.97 -7.04
CA ALA B 134 30.61 -23.33 -8.30
C ALA B 134 30.75 -24.84 -8.44
N PRO B 135 30.66 -25.36 -9.66
CA PRO B 135 30.92 -26.79 -9.88
C PRO B 135 32.40 -27.08 -9.90
N SER B 136 32.76 -28.27 -9.42
CA SER B 136 34.15 -28.69 -9.35
C SER B 136 34.18 -30.21 -9.22
N SER B 137 35.39 -30.74 -8.96
CA SER B 137 35.56 -32.18 -8.79
C SER B 137 34.80 -32.73 -7.59
N LYS B 138 34.41 -31.87 -6.65
CA LYS B 138 33.71 -32.28 -5.44
C LYS B 138 32.20 -32.14 -5.56
N SER B 139 31.69 -31.81 -6.75
CA SER B 139 30.25 -31.69 -6.98
C SER B 139 29.82 -32.44 -8.23
N THR B 140 30.67 -33.33 -8.74
CA THR B 140 30.43 -34.02 -10.01
C THR B 140 30.34 -35.52 -9.80
N SER B 141 29.61 -36.17 -10.70
CA SER B 141 29.56 -37.63 -10.78
C SER B 141 29.69 -38.00 -12.25
N GLY B 142 29.45 -39.27 -12.56
CA GLY B 142 29.53 -39.76 -13.92
C GLY B 142 28.65 -39.02 -14.90
N GLY B 143 29.23 -38.06 -15.62
CA GLY B 143 28.50 -37.31 -16.62
C GLY B 143 27.62 -36.20 -16.10
N THR B 144 27.65 -35.91 -14.80
CA THR B 144 26.81 -34.88 -14.21
C THR B 144 27.65 -33.90 -13.40
N ALA B 145 27.12 -32.69 -13.26
CA ALA B 145 27.77 -31.66 -12.46
C ALA B 145 26.70 -30.90 -11.69
N ALA B 146 26.95 -30.68 -10.40
CA ALA B 146 26.03 -29.94 -9.55
C ALA B 146 26.58 -28.53 -9.32
N LEU B 147 25.71 -27.54 -9.45
CA LEU B 147 26.06 -26.16 -9.17
C LEU B 147 24.83 -25.45 -8.63
N GLY B 148 25.04 -24.28 -8.05
CA GLY B 148 23.91 -23.55 -7.51
C GLY B 148 24.29 -22.19 -6.97
N CYS B 149 23.39 -21.63 -6.17
CA CYS B 149 23.60 -20.33 -5.54
CA CYS B 149 23.61 -20.33 -5.54
C CYS B 149 23.17 -20.38 -4.08
N LEU B 150 23.83 -19.57 -3.27
CA LEU B 150 23.55 -19.43 -1.85
C LEU B 150 22.89 -18.08 -1.62
N VAL B 151 21.66 -18.09 -1.13
CA VAL B 151 20.87 -16.89 -0.89
C VAL B 151 20.82 -16.69 0.62
N LYS B 152 21.64 -15.78 1.13
CA LYS B 152 21.93 -15.71 2.56
C LYS B 152 21.61 -14.34 3.12
N ASP B 153 21.09 -14.33 4.35
CA ASP B 153 20.91 -13.11 5.16
C ASP B 153 19.89 -12.16 4.53
N TYR B 154 18.64 -12.62 4.49
CA TYR B 154 17.54 -11.77 4.05
C TYR B 154 16.39 -11.87 5.04
N PHE B 155 15.50 -10.87 4.98
CA PHE B 155 14.33 -10.81 5.84
C PHE B 155 13.35 -9.82 5.25
N PRO B 156 12.04 -10.16 5.19
CA PRO B 156 11.52 -11.46 5.62
C PRO B 156 11.30 -12.42 4.46
N GLU B 157 10.62 -13.53 4.73
CA GLU B 157 10.15 -14.40 3.67
C GLU B 157 9.20 -13.63 2.76
N PRO B 158 9.06 -14.04 1.49
CA PRO B 158 9.78 -15.12 0.82
C PRO B 158 10.84 -14.66 -0.17
N VAL B 159 11.49 -15.62 -0.82
CA VAL B 159 12.44 -15.37 -1.90
C VAL B 159 12.13 -16.35 -3.01
N THR B 160 12.05 -15.86 -4.24
CA THR B 160 11.84 -16.71 -5.41
C THR B 160 13.15 -16.86 -6.17
N VAL B 161 13.43 -18.08 -6.62
CA VAL B 161 14.67 -18.40 -7.31
C VAL B 161 14.33 -19.13 -8.59
N SER B 162 14.93 -18.70 -9.70
CA SER B 162 14.82 -19.39 -10.97
C SER B 162 16.21 -19.46 -11.61
N TRP B 163 16.32 -20.28 -12.65
CA TRP B 163 17.57 -20.47 -13.37
C TRP B 163 17.35 -20.09 -14.83
N ASN B 164 18.16 -19.15 -15.31
CA ASN B 164 18.04 -18.62 -16.67
C ASN B 164 16.61 -18.16 -16.96
N SER B 165 16.05 -17.42 -16.00
CA SER B 165 14.72 -16.81 -16.12
C SER B 165 13.62 -17.85 -16.31
N GLY B 166 13.82 -19.05 -15.76
CA GLY B 166 12.82 -20.08 -15.84
C GLY B 166 12.96 -21.05 -16.99
N ALA B 167 13.92 -20.85 -17.90
CA ALA B 167 14.06 -21.80 -18.99
C ALA B 167 14.72 -23.10 -18.53
N LEU B 168 15.37 -23.10 -17.38
CA LEU B 168 16.05 -24.27 -16.83
C LEU B 168 15.28 -24.74 -15.61
N THR B 169 14.62 -25.90 -15.72
CA THR B 169 13.81 -26.45 -14.65
C THR B 169 14.20 -27.86 -14.25
N SER B 170 14.67 -28.68 -15.19
CA SER B 170 15.02 -30.06 -14.89
C SER B 170 16.26 -30.10 -14.00
N GLY B 171 16.22 -30.96 -12.98
CA GLY B 171 17.32 -31.11 -12.06
C GLY B 171 17.47 -29.98 -11.06
N VAL B 172 16.52 -29.06 -10.97
CA VAL B 172 16.59 -27.93 -10.06
C VAL B 172 15.99 -28.34 -8.72
N HIS B 173 16.69 -28.01 -7.64
CA HIS B 173 16.18 -28.23 -6.28
C HIS B 173 16.38 -26.94 -5.50
N THR B 174 15.28 -26.27 -5.15
CA THR B 174 15.31 -25.07 -4.34
C THR B 174 14.87 -25.42 -2.93
N PHE B 175 15.74 -25.16 -1.95
CA PHE B 175 15.41 -25.69 -0.63
C PHE B 175 14.59 -24.70 0.16
N PRO B 176 13.75 -25.20 1.07
CA PRO B 176 13.05 -24.30 2.01
C PRO B 176 14.05 -23.52 2.84
N ALA B 177 13.70 -22.27 3.13
CA ALA B 177 14.57 -21.41 3.91
C ALA B 177 14.67 -21.90 5.35
N VAL B 178 15.83 -21.65 5.94
CA VAL B 178 16.05 -21.88 7.37
C VAL B 178 16.25 -20.53 8.03
N LEU B 179 15.83 -20.44 9.29
CA LEU B 179 16.01 -19.23 10.07
C LEU B 179 17.29 -19.37 10.89
N GLN B 180 18.19 -18.39 10.75
CA GLN B 180 19.45 -18.38 11.47
C GLN B 180 19.31 -17.65 12.79
N SER B 181 20.28 -17.90 13.68
CA SER B 181 20.26 -17.27 15.00
C SER B 181 20.32 -15.75 14.91
N SER B 182 20.77 -15.21 13.78
CA SER B 182 20.77 -13.76 13.58
C SER B 182 19.36 -13.21 13.38
N GLY B 183 18.38 -14.08 13.14
CA GLY B 183 17.05 -13.62 12.77
C GLY B 183 16.84 -13.41 11.29
N LEU B 184 17.85 -13.71 10.46
CA LEU B 184 17.73 -13.62 9.02
C LEU B 184 17.62 -15.01 8.42
N TYR B 185 16.87 -15.10 7.32
CA TYR B 185 16.67 -16.36 6.62
C TYR B 185 17.82 -16.62 5.64
N SER B 186 17.90 -17.87 5.18
CA SER B 186 18.93 -18.28 4.24
C SER B 186 18.45 -19.53 3.52
N LEU B 187 18.78 -19.64 2.24
CA LEU B 187 18.43 -20.81 1.45
C LEU B 187 19.46 -21.01 0.35
N SER B 188 19.42 -22.18 -0.27
CA SER B 188 20.24 -22.48 -1.43
C SER B 188 19.37 -23.09 -2.52
N SER B 189 19.83 -22.96 -3.77
CA SER B 189 19.17 -23.56 -4.91
C SER B 189 20.24 -24.19 -5.79
N VAL B 190 20.07 -25.47 -6.12
CA VAL B 190 21.06 -26.21 -6.89
C VAL B 190 20.41 -26.78 -8.13
N VAL B 191 21.26 -27.17 -9.08
CA VAL B 191 20.79 -27.77 -10.33
C VAL B 191 21.86 -28.74 -10.83
N THR B 192 21.41 -29.87 -11.38
CA THR B 192 22.28 -30.88 -11.96
C THR B 192 22.27 -30.74 -13.47
N VAL B 193 23.45 -30.58 -14.06
CA VAL B 193 23.58 -30.34 -15.50
C VAL B 193 24.60 -31.32 -16.06
N PRO B 194 24.58 -31.57 -17.37
CA PRO B 194 25.53 -32.51 -17.97
C PRO B 194 26.96 -32.02 -17.85
N SER B 195 27.88 -32.97 -17.67
CA SER B 195 29.30 -32.64 -17.57
C SER B 195 29.85 -32.12 -18.89
N SER B 196 29.42 -32.73 -20.00
CA SER B 196 30.00 -32.42 -21.31
C SER B 196 29.78 -30.97 -21.72
N SER B 197 28.80 -30.29 -21.13
CA SER B 197 28.43 -28.94 -21.53
C SER B 197 28.98 -27.87 -20.60
N LEU B 198 29.86 -28.25 -19.65
CA LEU B 198 30.22 -27.34 -18.57
C LEU B 198 30.92 -26.09 -19.09
N GLY B 199 31.72 -26.23 -20.14
CA GLY B 199 32.47 -25.09 -20.64
C GLY B 199 31.65 -24.09 -21.43
N THR B 200 30.66 -24.57 -22.18
CA THR B 200 29.95 -23.73 -23.12
C THR B 200 28.63 -23.17 -22.59
N GLN B 201 27.95 -23.86 -21.68
CA GLN B 201 26.64 -23.42 -21.21
C GLN B 201 26.77 -22.32 -20.18
N THR B 202 25.86 -21.35 -20.25
CA THR B 202 25.75 -20.28 -19.27
C THR B 202 24.61 -20.59 -18.31
N TYR B 203 24.89 -20.59 -17.02
CA TYR B 203 23.90 -20.86 -15.98
C TYR B 203 23.80 -19.66 -15.07
N ILE B 204 22.63 -19.04 -15.04
CA ILE B 204 22.40 -17.82 -14.27
C ILE B 204 21.25 -18.07 -13.30
N CYS B 205 21.49 -17.75 -12.03
CA CYS B 205 20.47 -17.87 -10.99
CA CYS B 205 20.46 -17.87 -11.01
C CYS B 205 19.80 -16.51 -10.82
N ASN B 206 18.47 -16.51 -10.76
CA ASN B 206 17.69 -15.28 -10.66
C ASN B 206 17.00 -15.25 -9.30
N VAL B 207 17.37 -14.27 -8.48
CA VAL B 207 16.85 -14.14 -7.12
C VAL B 207 15.99 -12.89 -7.06
N ASN B 208 14.78 -13.03 -6.53
CA ASN B 208 13.84 -11.92 -6.41
C ASN B 208 13.31 -11.88 -4.98
N HIS B 209 13.46 -10.72 -4.33
CA HIS B 209 13.03 -10.53 -2.95
C HIS B 209 12.16 -9.28 -2.91
N LYS B 210 10.86 -9.46 -3.13
CA LYS B 210 9.94 -8.33 -3.21
C LYS B 210 9.91 -7.45 -1.96
N PRO B 211 9.92 -7.98 -0.73
CA PRO B 211 9.86 -7.08 0.45
C PRO B 211 10.92 -5.98 0.43
N SER B 212 12.11 -6.26 -0.08
CA SER B 212 13.16 -5.26 -0.19
C SER B 212 13.32 -4.71 -1.60
N ASN B 213 12.52 -5.18 -2.55
CA ASN B 213 12.61 -4.77 -3.96
C ASN B 213 13.99 -5.08 -4.53
N THR B 214 14.45 -6.30 -4.30
CA THR B 214 15.76 -6.75 -4.72
C THR B 214 15.63 -7.76 -5.85
N LYS B 215 16.37 -7.52 -6.93
CA LYS B 215 16.44 -8.45 -8.05
C LYS B 215 17.91 -8.64 -8.42
N VAL B 216 18.40 -9.87 -8.29
CA VAL B 216 19.81 -10.19 -8.50
C VAL B 216 19.91 -11.31 -9.52
N ASP B 217 20.81 -11.15 -10.49
CA ASP B 217 21.19 -12.21 -11.40
C ASP B 217 22.66 -12.52 -11.18
N LYS B 218 22.99 -13.79 -10.96
CA LYS B 218 24.36 -14.21 -10.69
C LYS B 218 24.71 -15.37 -11.63
N LYS B 219 25.70 -15.14 -12.48
CA LYS B 219 26.22 -16.20 -13.33
C LYS B 219 27.15 -17.10 -12.52
N VAL B 220 26.91 -18.40 -12.59
CA VAL B 220 27.67 -19.38 -11.81
C VAL B 220 28.65 -20.07 -12.76
N GLU B 221 29.94 -19.77 -12.60
CA GLU B 221 31.04 -20.29 -13.40
C GLU B 221 31.91 -21.23 -12.59
N PRO B 222 32.55 -22.22 -13.22
CA PRO B 222 33.54 -23.02 -12.51
C PRO B 222 34.75 -22.17 -12.10
N LYS B 223 35.41 -22.61 -11.04
CA LYS B 223 36.55 -21.89 -10.49
C LYS B 223 37.85 -22.32 -11.15
N ASP C 1 -5.72 -30.83 29.83
CA ASP C 1 -6.24 -30.90 28.48
C ASP C 1 -6.22 -32.33 27.96
N ILE C 2 -6.75 -32.52 26.74
CA ILE C 2 -6.76 -33.82 26.09
C ILE C 2 -5.75 -33.76 24.94
N GLN C 3 -4.74 -34.63 25.01
CA GLN C 3 -3.67 -34.66 24.02
C GLN C 3 -3.91 -35.78 23.02
N MET C 4 -3.75 -35.47 21.74
CA MET C 4 -3.86 -36.45 20.66
C MET C 4 -2.47 -36.88 20.19
N THR C 5 -2.36 -38.14 19.80
CA THR C 5 -1.09 -38.68 19.30
C THR C 5 -1.39 -39.62 18.15
N GLN C 6 -0.85 -39.31 16.97
CA GLN C 6 -1.04 -40.12 15.78
C GLN C 6 0.14 -41.07 15.59
N SER C 7 -0.09 -42.11 14.77
CA SER C 7 0.94 -43.09 14.47
C SER C 7 0.62 -43.76 13.14
N PRO C 8 1.59 -43.88 12.23
CA PRO C 8 2.95 -43.35 12.43
C PRO C 8 3.05 -41.88 12.04
N SER C 9 4.26 -41.32 12.10
CA SER C 9 4.45 -39.93 11.69
CA SER C 9 4.44 -39.93 11.69
C SER C 9 4.52 -39.80 10.18
N THR C 10 5.13 -40.77 9.51
CA THR C 10 5.23 -40.79 8.06
C THR C 10 4.93 -42.20 7.58
N LEU C 11 4.06 -42.30 6.58
CA LEU C 11 3.64 -43.58 6.02
C LEU C 11 4.03 -43.63 4.55
N SER C 12 4.53 -44.79 4.12
CA SER C 12 4.93 -45.01 2.73
C SER C 12 3.97 -46.02 2.12
N ALA C 13 3.35 -45.66 1.00
CA ALA C 13 2.40 -46.54 0.33
C ALA C 13 2.38 -46.20 -1.16
N SER C 14 1.79 -47.11 -1.93
CA SER C 14 1.65 -46.96 -3.37
C SER C 14 0.18 -46.82 -3.74
N VAL C 15 -0.06 -46.43 -5.00
CA VAL C 15 -1.42 -46.29 -5.48
C VAL C 15 -2.10 -47.65 -5.48
N GLY C 16 -3.32 -47.69 -4.93
CA GLY C 16 -4.09 -48.92 -4.85
C GLY C 16 -3.94 -49.69 -3.56
N ASP C 17 -3.10 -49.21 -2.64
CA ASP C 17 -2.92 -49.90 -1.37
C ASP C 17 -3.99 -49.48 -0.36
N ARG C 18 -4.06 -50.22 0.73
CA ARG C 18 -4.93 -49.92 1.86
C ARG C 18 -4.04 -49.43 3.00
N VAL C 19 -4.19 -48.17 3.37
CA VAL C 19 -3.36 -47.56 4.41
C VAL C 19 -4.21 -47.37 5.67
N THR C 20 -3.51 -47.24 6.80
CA THR C 20 -4.16 -47.16 8.11
C THR C 20 -3.41 -46.16 8.99
N ILE C 21 -4.14 -45.15 9.48
CA ILE C 21 -3.58 -44.13 10.36
C ILE C 21 -4.30 -44.23 11.70
N THR C 22 -3.53 -44.31 12.78
CA THR C 22 -4.07 -44.51 14.12
C THR C 22 -3.94 -43.23 14.94
N CYS C 23 -5.00 -42.91 15.68
CA CYS C 23 -5.05 -41.75 16.57
C CYS C 23 -5.41 -42.21 17.97
N ARG C 24 -4.69 -41.70 18.97
CA ARG C 24 -4.87 -42.12 20.36
C ARG C 24 -5.09 -40.89 21.24
N ALA C 25 -6.03 -41.01 22.17
CA ALA C 25 -6.44 -39.92 23.04
C ALA C 25 -5.95 -40.16 24.45
N SER C 26 -5.71 -39.05 25.18
CA SER C 26 -5.24 -39.17 26.56
C SER C 26 -6.34 -39.58 27.51
N GLN C 27 -7.58 -39.22 27.21
CA GLN C 27 -8.73 -39.66 27.99
C GLN C 27 -9.84 -40.04 27.02
N SER C 28 -10.89 -40.65 27.56
CA SER C 28 -12.01 -41.09 26.74
C SER C 28 -12.71 -39.89 26.12
N ILE C 29 -12.81 -39.87 24.79
CA ILE C 29 -13.52 -38.83 24.08
C ILE C 29 -14.78 -39.37 23.42
N SER C 30 -15.23 -40.56 23.81
CA SER C 30 -16.42 -41.22 23.25
C SER C 30 -16.21 -41.33 21.74
N SER C 31 -17.03 -40.69 20.91
CA SER C 31 -16.84 -40.71 19.47
C SER C 31 -16.70 -39.30 18.89
N TRP C 32 -16.27 -38.33 19.69
CA TRP C 32 -16.15 -36.95 19.24
C TRP C 32 -14.76 -36.73 18.62
N LEU C 33 -14.57 -37.34 17.46
CA LEU C 33 -13.30 -37.27 16.74
C LEU C 33 -13.55 -36.96 15.28
N ALA C 34 -12.78 -36.02 14.74
CA ALA C 34 -12.84 -35.63 13.34
C ALA C 34 -11.50 -35.89 12.67
N TRP C 35 -11.54 -36.16 11.38
CA TRP C 35 -10.34 -36.34 10.56
C TRP C 35 -10.27 -35.27 9.49
N TYR C 36 -9.09 -34.70 9.31
CA TYR C 36 -8.87 -33.66 8.32
C TYR C 36 -7.71 -34.03 7.41
N GLN C 37 -7.75 -33.54 6.18
CA GLN C 37 -6.68 -33.72 5.20
C GLN C 37 -6.10 -32.37 4.84
N GLN C 38 -4.78 -32.30 4.71
CA GLN C 38 -4.11 -31.06 4.31
C GLN C 38 -3.01 -31.36 3.32
N LYS C 39 -2.95 -30.57 2.24
CA LYS C 39 -1.94 -30.62 1.21
C LYS C 39 -1.05 -29.39 1.30
N PRO C 40 0.23 -29.51 0.96
CA PRO C 40 1.18 -28.41 1.20
C PRO C 40 0.72 -27.10 0.58
N GLY C 41 0.74 -26.04 1.38
CA GLY C 41 0.28 -24.73 0.97
C GLY C 41 -1.22 -24.52 1.03
N LYS C 42 -1.99 -25.55 1.36
CA LYS C 42 -3.45 -25.48 1.31
C LYS C 42 -4.03 -25.66 2.70
N ALA C 43 -5.33 -25.38 2.81
CA ALA C 43 -6.02 -25.45 4.09
C ALA C 43 -6.47 -26.87 4.39
N PRO C 44 -6.76 -27.18 5.66
CA PRO C 44 -7.30 -28.50 6.00
C PRO C 44 -8.69 -28.70 5.41
N LYS C 45 -9.02 -29.97 5.16
CA LYS C 45 -10.30 -30.35 4.57
C LYS C 45 -10.93 -31.45 5.41
N LEU C 46 -12.18 -31.24 5.81
CA LEU C 46 -12.89 -32.19 6.67
C LEU C 46 -13.20 -33.47 5.91
N LEU C 47 -12.79 -34.61 6.47
CA LEU C 47 -13.04 -35.92 5.88
C LEU C 47 -14.06 -36.73 6.66
N ILE C 48 -13.87 -36.87 7.97
CA ILE C 48 -14.71 -37.70 8.82
C ILE C 48 -15.15 -36.87 10.01
N TYR C 49 -16.42 -37.01 10.39
CA TYR C 49 -16.91 -36.43 11.64
C TYR C 49 -17.60 -37.53 12.45
N LYS C 50 -17.61 -37.31 13.77
CA LYS C 50 -18.09 -38.30 14.75
C LYS C 50 -17.53 -39.70 14.43
N ALA C 51 -16.20 -39.76 14.35
CA ALA C 51 -15.44 -41.01 14.29
C ALA C 51 -15.61 -41.76 12.97
N SER C 52 -16.84 -41.91 12.48
CA SER C 52 -17.08 -42.76 11.32
C SER C 52 -17.98 -42.15 10.25
N SER C 53 -18.62 -41.02 10.50
CA SER C 53 -19.50 -40.42 9.49
C SER C 53 -18.66 -39.70 8.43
N LEU C 54 -18.95 -40.01 7.17
CA LEU C 54 -18.20 -39.45 6.04
C LEU C 54 -18.81 -38.11 5.65
N GLU C 55 -17.96 -37.09 5.55
CA GLU C 55 -18.42 -35.78 5.11
C GLU C 55 -18.90 -35.85 3.66
N SER C 56 -19.95 -35.09 3.35
CA SER C 56 -20.51 -35.10 2.02
C SER C 56 -19.47 -34.64 0.99
N GLY C 57 -19.46 -35.30 -0.17
CA GLY C 57 -18.50 -35.00 -1.20
C GLY C 57 -17.13 -35.60 -0.99
N VAL C 58 -16.99 -36.53 -0.05
CA VAL C 58 -15.72 -37.20 0.24
C VAL C 58 -15.79 -38.61 -0.33
N PRO C 59 -14.77 -39.08 -1.04
CA PRO C 59 -14.86 -40.39 -1.68
C PRO C 59 -15.05 -41.52 -0.67
N SER C 60 -15.73 -42.57 -1.13
CA SER C 60 -16.07 -43.70 -0.27
C SER C 60 -14.86 -44.49 0.18
N ARG C 61 -13.70 -44.30 -0.46
CA ARG C 61 -12.51 -45.04 -0.06
C ARG C 61 -12.02 -44.65 1.32
N PHE C 62 -12.49 -43.54 1.87
CA PHE C 62 -12.15 -43.14 3.22
C PHE C 62 -13.16 -43.72 4.21
N SER C 63 -12.66 -44.43 5.21
CA SER C 63 -13.50 -44.98 6.27
C SER C 63 -12.88 -44.65 7.61
N GLY C 64 -13.73 -44.36 8.59
CA GLY C 64 -13.29 -44.06 9.94
C GLY C 64 -13.84 -45.06 10.93
N SER C 65 -13.05 -45.34 11.96
CA SER C 65 -13.44 -46.31 12.97
C SER C 65 -12.73 -45.98 14.28
N GLY C 66 -13.35 -46.36 15.39
CA GLY C 66 -12.77 -46.14 16.70
C GLY C 66 -13.78 -45.69 17.74
N SER C 67 -13.37 -45.73 19.01
CA SER C 67 -14.23 -45.32 20.12
C SER C 67 -13.38 -45.23 21.38
N GLY C 68 -13.78 -44.32 22.27
CA GLY C 68 -13.08 -44.15 23.53
C GLY C 68 -11.77 -43.42 23.40
N THR C 69 -10.66 -44.16 23.32
CA THR C 69 -9.34 -43.57 23.28
C THR C 69 -8.56 -43.87 22.00
N GLU C 70 -8.90 -44.93 21.27
CA GLU C 70 -8.16 -45.33 20.08
C GLU C 70 -9.06 -45.23 18.86
N PHE C 71 -8.54 -44.63 17.79
CA PHE C 71 -9.29 -44.42 16.57
C PHE C 71 -8.39 -44.73 15.38
N THR C 72 -9.02 -44.96 14.23
CA THR C 72 -8.31 -45.38 13.03
CA THR C 72 -8.29 -45.35 13.04
C THR C 72 -8.96 -44.77 11.80
N LEU C 73 -8.13 -44.27 10.88
CA LEU C 73 -8.57 -43.76 9.59
C LEU C 73 -7.97 -44.64 8.51
N THR C 74 -8.84 -45.27 7.71
CA THR C 74 -8.41 -46.19 6.68
C THR C 74 -8.75 -45.65 5.30
N ILE C 75 -7.79 -45.76 4.37
CA ILE C 75 -7.97 -45.36 2.98
C ILE C 75 -7.76 -46.61 2.12
N SER C 76 -8.85 -47.24 1.70
CA SER C 76 -8.76 -48.39 0.82
C SER C 76 -8.55 -47.96 -0.62
N GLY C 77 -7.66 -48.67 -1.32
CA GLY C 77 -7.35 -48.33 -2.70
C GLY C 77 -6.84 -46.92 -2.87
N LEU C 78 -5.63 -46.66 -2.40
CA LEU C 78 -5.07 -45.32 -2.39
C LEU C 78 -4.97 -44.76 -3.80
N GLN C 79 -5.35 -43.49 -3.95
CA GLN C 79 -5.32 -42.77 -5.21
C GLN C 79 -4.29 -41.64 -5.16
N PRO C 80 -3.82 -41.17 -6.31
CA PRO C 80 -2.78 -40.11 -6.30
C PRO C 80 -3.19 -38.86 -5.56
N ASP C 81 -4.47 -38.52 -5.54
CA ASP C 81 -4.94 -37.33 -4.82
C ASP C 81 -4.84 -37.48 -3.31
N ASP C 82 -4.57 -38.68 -2.80
CA ASP C 82 -4.60 -38.93 -1.36
C ASP C 82 -3.24 -38.72 -0.68
N PHE C 83 -2.17 -38.53 -1.44
CA PHE C 83 -0.85 -38.31 -0.86
C PHE C 83 -0.82 -36.92 -0.22
N ALA C 84 -0.99 -36.89 1.10
CA ALA C 84 -1.06 -35.65 1.86
C ALA C 84 -0.85 -35.99 3.33
N THR C 85 -1.07 -35.01 4.19
CA THR C 85 -0.99 -35.20 5.63
C THR C 85 -2.39 -35.24 6.22
N TYR C 86 -2.59 -36.14 7.18
CA TYR C 86 -3.89 -36.35 7.80
C TYR C 86 -3.79 -36.08 9.29
N TYR C 87 -4.71 -35.29 9.80
CA TYR C 87 -4.78 -34.95 11.22
C TYR C 87 -6.06 -35.50 11.83
N CYS C 88 -5.98 -35.90 13.10
CA CYS C 88 -7.17 -36.17 13.88
C CYS C 88 -7.39 -35.02 14.86
N GLN C 89 -8.66 -34.80 15.22
CA GLN C 89 -9.04 -33.73 16.11
C GLN C 89 -10.17 -34.20 17.00
N GLN C 90 -10.00 -34.05 18.32
CA GLN C 90 -11.07 -34.30 19.26
C GLN C 90 -11.85 -33.01 19.48
N TYR C 91 -13.18 -33.13 19.58
CA TYR C 91 -14.02 -31.99 19.90
C TYR C 91 -14.95 -32.30 21.07
N ASN C 92 -14.48 -33.16 21.98
CA ASN C 92 -15.23 -33.42 23.20
C ASN C 92 -15.02 -32.31 24.22
N SER C 93 -13.79 -31.81 24.33
CA SER C 93 -13.47 -30.73 25.26
C SER C 93 -12.55 -29.76 24.52
N TYR C 94 -13.10 -28.60 24.17
CA TYR C 94 -12.40 -27.64 23.31
C TYR C 94 -12.01 -28.39 22.03
N TRP C 95 -10.86 -28.06 21.44
CA TRP C 95 -10.44 -28.69 20.19
C TRP C 95 -8.92 -28.79 20.19
N THR C 96 -8.41 -30.01 20.10
CA THR C 96 -6.97 -30.28 20.05
C THR C 96 -6.69 -31.30 18.95
N PHE C 97 -5.61 -31.06 18.21
CA PHE C 97 -5.26 -31.86 17.04
C PHE C 97 -4.08 -32.76 17.34
N GLY C 98 -3.96 -33.84 16.57
CA GLY C 98 -2.77 -34.67 16.57
C GLY C 98 -1.63 -34.01 15.81
N GLN C 99 -0.47 -34.67 15.85
CA GLN C 99 0.71 -34.07 15.23
C GLN C 99 0.71 -34.23 13.71
N GLY C 100 -0.07 -35.14 13.16
CA GLY C 100 -0.14 -35.27 11.73
C GLY C 100 0.58 -36.52 11.22
N THR C 101 0.07 -37.07 10.13
CA THR C 101 0.65 -38.24 9.50
C THR C 101 0.76 -37.98 8.01
N LYS C 102 1.99 -37.97 7.51
CA LYS C 102 2.26 -37.68 6.10
C LYS C 102 2.31 -38.99 5.32
N VAL C 103 1.43 -39.12 4.34
CA VAL C 103 1.41 -40.27 3.44
C VAL C 103 2.24 -39.92 2.22
N GLU C 104 3.35 -40.63 2.01
CA GLU C 104 4.28 -40.35 0.94
C GLU C 104 4.29 -41.48 -0.08
N ILE C 105 4.86 -41.20 -1.24
CA ILE C 105 4.94 -42.16 -2.34
C ILE C 105 6.10 -43.12 -2.07
N LYS C 106 5.81 -44.41 -2.08
CA LYS C 106 6.82 -45.42 -1.84
C LYS C 106 7.56 -45.76 -3.14
N ARG C 107 8.86 -46.00 -3.02
CA ARG C 107 9.69 -46.35 -4.17
C ARG C 107 10.87 -47.16 -3.68
N THR C 108 11.75 -47.53 -4.62
CA THR C 108 12.93 -48.32 -4.29
C THR C 108 13.94 -47.47 -3.52
N VAL C 109 14.78 -48.17 -2.75
CA VAL C 109 15.83 -47.49 -1.99
C VAL C 109 16.81 -46.85 -2.96
N ALA C 110 17.19 -45.61 -2.67
CA ALA C 110 18.10 -44.83 -3.51
C ALA C 110 19.13 -44.14 -2.63
N ALA C 111 20.40 -44.49 -2.83
CA ALA C 111 21.46 -43.87 -2.05
C ALA C 111 21.68 -42.42 -2.52
N PRO C 112 21.98 -41.51 -1.60
CA PRO C 112 22.21 -40.13 -2.00
C PRO C 112 23.53 -39.94 -2.74
N SER C 113 23.57 -38.93 -3.60
CA SER C 113 24.80 -38.47 -4.23
C SER C 113 25.30 -37.30 -3.40
N VAL C 114 26.43 -37.48 -2.73
CA VAL C 114 26.94 -36.48 -1.80
C VAL C 114 27.91 -35.56 -2.53
N PHE C 115 27.67 -34.26 -2.43
CA PHE C 115 28.52 -33.23 -3.01
C PHE C 115 28.79 -32.18 -1.96
N ILE C 116 29.94 -31.52 -2.06
CA ILE C 116 30.31 -30.47 -1.11
C ILE C 116 30.80 -29.25 -1.88
N PHE C 117 30.44 -28.07 -1.39
CA PHE C 117 30.78 -26.81 -2.03
C PHE C 117 31.54 -25.93 -1.04
N PRO C 118 32.81 -25.62 -1.27
CA PRO C 118 33.52 -24.68 -0.40
C PRO C 118 32.94 -23.28 -0.52
N PRO C 119 33.25 -22.39 0.43
CA PRO C 119 32.75 -21.02 0.32
C PRO C 119 33.42 -20.26 -0.80
N SER C 120 32.65 -19.39 -1.45
CA SER C 120 33.18 -18.61 -2.56
C SER C 120 34.14 -17.53 -2.03
N ASP C 121 34.91 -16.97 -2.96
CA ASP C 121 35.80 -15.88 -2.60
C ASP C 121 35.03 -14.60 -2.28
N GLU C 122 33.86 -14.42 -2.91
CA GLU C 122 33.05 -13.23 -2.66
C GLU C 122 32.54 -13.19 -1.22
N GLN C 123 32.11 -14.34 -0.69
CA GLN C 123 31.60 -14.37 0.68
C GLN C 123 32.73 -14.18 1.70
N LEU C 124 33.90 -14.75 1.42
CA LEU C 124 35.01 -14.63 2.35
C LEU C 124 35.42 -13.17 2.57
N LYS C 125 35.26 -12.32 1.55
CA LYS C 125 35.55 -10.91 1.71
C LYS C 125 34.63 -10.26 2.75
N SER C 126 33.44 -10.82 2.95
CA SER C 126 32.51 -10.33 3.96
C SER C 126 32.81 -10.86 5.36
N GLY C 127 33.92 -11.59 5.53
CA GLY C 127 34.27 -12.10 6.84
C GLY C 127 33.48 -13.30 7.28
N THR C 128 32.90 -14.06 6.35
CA THR C 128 32.05 -15.19 6.67
C THR C 128 32.31 -16.31 5.68
N ALA C 129 32.16 -17.55 6.14
CA ALA C 129 32.39 -18.73 5.31
C ALA C 129 31.27 -19.73 5.53
N SER C 130 30.58 -20.10 4.45
CA SER C 130 29.54 -21.12 4.47
C SER C 130 29.96 -22.29 3.61
N VAL C 131 29.93 -23.49 4.19
CA VAL C 131 30.25 -24.72 3.48
C VAL C 131 28.97 -25.54 3.35
N VAL C 132 28.67 -25.99 2.13
CA VAL C 132 27.40 -26.63 1.82
C VAL C 132 27.64 -28.08 1.44
N CYS C 133 26.97 -28.99 2.14
CA CYS C 133 26.94 -30.41 1.79
C CYS C 133 25.58 -30.71 1.18
N LEU C 134 25.58 -31.41 0.04
CA LEU C 134 24.38 -31.65 -0.74
C LEU C 134 24.13 -33.13 -0.88
N LEU C 135 22.99 -33.60 -0.40
CA LEU C 135 22.53 -34.97 -0.58
C LEU C 135 21.42 -34.93 -1.63
N ASN C 136 21.69 -35.49 -2.81
CA ASN C 136 20.81 -35.34 -3.95
C ASN C 136 20.13 -36.66 -4.30
N ASN C 137 18.79 -36.61 -4.36
CA ASN C 137 17.95 -37.66 -4.95
C ASN C 137 18.12 -39.00 -4.21
N PHE C 138 17.60 -39.05 -2.99
CA PHE C 138 17.69 -40.25 -2.18
C PHE C 138 16.31 -40.60 -1.61
N TYR C 139 16.18 -41.86 -1.21
CA TYR C 139 14.98 -42.40 -0.60
C TYR C 139 15.39 -43.59 0.25
N PRO C 140 14.86 -43.72 1.47
CA PRO C 140 13.87 -42.82 2.09
C PRO C 140 14.49 -41.55 2.67
N ARG C 141 13.67 -40.75 3.35
CA ARG C 141 14.07 -39.42 3.76
C ARG C 141 15.10 -39.44 4.88
N GLU C 142 15.06 -40.45 5.75
CA GLU C 142 15.93 -40.47 6.93
C GLU C 142 17.39 -40.55 6.52
N ALA C 143 18.16 -39.55 6.95
CA ALA C 143 19.58 -39.47 6.64
C ALA C 143 20.29 -38.70 7.74
N LYS C 144 21.52 -39.10 8.06
CA LYS C 144 22.32 -38.47 9.09
C LYS C 144 23.51 -37.78 8.45
N VAL C 145 23.69 -36.49 8.78
CA VAL C 145 24.77 -35.68 8.22
C VAL C 145 25.56 -35.08 9.38
N GLN C 146 26.86 -35.37 9.41
CA GLN C 146 27.76 -34.81 10.40
C GLN C 146 28.88 -34.04 9.72
N TRP C 147 29.38 -33.02 10.39
CA TRP C 147 30.47 -32.19 9.90
C TRP C 147 31.73 -32.47 10.69
N LYS C 148 32.87 -32.53 9.99
CA LYS C 148 34.17 -32.73 10.61
C LYS C 148 35.16 -31.72 10.05
N VAL C 149 35.82 -30.99 10.93
CA VAL C 149 36.83 -30.00 10.57
C VAL C 149 38.14 -30.47 11.17
N ASP C 150 39.11 -30.83 10.32
CA ASP C 150 40.34 -31.49 10.75
C ASP C 150 40.02 -32.73 11.59
N ASN C 151 38.97 -33.45 11.16
CA ASN C 151 38.45 -34.66 11.79
C ASN C 151 37.80 -34.42 13.14
N ALA C 152 37.61 -33.17 13.55
CA ALA C 152 36.90 -32.86 14.78
C ALA C 152 35.42 -32.63 14.49
N LEU C 153 34.57 -33.36 15.20
CA LEU C 153 33.13 -33.27 14.99
C LEU C 153 32.58 -31.92 15.43
N GLN C 154 31.74 -31.33 14.60
CA GLN C 154 31.15 -30.02 14.85
C GLN C 154 29.79 -30.16 15.53
N SER C 155 29.40 -29.10 16.25
CA SER C 155 28.12 -29.09 16.96
C SER C 155 27.62 -27.66 17.08
N GLY C 156 26.33 -27.46 16.78
CA GLY C 156 25.70 -26.17 16.96
C GLY C 156 26.08 -25.12 15.94
N ASN C 157 26.64 -25.52 14.79
CA ASN C 157 27.03 -24.55 13.78
C ASN C 157 26.62 -24.97 12.37
N SER C 158 25.64 -25.85 12.24
CA SER C 158 25.15 -26.26 10.93
C SER C 158 23.62 -26.28 10.96
N GLN C 159 23.03 -26.11 9.79
CA GLN C 159 21.58 -26.17 9.62
C GLN C 159 21.26 -27.01 8.41
N GLU C 160 20.15 -27.72 8.48
CA GLU C 160 19.73 -28.63 7.42
C GLU C 160 18.39 -28.20 6.86
N SER C 161 18.16 -28.56 5.60
CA SER C 161 16.91 -28.28 4.90
C SER C 161 16.67 -29.39 3.89
N VAL C 162 15.42 -29.86 3.80
CA VAL C 162 15.07 -30.98 2.95
C VAL C 162 13.91 -30.58 2.05
N THR C 163 13.94 -31.04 0.80
CA THR C 163 12.85 -30.79 -0.13
C THR C 163 11.70 -31.75 0.12
N GLU C 164 10.54 -31.40 -0.43
CA GLU C 164 9.44 -32.35 -0.48
C GLU C 164 9.72 -33.41 -1.53
N GLN C 165 8.89 -34.44 -1.56
CA GLN C 165 9.09 -35.53 -2.50
C GLN C 165 8.96 -35.02 -3.93
N ASP C 166 9.89 -35.45 -4.79
CA ASP C 166 9.85 -35.03 -6.18
C ASP C 166 8.69 -35.67 -6.90
N SER C 167 8.13 -34.94 -7.86
CA SER C 167 6.96 -35.43 -8.59
C SER C 167 7.30 -36.47 -9.62
N LYS C 168 8.55 -36.52 -10.10
CA LYS C 168 8.91 -37.44 -11.17
C LYS C 168 9.46 -38.76 -10.63
N ASP C 169 10.47 -38.70 -9.74
CA ASP C 169 11.12 -39.91 -9.25
C ASP C 169 10.88 -40.17 -7.76
N SER C 170 10.13 -39.31 -7.08
CA SER C 170 9.72 -39.55 -5.70
C SER C 170 10.91 -39.61 -4.75
N THR C 171 11.96 -38.85 -5.07
CA THR C 171 13.15 -38.79 -4.23
C THR C 171 13.16 -37.51 -3.40
N TYR C 172 14.09 -37.46 -2.45
CA TYR C 172 14.31 -36.31 -1.60
C TYR C 172 15.70 -35.76 -1.85
N SER C 173 15.87 -34.48 -1.52
CA SER C 173 17.18 -33.84 -1.53
C SER C 173 17.35 -33.05 -0.24
N LEU C 174 18.59 -32.99 0.24
CA LEU C 174 18.89 -32.37 1.52
C LEU C 174 20.17 -31.56 1.42
N SER C 175 20.18 -30.40 2.06
CA SER C 175 21.34 -29.53 2.10
C SER C 175 21.71 -29.27 3.55
N SER C 176 22.98 -29.47 3.88
CA SER C 176 23.53 -29.13 5.20
C SER C 176 24.53 -28.01 5.01
N THR C 177 24.33 -26.91 5.73
CA THR C 177 25.18 -25.73 5.59
C THR C 177 25.91 -25.46 6.90
N LEU C 178 27.24 -25.55 6.86
CA LEU C 178 28.10 -25.24 7.99
C LEU C 178 28.56 -23.79 7.89
N THR C 179 28.31 -23.00 8.93
CA THR C 179 28.65 -21.58 8.94
C THR C 179 29.81 -21.33 9.90
N LEU C 180 30.89 -20.73 9.37
CA LEU C 180 32.06 -20.35 10.14
C LEU C 180 32.44 -18.91 9.81
N SER C 181 33.14 -18.27 10.74
CA SER C 181 33.71 -16.96 10.44
C SER C 181 34.93 -17.11 9.55
N LYS C 182 35.34 -16.00 8.92
CA LYS C 182 36.52 -16.04 8.08
C LYS C 182 37.77 -16.35 8.89
N ALA C 183 37.83 -15.87 10.14
CA ALA C 183 38.99 -16.15 10.98
C ALA C 183 39.09 -17.63 11.29
N ASP C 184 37.97 -18.26 11.67
CA ASP C 184 38.01 -19.67 12.01
C ASP C 184 38.22 -20.55 10.78
N TYR C 185 37.74 -20.11 9.62
CA TYR C 185 37.87 -20.92 8.42
C TYR C 185 39.32 -21.03 7.97
N GLU C 186 40.08 -19.95 8.10
CA GLU C 186 41.44 -19.92 7.58
C GLU C 186 42.44 -20.66 8.46
N LYS C 187 42.08 -21.03 9.68
CA LYS C 187 42.98 -21.74 10.56
C LYS C 187 42.73 -23.25 10.56
N HIS C 188 42.01 -23.77 9.56
CA HIS C 188 41.75 -25.19 9.42
C HIS C 188 41.88 -25.57 7.95
N LYS C 189 42.17 -26.85 7.70
CA LYS C 189 42.47 -27.33 6.35
C LYS C 189 41.41 -28.27 5.81
N VAL C 190 41.09 -29.34 6.53
CA VAL C 190 40.22 -30.39 6.02
C VAL C 190 38.80 -30.13 6.50
N TYR C 191 37.88 -29.95 5.54
CA TYR C 191 36.46 -29.80 5.82
C TYR C 191 35.73 -30.95 5.16
N ALA C 192 34.96 -31.70 5.94
CA ALA C 192 34.31 -32.90 5.44
C ALA C 192 32.92 -33.02 6.03
N CYS C 193 32.04 -33.64 5.25
CA CYS C 193 30.67 -33.94 5.65
CA CYS C 193 30.69 -33.94 5.69
C CYS C 193 30.47 -35.45 5.55
N GLU C 194 30.04 -36.06 6.65
CA GLU C 194 29.87 -37.52 6.71
C GLU C 194 28.39 -37.85 6.67
N VAL C 195 28.00 -38.69 5.71
CA VAL C 195 26.60 -38.96 5.41
C VAL C 195 26.31 -40.42 5.72
N THR C 196 25.29 -40.65 6.54
CA THR C 196 24.81 -41.98 6.87
C THR C 196 23.40 -42.14 6.32
N HIS C 197 23.17 -43.24 5.58
CA HIS C 197 21.88 -43.46 4.95
C HIS C 197 21.69 -44.96 4.76
N GLN C 198 20.41 -45.36 4.70
CA GLN C 198 20.08 -46.78 4.56
C GLN C 198 20.62 -47.35 3.25
N GLY C 199 20.63 -46.55 2.19
CA GLY C 199 21.09 -46.97 0.88
C GLY C 199 22.59 -47.06 0.72
N LEU C 200 23.35 -46.68 1.75
CA LEU C 200 24.80 -46.74 1.74
C LEU C 200 25.25 -47.87 2.65
N SER C 201 26.10 -48.76 2.11
CA SER C 201 26.61 -49.86 2.92
C SER C 201 27.48 -49.37 4.07
N SER C 202 28.06 -48.18 3.94
CA SER C 202 28.90 -47.58 4.96
C SER C 202 28.79 -46.07 4.84
N PRO C 203 29.10 -45.33 5.89
CA PRO C 203 29.04 -43.86 5.80
C PRO C 203 29.96 -43.33 4.71
N VAL C 204 29.54 -42.23 4.11
CA VAL C 204 30.24 -41.61 2.99
C VAL C 204 30.81 -40.28 3.47
N THR C 205 32.08 -40.02 3.13
CA THR C 205 32.76 -38.78 3.50
C THR C 205 33.12 -38.02 2.24
N LYS C 206 32.51 -36.86 2.05
CA LYS C 206 32.89 -35.91 1.01
C LYS C 206 33.69 -34.79 1.67
N SER C 207 34.92 -34.58 1.20
CA SER C 207 35.82 -33.63 1.84
C SER C 207 36.58 -32.85 0.79
N PHE C 208 37.12 -31.70 1.21
CA PHE C 208 37.99 -30.89 0.40
C PHE C 208 39.04 -30.25 1.28
N ASN C 209 40.11 -29.79 0.66
CA ASN C 209 41.15 -29.03 1.34
C ASN C 209 40.99 -27.55 1.01
N ARG C 210 41.09 -26.71 2.03
CA ARG C 210 40.96 -25.27 1.83
C ARG C 210 42.08 -24.76 0.93
N GLY C 211 41.71 -24.00 -0.10
CA GLY C 211 42.67 -23.39 -0.99
C GLY C 211 42.93 -24.15 -2.28
N GLU C 212 42.39 -25.35 -2.43
CA GLU C 212 42.60 -26.16 -3.62
C GLU C 212 41.44 -25.99 -4.59
N CYS C 213 41.75 -25.63 -5.83
CA CYS C 213 40.72 -25.44 -6.86
C CYS C 213 39.99 -26.74 -7.17
N ASN D 1 -29.97 32.49 22.31
CA ASN D 1 -28.65 31.87 22.42
C ASN D 1 -28.60 30.50 21.74
N PRO D 2 -28.55 30.50 20.41
CA PRO D 2 -28.54 29.23 19.68
C PRO D 2 -27.17 28.59 19.66
N ASP D 3 -27.16 27.29 19.37
CA ASP D 3 -25.91 26.57 19.18
C ASP D 3 -25.20 27.09 17.94
N PRO D 4 -23.86 27.21 17.97
CA PRO D 4 -23.16 27.75 16.79
C PRO D 4 -23.38 26.96 15.51
N ASN D 5 -23.61 25.65 15.61
CA ASN D 5 -23.75 24.81 14.44
C ASN D 5 -25.19 24.69 13.96
N ALA D 6 -26.15 25.29 14.66
CA ALA D 6 -27.55 25.24 14.26
C ALA D 6 -27.75 26.04 12.99
N ASN D 7 -29.00 26.06 12.50
CA ASN D 7 -29.33 26.69 11.23
C ASN D 7 -29.12 28.20 11.29
N PRO D 8 -28.17 28.74 10.54
CA PRO D 8 -27.97 30.20 10.47
C PRO D 8 -28.80 30.89 9.41
N ASN D 9 -29.74 30.19 8.78
CA ASN D 9 -30.53 30.73 7.69
C ASN D 9 -31.97 30.95 8.12
N GLN E 1 -23.36 29.52 -9.85
CA GLN E 1 -23.93 30.86 -9.86
C GLN E 1 -23.51 31.66 -8.62
N VAL E 2 -23.37 30.97 -7.48
CA VAL E 2 -22.94 31.63 -6.25
C VAL E 2 -21.50 32.08 -6.41
N GLN E 3 -21.25 33.37 -6.19
CA GLN E 3 -19.91 33.94 -6.33
C GLN E 3 -19.63 34.87 -5.16
N LEU E 4 -18.43 34.73 -4.59
CA LEU E 4 -17.96 35.56 -3.48
C LEU E 4 -16.62 36.17 -3.85
N VAL E 5 -16.49 37.47 -3.68
CA VAL E 5 -15.28 38.21 -4.05
C VAL E 5 -14.76 38.91 -2.80
N GLU E 6 -13.68 38.39 -2.23
CA GLU E 6 -13.04 39.02 -1.09
C GLU E 6 -12.30 40.28 -1.53
N SER E 7 -12.18 41.23 -0.60
CA SER E 7 -11.53 42.49 -0.88
C SER E 7 -11.02 43.09 0.43
N GLY E 8 -9.99 43.91 0.33
CA GLY E 8 -9.47 44.65 1.46
C GLY E 8 -8.16 44.14 2.03
N GLY E 9 -7.68 42.99 1.57
CA GLY E 9 -6.40 42.47 2.06
C GLY E 9 -5.26 43.39 1.64
N ASN E 10 -4.31 43.57 2.55
CA ASN E 10 -3.21 44.49 2.34
C ASN E 10 -2.15 44.22 3.41
N VAL E 11 -1.04 44.93 3.31
CA VAL E 11 0.00 44.88 4.33
C VAL E 11 -0.43 45.76 5.50
N VAL E 12 -0.27 45.24 6.72
CA VAL E 12 -0.67 45.95 7.93
C VAL E 12 0.51 45.92 8.91
N GLN E 13 0.84 47.07 9.47
CA GLN E 13 1.85 47.11 10.53
C GLN E 13 1.31 46.41 11.77
N PRO E 14 2.16 45.69 12.51
CA PRO E 14 1.68 45.01 13.72
C PRO E 14 1.05 45.99 14.69
N GLY E 15 -0.06 45.57 15.30
CA GLY E 15 -0.82 46.40 16.20
C GLY E 15 -1.89 47.25 15.53
N ARG E 16 -1.78 47.48 14.22
CA ARG E 16 -2.75 48.27 13.48
C ARG E 16 -3.96 47.42 13.11
N SER E 17 -4.90 48.02 12.39
CA SER E 17 -6.17 47.39 12.08
C SER E 17 -6.41 47.36 10.58
N LEU E 18 -7.35 46.50 10.17
CA LEU E 18 -7.72 46.38 8.77
C LEU E 18 -9.15 45.86 8.69
N ARG E 19 -9.86 46.27 7.64
CA ARG E 19 -11.22 45.84 7.40
C ARG E 19 -11.30 45.09 6.08
N LEU E 20 -11.94 43.93 6.09
CA LEU E 20 -12.06 43.07 4.92
C LEU E 20 -13.51 43.02 4.46
N SER E 21 -13.70 43.03 3.15
CA SER E 21 -15.03 42.97 2.54
C SER E 21 -15.13 41.76 1.63
N CYS E 22 -16.36 41.31 1.42
CA CYS E 22 -16.62 40.17 0.54
C CYS E 22 -18.03 40.33 -0.02
N THR E 23 -18.11 40.76 -1.28
CA THR E 23 -19.39 40.93 -1.94
C THR E 23 -19.91 39.59 -2.44
N ALA E 24 -21.24 39.48 -2.50
CA ALA E 24 -21.91 38.24 -2.89
C ALA E 24 -22.82 38.50 -4.08
N SER E 25 -22.76 37.62 -5.06
CA SER E 25 -23.61 37.72 -6.25
C SER E 25 -24.08 36.32 -6.63
N GLY E 26 -25.02 36.26 -7.58
CA GLY E 26 -25.58 35.01 -8.02
C GLY E 26 -26.64 34.41 -7.11
N PHE E 27 -26.77 34.94 -5.89
CA PHE E 27 -27.80 34.49 -4.96
C PHE E 27 -28.23 35.69 -4.12
N THR E 28 -29.09 35.44 -3.14
CA THR E 28 -29.57 36.49 -2.25
C THR E 28 -28.80 36.41 -0.94
N PHE E 29 -28.17 37.53 -0.57
CA PHE E 29 -27.27 37.54 0.60
C PHE E 29 -28.02 37.16 1.87
N SER E 30 -29.20 37.76 2.08
CA SER E 30 -30.00 37.40 3.23
C SER E 30 -30.50 35.96 3.10
N SER E 31 -31.02 35.43 4.22
CA SER E 31 -31.44 34.04 4.38
C SER E 31 -30.26 33.09 4.35
N TYR E 32 -29.04 33.59 4.45
CA TYR E 32 -27.84 32.75 4.45
C TYR E 32 -26.85 33.32 5.44
N GLY E 33 -26.48 32.50 6.43
CA GLY E 33 -25.36 32.86 7.27
C GLY E 33 -24.04 32.70 6.54
N MET E 34 -23.04 33.46 7.00
CA MET E 34 -21.75 33.51 6.35
C MET E 34 -20.63 33.23 7.35
N HIS E 35 -19.55 32.66 6.84
CA HIS E 35 -18.36 32.35 7.63
C HIS E 35 -17.16 33.13 7.12
N TRP E 36 -16.17 33.28 8.00
CA TRP E 36 -14.82 33.69 7.62
C TRP E 36 -13.86 32.57 7.98
N VAL E 37 -13.02 32.19 7.03
CA VAL E 37 -12.03 31.14 7.23
C VAL E 37 -10.70 31.63 6.65
N ARG E 38 -9.62 31.39 7.37
CA ARG E 38 -8.29 31.82 6.96
C ARG E 38 -7.36 30.62 6.81
N GLN E 39 -6.38 30.75 5.91
CA GLN E 39 -5.45 29.67 5.64
C GLN E 39 -4.04 30.20 5.57
N ALA E 40 -3.12 29.52 6.24
CA ALA E 40 -1.70 29.85 6.23
C ALA E 40 -0.92 28.56 6.46
N PRO E 41 0.32 28.49 6.00
CA PRO E 41 1.11 27.27 6.22
C PRO E 41 1.34 26.93 7.69
N ASP E 42 1.48 27.93 8.56
CA ASP E 42 1.71 27.68 9.98
C ASP E 42 0.43 27.41 10.76
N LYS E 43 -0.74 27.48 10.12
CA LYS E 43 -2.00 27.22 10.81
C LYS E 43 -2.96 26.33 10.04
N GLY E 44 -2.73 26.06 8.75
CA GLY E 44 -3.69 25.31 7.97
C GLY E 44 -4.98 26.10 7.77
N LEU E 45 -6.07 25.37 7.58
CA LEU E 45 -7.40 25.99 7.51
C LEU E 45 -7.93 26.20 8.91
N GLU E 46 -8.24 27.45 9.26
CA GLU E 46 -8.74 27.79 10.59
C GLU E 46 -10.00 28.64 10.44
N TRP E 47 -11.08 28.16 11.04
CA TRP E 47 -12.32 28.94 11.07
C TRP E 47 -12.15 30.17 11.94
N VAL E 48 -12.82 31.25 11.56
CA VAL E 48 -12.61 32.53 12.22
C VAL E 48 -13.91 33.01 12.89
N ALA E 49 -14.99 33.08 12.12
CA ALA E 49 -16.22 33.64 12.64
C ALA E 49 -17.39 33.22 11.77
N ILE E 50 -18.58 33.19 12.39
CA ILE E 50 -19.83 32.92 11.70
C ILE E 50 -20.84 33.98 12.14
N ILE E 51 -21.73 34.35 11.23
CA ILE E 51 -22.77 35.33 11.52
C ILE E 51 -24.08 34.84 10.92
N TRP E 52 -25.17 35.02 11.67
CA TRP E 52 -26.50 34.62 11.23
C TRP E 52 -26.99 35.53 10.09
N TYR E 53 -28.04 35.07 9.42
CA TYR E 53 -28.57 35.81 8.27
C TYR E 53 -28.97 37.23 8.62
N ASP E 54 -29.46 37.47 9.84
CA ASP E 54 -29.95 38.77 10.26
C ASP E 54 -28.88 39.65 10.88
N GLY E 55 -27.65 39.15 11.01
CA GLY E 55 -26.60 39.93 11.64
C GLY E 55 -26.61 39.93 13.14
N GLY E 56 -27.47 39.13 13.77
CA GLY E 56 -27.54 39.10 15.22
C GLY E 56 -26.54 38.16 15.85
N ASN E 57 -26.79 36.85 15.70
CA ASN E 57 -25.93 35.85 16.33
C ASN E 57 -24.58 35.80 15.63
N LYS E 58 -23.52 36.03 16.41
CA LYS E 58 -22.15 35.95 15.92
C LYS E 58 -21.35 35.06 16.86
N PHE E 59 -20.42 34.29 16.28
CA PHE E 59 -19.51 33.47 17.05
C PHE E 59 -18.10 33.62 16.48
N TYR E 60 -17.10 33.49 17.35
CA TYR E 60 -15.72 33.72 16.99
C TYR E 60 -14.83 32.61 17.52
N ALA E 61 -13.71 32.39 16.84
CA ALA E 61 -12.68 31.51 17.36
C ALA E 61 -11.97 32.16 18.53
N ASP E 62 -11.43 31.32 19.41
CA ASP E 62 -10.79 31.83 20.63
C ASP E 62 -9.60 32.71 20.32
N SER E 63 -8.87 32.42 19.24
CA SER E 63 -7.68 33.18 18.89
C SER E 63 -7.99 34.55 18.28
N VAL E 64 -9.25 34.85 18.01
CA VAL E 64 -9.64 36.15 17.46
C VAL E 64 -10.61 36.90 18.36
N LYS E 65 -11.02 36.31 19.49
CA LYS E 65 -11.96 36.97 20.39
C LYS E 65 -11.39 38.28 20.90
N GLY E 66 -12.26 39.28 21.02
CA GLY E 66 -11.87 40.60 21.51
C GLY E 66 -11.13 41.45 20.51
N ARG E 67 -10.83 40.93 19.33
CA ARG E 67 -10.07 41.66 18.32
C ARG E 67 -10.78 41.75 16.99
N PHE E 68 -11.46 40.68 16.56
CA PHE E 68 -12.14 40.63 15.28
C PHE E 68 -13.63 40.81 15.48
N THR E 69 -14.26 41.54 14.56
CA THR E 69 -15.71 41.77 14.60
C THR E 69 -16.28 41.47 13.22
N ILE E 70 -17.25 40.55 13.17
CA ILE E 70 -17.91 40.18 11.93
C ILE E 70 -19.23 40.94 11.84
N SER E 71 -19.59 41.34 10.63
CA SER E 71 -20.82 42.11 10.40
C SER E 71 -21.25 41.93 8.95
N ARG E 72 -22.49 42.34 8.68
CA ARG E 72 -23.09 42.18 7.36
C ARG E 72 -24.02 43.34 7.09
N ASP E 73 -24.13 43.72 5.82
CA ASP E 73 -25.11 44.70 5.35
C ASP E 73 -25.96 44.00 4.29
N ASN E 74 -27.13 43.49 4.70
CA ASN E 74 -27.95 42.71 3.79
C ASN E 74 -28.48 43.53 2.62
N SER E 75 -28.52 44.86 2.75
CA SER E 75 -28.97 45.70 1.64
C SER E 75 -27.89 45.87 0.58
N LYS E 76 -26.62 45.81 0.97
CA LYS E 76 -25.49 45.93 0.04
C LYS E 76 -24.92 44.58 -0.37
N ASP E 77 -25.38 43.47 0.22
CA ASP E 77 -24.90 42.13 -0.10
C ASP E 77 -23.38 42.02 0.12
N THR E 78 -22.88 42.71 1.14
CA THR E 78 -21.46 42.71 1.46
C THR E 78 -21.25 42.20 2.88
N LEU E 79 -20.25 41.34 3.05
CA LEU E 79 -19.85 40.83 4.35
C LEU E 79 -18.55 41.49 4.78
N TYR E 80 -18.48 41.89 6.04
CA TYR E 80 -17.33 42.63 6.57
C TYR E 80 -16.65 41.83 7.66
N LEU E 81 -15.37 42.14 7.88
CA LEU E 81 -14.60 41.55 8.97
C LEU E 81 -13.64 42.63 9.49
N GLN E 82 -13.96 43.20 10.65
CA GLN E 82 -13.11 44.22 11.27
C GLN E 82 -12.06 43.53 12.12
N MET E 83 -10.80 43.67 11.74
CA MET E 83 -9.68 43.02 12.42
C MET E 83 -8.86 44.09 13.14
N ASN E 84 -8.97 44.13 14.47
CA ASN E 84 -8.20 45.05 15.30
C ASN E 84 -6.94 44.38 15.83
N SER E 85 -5.92 45.19 16.09
CA SER E 85 -4.70 44.77 16.79
C SER E 85 -4.11 43.51 16.17
N LEU E 86 -3.79 43.61 14.88
CA LEU E 86 -3.29 42.45 14.15
C LEU E 86 -1.92 42.02 14.67
N ARG E 87 -1.69 40.72 14.65
CA ARG E 87 -0.43 40.10 15.07
C ARG E 87 0.15 39.32 13.91
N ALA E 88 1.44 38.97 14.02
CA ALA E 88 2.10 38.23 12.96
C ALA E 88 1.41 36.91 12.66
N GLU E 89 0.84 36.27 13.69
CA GLU E 89 0.14 35.00 13.53
C GLU E 89 -1.20 35.13 12.82
N ASP E 90 -1.61 36.34 12.46
CA ASP E 90 -2.83 36.57 11.70
C ASP E 90 -2.59 36.60 10.20
N THR E 91 -1.33 36.62 9.77
CA THR E 91 -1.01 36.63 8.35
C THR E 91 -1.51 35.35 7.69
N ALA E 92 -2.44 35.52 6.75
CA ALA E 92 -3.03 34.37 6.06
C ALA E 92 -3.84 34.87 4.89
N VAL E 93 -4.32 33.93 4.08
CA VAL E 93 -5.34 34.20 3.09
C VAL E 93 -6.70 34.03 3.77
N TYR E 94 -7.56 35.04 3.63
CA TYR E 94 -8.85 35.04 4.30
C TYR E 94 -9.95 34.77 3.29
N TYR E 95 -10.67 33.67 3.49
CA TYR E 95 -11.80 33.30 2.65
C TYR E 95 -13.12 33.57 3.37
N CYS E 96 -14.13 33.96 2.60
CA CYS E 96 -15.51 34.01 3.07
CA CYS E 96 -15.49 33.97 3.10
C CYS E 96 -16.24 32.79 2.52
N ALA E 97 -17.12 32.21 3.32
CA ALA E 97 -17.87 31.03 2.94
C ALA E 97 -19.33 31.19 3.30
N LYS E 98 -20.21 30.80 2.38
CA LYS E 98 -21.65 30.79 2.61
C LYS E 98 -22.05 29.46 3.23
N ALA E 99 -22.89 29.52 4.26
CA ALA E 99 -23.41 28.31 4.86
C ALA E 99 -24.38 27.63 3.89
N TRP E 100 -24.40 26.29 3.93
CA TRP E 100 -25.27 25.56 3.02
C TRP E 100 -26.70 25.51 3.56
N TYR E 101 -27.64 25.19 2.68
CA TYR E 101 -29.04 25.05 3.06
C TYR E 101 -29.50 23.60 3.02
N LYS E 102 -28.57 22.66 3.16
CA LYS E 102 -28.92 21.25 3.30
C LYS E 102 -29.53 21.03 4.67
N ILE E 103 -30.82 20.74 4.70
CA ILE E 103 -31.61 20.81 5.94
C ILE E 103 -31.30 19.59 6.81
N ASP E 104 -30.80 19.83 8.00
CA ASP E 104 -30.57 18.81 9.02
C ASP E 104 -30.31 19.53 10.34
N ASP E 105 -29.80 18.79 11.33
CA ASP E 105 -29.59 19.37 12.66
C ASP E 105 -28.47 20.39 12.65
N LYS E 106 -27.30 20.02 12.12
CA LYS E 106 -26.13 20.87 12.14
C LYS E 106 -25.74 21.30 10.74
N TYR E 107 -25.18 22.50 10.63
CA TYR E 107 -24.89 23.11 9.35
C TYR E 107 -23.39 23.40 9.23
N SER E 108 -22.97 23.71 8.02
CA SER E 108 -21.59 24.06 7.73
C SER E 108 -21.55 24.91 6.46
N MET E 109 -20.37 25.06 5.87
CA MET E 109 -20.16 25.87 4.69
C MET E 109 -19.94 24.99 3.46
N ASP E 110 -20.35 25.51 2.30
CA ASP E 110 -20.26 24.74 1.06
C ASP E 110 -19.48 25.45 -0.03
N VAL E 111 -19.79 26.73 -0.27
CA VAL E 111 -19.18 27.50 -1.35
C VAL E 111 -18.30 28.58 -0.76
N TRP E 112 -17.06 28.67 -1.24
CA TRP E 112 -16.07 29.60 -0.76
C TRP E 112 -15.87 30.72 -1.78
N GLY E 113 -15.09 31.73 -1.38
CA GLY E 113 -14.73 32.82 -2.26
C GLY E 113 -13.33 32.66 -2.83
N GLN E 114 -12.82 33.74 -3.40
CA GLN E 114 -11.49 33.70 -4.01
CA GLN E 114 -11.49 33.72 -4.02
C GLN E 114 -10.38 33.84 -2.98
N GLY E 115 -10.63 34.54 -1.88
CA GLY E 115 -9.64 34.73 -0.85
C GLY E 115 -8.84 36.01 -1.03
N THR E 116 -8.53 36.68 0.08
CA THR E 116 -7.72 37.88 0.06
C THR E 116 -6.59 37.72 1.08
N THR E 117 -5.46 38.35 0.81
CA THR E 117 -4.23 38.12 1.56
C THR E 117 -4.00 39.24 2.56
N VAL E 118 -3.77 38.87 3.81
CA VAL E 118 -3.42 39.81 4.88
C VAL E 118 -2.00 39.48 5.33
N THR E 119 -1.12 40.47 5.23
CA THR E 119 0.28 40.33 5.65
C THR E 119 0.56 41.33 6.76
N VAL E 120 0.89 40.83 7.93
CA VAL E 120 1.16 41.66 9.10
C VAL E 120 2.67 41.75 9.27
N SER E 121 3.23 42.92 8.97
CA SER E 121 4.68 43.12 9.04
CA SER E 121 4.67 43.13 9.10
C SER E 121 4.95 44.62 9.12
N SER E 122 6.13 44.96 9.64
CA SER E 122 6.59 46.34 9.73
C SER E 122 7.57 46.70 8.62
N ALA E 123 7.83 45.77 7.70
CA ALA E 123 8.74 46.04 6.61
C ALA E 123 8.18 47.11 5.68
N SER E 124 9.06 47.96 5.16
CA SER E 124 8.68 48.96 4.18
C SER E 124 8.82 48.39 2.77
N THR E 125 8.01 48.92 1.85
CA THR E 125 8.04 48.47 0.47
C THR E 125 9.41 48.72 -0.15
N LYS E 126 9.99 47.68 -0.74
CA LYS E 126 11.29 47.79 -1.37
C LYS E 126 11.36 46.87 -2.58
N GLY E 127 11.81 47.41 -3.71
CA GLY E 127 12.02 46.63 -4.91
C GLY E 127 13.17 45.66 -4.76
N PRO E 128 13.20 44.64 -5.59
CA PRO E 128 14.22 43.59 -5.46
C PRO E 128 15.52 43.93 -6.18
N SER E 129 16.59 43.36 -5.66
CA SER E 129 17.89 43.37 -6.33
C SER E 129 18.07 42.03 -7.02
N VAL E 130 18.46 42.06 -8.29
CA VAL E 130 18.57 40.86 -9.11
C VAL E 130 20.04 40.60 -9.39
N PHE E 131 20.49 39.39 -9.05
CA PHE E 131 21.88 39.00 -9.25
C PHE E 131 21.94 37.76 -10.13
N PRO E 132 22.93 37.67 -11.02
CA PRO E 132 23.01 36.52 -11.92
C PRO E 132 23.52 35.27 -11.23
N LEU E 133 22.95 34.13 -11.61
CA LEU E 133 23.46 32.81 -11.26
C LEU E 133 24.10 32.26 -12.53
N ALA E 134 25.37 32.59 -12.72
CA ALA E 134 26.01 32.35 -14.00
C ALA E 134 26.23 30.85 -14.22
N PRO E 135 26.14 30.38 -15.46
CA PRO E 135 26.46 28.98 -15.74
C PRO E 135 27.96 28.74 -15.80
N SER E 136 28.34 27.53 -15.46
CA SER E 136 29.75 27.12 -15.46
C SER E 136 29.80 25.61 -15.42
N SER E 137 31.02 25.05 -15.34
CA SER E 137 31.18 23.61 -15.24
C SER E 137 30.53 23.04 -13.99
N LYS E 138 30.31 23.86 -12.96
CA LYS E 138 29.64 23.40 -11.76
C LYS E 138 28.11 23.41 -11.89
N SER E 139 27.58 23.82 -13.05
CA SER E 139 26.13 23.83 -13.26
C SER E 139 25.75 23.10 -14.55
N THR E 140 26.63 22.25 -15.07
CA THR E 140 26.39 21.57 -16.33
C THR E 140 26.19 20.07 -16.12
N SER E 141 25.24 19.51 -16.86
CA SER E 141 25.02 18.09 -16.97
C SER E 141 25.02 17.70 -18.45
N GLY E 142 24.73 16.43 -18.73
CA GLY E 142 24.83 15.87 -20.06
C GLY E 142 24.19 16.70 -21.16
N GLY E 143 24.97 17.60 -21.76
CA GLY E 143 24.46 18.45 -22.82
C GLY E 143 23.55 19.57 -22.36
N THR E 144 23.41 19.78 -21.07
CA THR E 144 22.55 20.83 -20.54
C THR E 144 23.35 21.74 -19.61
N ALA E 145 22.89 22.98 -19.50
CA ALA E 145 23.49 23.95 -18.60
C ALA E 145 22.39 24.64 -17.80
N ALA E 146 22.63 24.81 -16.51
CA ALA E 146 21.68 25.46 -15.62
C ALA E 146 22.16 26.88 -15.33
N LEU E 147 21.25 27.84 -15.45
CA LEU E 147 21.51 29.22 -15.08
C LEU E 147 20.24 29.82 -14.49
N GLY E 148 20.37 30.98 -13.87
CA GLY E 148 19.23 31.60 -13.27
C GLY E 148 19.51 32.99 -12.74
N CYS E 149 18.61 33.47 -11.88
CA CYS E 149 18.72 34.79 -11.28
CA CYS E 149 18.75 34.77 -11.25
C CYS E 149 18.28 34.71 -9.82
N LEU E 150 18.94 35.49 -8.98
CA LEU E 150 18.61 35.60 -7.56
C LEU E 150 17.83 36.89 -7.36
N VAL E 151 16.58 36.76 -6.95
CA VAL E 151 15.72 37.90 -6.65
C VAL E 151 15.69 38.05 -5.13
N LYS E 152 16.46 39.01 -4.61
CA LYS E 152 16.73 39.11 -3.19
C LYS E 152 16.26 40.44 -2.62
N ASP E 153 15.75 40.39 -1.38
CA ASP E 153 15.47 41.55 -0.55
C ASP E 153 14.40 42.45 -1.17
N TYR E 154 13.18 41.92 -1.20
CA TYR E 154 12.03 42.68 -1.67
C TYR E 154 10.87 42.50 -0.71
N PHE E 155 9.94 43.46 -0.75
CA PHE E 155 8.74 43.41 0.07
C PHE E 155 7.72 44.36 -0.50
N PRO E 156 6.44 43.96 -0.62
CA PRO E 156 5.95 42.63 -0.27
C PRO E 156 5.86 41.69 -1.47
N GLU E 157 5.24 40.52 -1.26
CA GLU E 157 4.91 39.64 -2.36
C GLU E 157 3.85 40.28 -3.24
N PRO E 158 3.78 39.92 -4.53
CA PRO E 158 4.66 38.99 -5.24
C PRO E 158 5.61 39.66 -6.22
N VAL E 159 6.54 38.87 -6.75
CA VAL E 159 7.34 39.24 -7.91
C VAL E 159 7.08 38.21 -8.99
N THR E 160 7.08 38.65 -10.24
CA THR E 160 6.93 37.77 -11.39
C THR E 160 8.27 37.72 -12.12
N VAL E 161 8.69 36.51 -12.48
CA VAL E 161 9.95 36.30 -13.20
C VAL E 161 9.64 35.61 -14.52
N SER E 162 10.16 36.17 -15.60
CA SER E 162 10.09 35.57 -16.92
C SER E 162 11.48 35.60 -17.55
N TRP E 163 11.63 34.86 -18.65
CA TRP E 163 12.92 34.74 -19.33
C TRP E 163 12.76 35.15 -20.78
N ASN E 164 13.70 35.96 -21.27
CA ASN E 164 13.70 36.47 -22.64
C ASN E 164 12.36 37.13 -22.97
N SER E 165 11.86 37.93 -22.02
CA SER E 165 10.60 38.66 -22.16
C SER E 165 9.44 37.70 -22.40
N GLY E 166 9.48 36.54 -21.75
CA GLY E 166 8.44 35.54 -21.87
C GLY E 166 8.60 34.58 -23.04
N ALA E 167 9.65 34.72 -23.85
CA ALA E 167 9.82 33.83 -24.98
C ALA E 167 10.29 32.45 -24.55
N LEU E 168 11.02 32.36 -23.45
CA LEU E 168 11.56 31.10 -22.94
C LEU E 168 10.79 30.69 -21.70
N THR E 169 10.02 29.61 -21.80
CA THR E 169 9.24 29.09 -20.68
C THR E 169 9.52 27.63 -20.34
N SER E 170 10.02 26.83 -21.27
CA SER E 170 10.27 25.42 -21.02
C SER E 170 11.53 25.24 -20.19
N GLY E 171 11.48 24.28 -19.26
CA GLY E 171 12.61 24.03 -18.40
C GLY E 171 12.87 25.11 -17.37
N VAL E 172 11.88 25.95 -17.08
CA VAL E 172 12.02 27.03 -16.11
C VAL E 172 11.44 26.59 -14.78
N HIS E 173 12.15 26.91 -13.69
CA HIS E 173 11.68 26.65 -12.33
C HIS E 173 11.84 27.93 -11.53
N THR E 174 10.73 28.58 -11.21
CA THR E 174 10.72 29.74 -10.33
C THR E 174 10.26 29.29 -8.95
N PHE E 175 11.15 29.38 -7.97
CA PHE E 175 10.87 28.82 -6.66
C PHE E 175 9.98 29.74 -5.83
N PRO E 176 9.16 29.18 -4.94
CA PRO E 176 8.41 30.01 -4.02
C PRO E 176 9.33 30.86 -3.16
N ALA E 177 8.88 32.07 -2.85
CA ALA E 177 9.69 32.97 -2.05
C ALA E 177 9.83 32.46 -0.62
N VAL E 178 10.96 32.79 0.00
CA VAL E 178 11.20 32.51 1.41
C VAL E 178 11.36 33.84 2.14
N LEU E 179 10.94 33.87 3.40
CA LEU E 179 10.99 35.08 4.20
C LEU E 179 12.27 35.08 5.03
N GLN E 180 13.11 36.09 4.82
CA GLN E 180 14.37 36.21 5.52
C GLN E 180 14.18 36.84 6.90
N SER E 181 15.23 36.70 7.73
CA SER E 181 15.21 37.28 9.06
C SER E 181 15.07 38.79 9.04
N SER E 182 15.48 39.44 7.95
CA SER E 182 15.35 40.89 7.83
C SER E 182 13.92 41.34 7.60
N GLY E 183 12.98 40.40 7.42
CA GLY E 183 11.63 40.74 7.06
C GLY E 183 11.40 40.90 5.57
N LEU E 184 12.41 40.70 4.75
CA LEU E 184 12.30 40.82 3.30
C LEU E 184 12.24 39.44 2.67
N TYR E 185 11.61 39.37 1.51
CA TYR E 185 11.48 38.12 0.77
C TYR E 185 12.65 37.93 -0.19
N SER E 186 12.83 36.69 -0.63
CA SER E 186 13.87 36.36 -1.58
C SER E 186 13.50 35.06 -2.29
N LEU E 187 13.84 34.98 -3.57
CA LEU E 187 13.62 33.77 -4.34
C LEU E 187 14.63 33.74 -5.49
N SER E 188 14.67 32.60 -6.17
CA SER E 188 15.48 32.44 -7.37
C SER E 188 14.66 31.76 -8.46
N SER E 189 15.11 31.95 -9.69
CA SER E 189 14.47 31.37 -10.87
C SER E 189 15.56 30.82 -11.77
N VAL E 190 15.49 29.53 -12.07
CA VAL E 190 16.52 28.85 -12.84
C VAL E 190 15.90 28.30 -14.11
N VAL E 191 16.76 27.95 -15.07
CA VAL E 191 16.30 27.41 -16.33
C VAL E 191 17.43 26.58 -16.92
N THR E 192 17.07 25.44 -17.52
CA THR E 192 18.01 24.55 -18.16
C THR E 192 18.07 24.84 -19.66
N VAL E 193 19.27 25.04 -20.18
CA VAL E 193 19.46 25.41 -21.57
C VAL E 193 20.52 24.47 -22.18
N PRO E 194 20.53 24.33 -23.50
CA PRO E 194 21.55 23.48 -24.13
C PRO E 194 22.96 24.03 -23.93
N SER E 195 23.90 23.10 -23.73
CA SER E 195 25.29 23.49 -23.46
C SER E 195 25.93 24.17 -24.65
N SER E 196 25.63 23.72 -25.87
CA SER E 196 26.35 24.16 -27.07
C SER E 196 26.00 25.58 -27.50
N SER E 197 25.08 26.26 -26.82
CA SER E 197 24.66 27.60 -27.21
C SER E 197 25.02 28.66 -26.18
N LEU E 198 25.92 28.34 -25.23
CA LEU E 198 26.19 29.27 -24.14
C LEU E 198 26.95 30.50 -24.62
N GLY E 199 27.88 30.33 -25.56
CA GLY E 199 28.64 31.44 -26.05
C GLY E 199 28.01 32.21 -27.19
N THR E 200 26.82 31.82 -27.64
CA THR E 200 26.19 32.44 -28.80
C THR E 200 24.78 32.96 -28.56
N GLN E 201 24.06 32.46 -27.55
CA GLN E 201 22.69 32.88 -27.29
C GLN E 201 22.61 33.61 -25.97
N THR E 202 21.78 34.65 -25.93
CA THR E 202 21.64 35.50 -24.76
C THR E 202 20.43 35.08 -23.93
N TYR E 203 20.60 35.06 -22.62
CA TYR E 203 19.54 34.72 -21.68
C TYR E 203 19.38 35.87 -20.70
N ILE E 204 18.16 36.40 -20.61
CA ILE E 204 17.86 37.57 -19.78
C ILE E 204 16.64 37.26 -18.94
N CYS E 205 16.76 37.44 -17.62
CA CYS E 205 15.64 37.26 -16.71
C CYS E 205 14.94 38.59 -16.49
N ASN E 206 13.61 38.57 -16.56
CA ASN E 206 12.79 39.77 -16.42
C ASN E 206 12.01 39.66 -15.11
N VAL E 207 12.24 40.62 -14.21
CA VAL E 207 11.66 40.60 -12.87
C VAL E 207 10.80 41.84 -12.71
N ASN E 208 9.52 41.63 -12.43
CA ASN E 208 8.57 42.72 -12.19
C ASN E 208 8.11 42.66 -10.74
N HIS E 209 8.13 43.81 -10.07
CA HIS E 209 7.65 43.95 -8.69
C HIS E 209 6.70 45.15 -8.68
N LYS E 210 5.41 44.87 -8.86
CA LYS E 210 4.44 45.95 -9.01
C LYS E 210 4.28 46.82 -7.76
N PRO E 211 4.36 46.31 -6.52
CA PRO E 211 4.25 47.21 -5.36
C PRO E 211 5.27 48.34 -5.32
N SER E 212 6.39 48.21 -6.02
CA SER E 212 7.40 49.27 -6.06
C SER E 212 7.60 49.84 -7.45
N ASN E 213 6.76 49.46 -8.41
CA ASN E 213 6.88 49.89 -9.80
C ASN E 213 8.27 49.56 -10.34
N THR E 214 8.75 48.37 -10.01
CA THR E 214 10.10 47.92 -10.37
C THR E 214 10.00 46.86 -11.47
N LYS E 215 10.69 47.12 -12.58
CA LYS E 215 10.87 46.13 -13.64
C LYS E 215 12.34 46.10 -14.02
N VAL E 216 12.99 44.96 -13.81
CA VAL E 216 14.42 44.82 -13.98
C VAL E 216 14.70 43.74 -15.02
N ASP E 217 15.67 44.00 -15.89
CA ASP E 217 16.17 43.01 -16.83
C ASP E 217 17.65 42.77 -16.53
N LYS E 218 18.04 41.50 -16.46
CA LYS E 218 19.41 41.14 -16.12
C LYS E 218 19.89 40.04 -17.06
N LYS E 219 21.02 40.28 -17.72
CA LYS E 219 21.60 39.31 -18.64
C LYS E 219 22.49 38.34 -17.88
N VAL E 220 22.24 37.05 -18.07
CA VAL E 220 22.99 35.99 -17.40
C VAL E 220 24.00 35.44 -18.42
N GLU E 221 25.26 35.82 -18.24
CA GLU E 221 26.32 35.40 -19.14
C GLU E 221 27.30 34.49 -18.43
N PRO E 222 27.91 33.55 -19.15
CA PRO E 222 28.87 32.63 -18.50
C PRO E 222 30.10 33.37 -18.00
N LYS E 223 30.55 32.99 -16.82
CA LYS E 223 31.73 33.60 -16.22
C LYS E 223 33.01 33.02 -16.83
N ASP F 1 -10.93 21.72 22.49
CA ASP F 1 -11.28 21.82 21.08
C ASP F 1 -11.15 20.47 20.38
N ILE F 2 -12.00 20.25 19.39
CA ILE F 2 -11.95 19.02 18.60
C ILE F 2 -10.83 19.14 17.57
N GLN F 3 -10.15 18.03 17.30
CA GLN F 3 -8.99 18.01 16.42
C GLN F 3 -9.19 16.98 15.34
N MET F 4 -8.91 17.36 14.10
CA MET F 4 -8.98 16.46 12.95
C MET F 4 -7.57 16.06 12.53
N THR F 5 -7.35 14.76 12.35
CA THR F 5 -6.07 14.24 11.90
C THR F 5 -6.29 13.36 10.68
N GLN F 6 -5.53 13.61 9.62
CA GLN F 6 -5.65 12.86 8.38
C GLN F 6 -4.43 11.97 8.19
N SER F 7 -4.64 10.84 7.50
CA SER F 7 -3.57 9.89 7.23
C SER F 7 -3.77 9.34 5.82
N PRO F 8 -2.74 9.40 4.96
CA PRO F 8 -1.45 10.00 5.27
C PRO F 8 -1.40 11.49 4.95
N SER F 9 -0.22 12.11 5.08
CA SER F 9 -0.09 13.52 4.74
CA SER F 9 -0.09 13.52 4.74
C SER F 9 0.19 13.72 3.26
N THR F 10 0.87 12.78 2.63
CA THR F 10 1.15 12.82 1.19
C THR F 10 0.90 11.44 0.62
N LEU F 11 0.21 11.39 -0.51
CA LEU F 11 -0.18 10.13 -1.13
C LEU F 11 0.20 10.15 -2.60
N SER F 12 0.89 9.11 -3.04
CA SER F 12 1.29 8.97 -4.43
C SER F 12 0.45 7.88 -5.10
N ALA F 13 -0.04 8.17 -6.29
CA ALA F 13 -0.88 7.22 -7.02
C ALA F 13 -0.78 7.53 -8.51
N SER F 14 -1.47 6.73 -9.32
CA SER F 14 -1.51 6.88 -10.76
C SER F 14 -2.96 6.87 -11.24
N VAL F 15 -3.14 7.20 -12.52
CA VAL F 15 -4.48 7.27 -13.10
C VAL F 15 -5.12 5.89 -13.08
N GLY F 16 -6.35 5.81 -12.60
CA GLY F 16 -7.08 4.56 -12.54
C GLY F 16 -6.91 3.77 -11.25
N ASP F 17 -6.16 4.28 -10.28
CA ASP F 17 -5.92 3.58 -9.03
C ASP F 17 -7.01 3.91 -8.02
N ARG F 18 -6.98 3.19 -6.90
CA ARG F 18 -7.94 3.36 -5.82
C ARG F 18 -7.22 3.98 -4.62
N VAL F 19 -7.56 5.23 -4.31
CA VAL F 19 -6.95 5.95 -3.19
C VAL F 19 -7.91 5.96 -2.02
N THR F 20 -7.36 6.02 -0.82
CA THR F 20 -8.17 6.03 0.40
C THR F 20 -7.48 6.88 1.45
N ILE F 21 -8.15 7.96 1.86
CA ILE F 21 -7.66 8.87 2.88
C ILE F 21 -8.51 8.70 4.13
N THR F 22 -7.86 8.57 5.28
CA THR F 22 -8.54 8.35 6.55
C THR F 22 -8.49 9.62 7.38
N CYS F 23 -9.66 10.07 7.84
CA CYS F 23 -9.78 11.22 8.73
C CYS F 23 -10.04 10.74 10.14
N ARG F 24 -9.36 11.35 11.10
CA ARG F 24 -9.48 10.99 12.51
C ARG F 24 -10.09 12.15 13.28
N ALA F 25 -11.05 11.84 14.15
CA ALA F 25 -11.70 12.84 14.99
C ALA F 25 -11.33 12.58 16.44
N SER F 26 -10.89 13.64 17.13
CA SER F 26 -10.51 13.51 18.53
C SER F 26 -11.72 13.15 19.40
N GLN F 27 -12.87 13.72 19.10
CA GLN F 27 -14.11 13.42 19.80
C GLN F 27 -15.16 12.95 18.80
N SER F 28 -16.16 12.24 19.31
CA SER F 28 -17.22 11.71 18.46
C SER F 28 -18.01 12.85 17.82
N ILE F 29 -18.23 12.75 16.50
CA ILE F 29 -18.90 13.81 15.77
C ILE F 29 -19.99 13.24 14.87
N SER F 30 -20.36 11.98 15.09
CA SER F 30 -21.47 11.33 14.37
C SER F 30 -21.14 11.33 12.88
N SER F 31 -22.03 11.83 12.01
CA SER F 31 -21.79 11.87 10.58
C SER F 31 -21.66 13.30 10.05
N TRP F 32 -21.44 14.27 10.94
CA TRP F 32 -21.28 15.66 10.54
C TRP F 32 -19.84 15.91 10.04
N LEU F 33 -19.50 15.20 8.97
CA LEU F 33 -18.18 15.25 8.38
C LEU F 33 -18.30 15.69 6.92
N ALA F 34 -17.45 16.62 6.51
CA ALA F 34 -17.43 17.13 5.15
C ALA F 34 -16.03 16.98 4.57
N TRP F 35 -15.95 16.63 3.29
CA TRP F 35 -14.69 16.53 2.57
C TRP F 35 -14.60 17.67 1.56
N TYR F 36 -13.42 18.28 1.48
CA TYR F 36 -13.19 19.39 0.57
C TYR F 36 -11.94 19.11 -0.27
N GLN F 37 -11.90 19.72 -1.45
CA GLN F 37 -10.77 19.61 -2.36
C GLN F 37 -10.22 20.99 -2.64
N GLN F 38 -8.91 21.14 -2.55
CA GLN F 38 -8.25 22.41 -2.83
C GLN F 38 -7.06 22.17 -3.74
N LYS F 39 -7.00 22.92 -4.80
CA LYS F 39 -5.86 22.95 -5.68
C LYS F 39 -5.03 24.20 -5.42
N PRO F 40 -3.72 24.16 -5.69
CA PRO F 40 -2.87 25.29 -5.33
C PRO F 40 -3.32 26.59 -6.01
N GLY F 41 -3.46 27.64 -5.20
CA GLY F 41 -3.94 28.91 -5.67
C GLY F 41 -5.45 29.05 -5.75
N LYS F 42 -6.19 27.98 -5.48
CA LYS F 42 -7.64 27.97 -5.59
C LYS F 42 -8.29 27.92 -4.21
N ALA F 43 -9.61 27.79 -4.19
CA ALA F 43 -10.39 27.73 -2.97
C ALA F 43 -10.91 26.32 -2.73
N PRO F 44 -11.20 25.97 -1.48
CA PRO F 44 -11.79 24.66 -1.21
C PRO F 44 -13.16 24.52 -1.86
N LYS F 45 -13.44 23.34 -2.39
CA LYS F 45 -14.70 23.01 -3.05
C LYS F 45 -15.35 21.85 -2.31
N LEU F 46 -16.64 21.98 -1.99
CA LEU F 46 -17.33 20.95 -1.23
C LEU F 46 -17.53 19.72 -2.12
N LEU F 47 -16.87 18.62 -1.75
CA LEU F 47 -17.03 17.34 -2.44
C LEU F 47 -18.17 16.53 -1.84
N ILE F 48 -18.10 16.25 -0.54
CA ILE F 48 -19.05 15.37 0.13
C ILE F 48 -19.46 16.03 1.44
N TYR F 49 -20.77 16.09 1.67
CA TYR F 49 -21.33 16.51 2.95
C TYR F 49 -22.04 15.32 3.58
N LYS F 50 -22.30 15.43 4.89
CA LYS F 50 -23.01 14.39 5.63
C LYS F 50 -22.30 13.04 5.50
N ALA F 51 -20.98 13.06 5.60
CA ALA F 51 -20.13 11.88 5.57
C ALA F 51 -20.16 11.14 4.23
N SER F 52 -21.34 10.79 3.73
CA SER F 52 -21.45 9.93 2.56
C SER F 52 -22.30 10.52 1.43
N SER F 53 -22.74 11.77 1.55
CA SER F 53 -23.60 12.37 0.55
C SER F 53 -22.78 13.26 -0.39
N LEU F 54 -22.96 13.06 -1.69
CA LEU F 54 -22.27 13.85 -2.70
C LEU F 54 -23.11 15.06 -3.10
N GLU F 55 -22.46 16.22 -3.21
CA GLU F 55 -23.17 17.40 -3.66
C GLU F 55 -23.38 17.34 -5.17
N SER F 56 -24.19 18.27 -5.68
CA SER F 56 -24.48 18.31 -7.11
C SER F 56 -23.23 18.74 -7.89
N GLY F 57 -23.07 18.14 -9.07
CA GLY F 57 -21.97 18.49 -9.95
C GLY F 57 -20.68 17.72 -9.74
N VAL F 58 -20.56 16.99 -8.63
CA VAL F 58 -19.33 16.23 -8.36
C VAL F 58 -19.43 14.89 -9.08
N PRO F 59 -18.30 14.30 -9.50
CA PRO F 59 -18.37 13.02 -10.20
C PRO F 59 -18.85 11.90 -9.29
N SER F 60 -19.49 10.90 -9.90
CA SER F 60 -19.99 9.75 -9.16
C SER F 60 -18.87 8.86 -8.62
N ARG F 61 -17.64 9.05 -9.08
CA ARG F 61 -16.52 8.24 -8.61
C ARG F 61 -16.14 8.56 -7.17
N PHE F 62 -16.53 9.72 -6.66
CA PHE F 62 -16.26 10.09 -5.28
C PHE F 62 -17.24 9.41 -4.34
N SER F 63 -16.74 8.98 -3.18
CA SER F 63 -17.58 8.33 -2.19
C SER F 63 -16.92 8.45 -0.83
N GLY F 64 -17.74 8.63 0.21
CA GLY F 64 -17.25 8.72 1.57
C GLY F 64 -17.99 7.77 2.46
N SER F 65 -17.37 7.46 3.60
CA SER F 65 -17.97 6.56 4.58
C SER F 65 -17.26 6.76 5.92
N GLY F 66 -17.94 6.35 6.99
CA GLY F 66 -17.41 6.47 8.33
C GLY F 66 -18.36 7.19 9.27
N SER F 67 -18.26 6.86 10.56
CA SER F 67 -19.08 7.47 11.59
C SER F 67 -18.35 7.42 12.93
N GLY F 68 -18.66 8.37 13.80
CA GLY F 68 -18.04 8.43 15.11
C GLY F 68 -16.76 9.24 15.13
N THR F 69 -15.62 8.57 15.01
CA THR F 69 -14.31 9.21 15.05
C THR F 69 -13.48 8.97 13.78
N GLU F 70 -13.49 7.76 13.24
CA GLU F 70 -12.72 7.44 12.05
C GLU F 70 -13.58 7.57 10.81
N PHE F 71 -13.08 8.30 9.82
CA PHE F 71 -13.77 8.49 8.54
C PHE F 71 -12.81 8.18 7.41
N THR F 72 -13.37 7.77 6.27
CA THR F 72 -12.58 7.42 5.10
C THR F 72 -13.18 8.10 3.87
N LEU F 73 -12.31 8.55 2.98
CA LEU F 73 -12.69 9.08 1.69
C LEU F 73 -12.03 8.23 0.61
N THR F 74 -12.84 7.75 -0.33
CA THR F 74 -12.36 6.84 -1.37
C THR F 74 -12.71 7.40 -2.74
N ILE F 75 -11.70 7.58 -3.58
CA ILE F 75 -11.87 7.98 -4.96
C ILE F 75 -11.48 6.79 -5.83
N SER F 76 -12.42 6.35 -6.67
CA SER F 76 -12.20 5.22 -7.57
C SER F 76 -11.98 5.74 -8.98
N GLY F 77 -11.08 5.09 -9.71
CA GLY F 77 -10.73 5.54 -11.05
C GLY F 77 -10.14 6.93 -11.03
N LEU F 78 -8.95 7.07 -10.44
CA LEU F 78 -8.34 8.37 -10.27
C LEU F 78 -8.13 9.06 -11.61
N GLN F 79 -8.65 10.27 -11.74
CA GLN F 79 -8.59 11.06 -12.95
C GLN F 79 -7.56 12.16 -12.83
N PRO F 80 -7.06 12.68 -13.96
CA PRO F 80 -6.07 13.77 -13.89
C PRO F 80 -6.58 15.00 -13.17
N ASP F 81 -7.89 15.22 -13.15
CA ASP F 81 -8.48 16.35 -12.43
C ASP F 81 -8.77 16.01 -10.98
N ASP F 82 -8.14 14.97 -10.43
CA ASP F 82 -8.31 14.59 -9.04
C ASP F 82 -7.04 14.71 -8.22
N PHE F 83 -5.92 15.08 -8.83
CA PHE F 83 -4.66 15.25 -8.10
C PHE F 83 -4.69 16.61 -7.40
N ALA F 84 -4.97 16.60 -6.11
CA ALA F 84 -5.08 17.83 -5.34
C ALA F 84 -4.89 17.50 -3.87
N THR F 85 -5.26 18.43 -3.00
CA THR F 85 -5.21 18.24 -1.56
C THR F 85 -6.63 18.14 -1.03
N TYR F 86 -6.82 17.24 -0.06
CA TYR F 86 -8.14 16.92 0.47
C TYR F 86 -8.16 17.14 1.97
N TYR F 87 -9.08 17.99 2.42
CA TYR F 87 -9.26 18.28 3.84
C TYR F 87 -10.58 17.68 4.33
N CYS F 88 -10.57 17.22 5.58
CA CYS F 88 -11.80 16.81 6.25
C CYS F 88 -12.13 17.82 7.34
N GLN F 89 -13.42 18.07 7.52
CA GLN F 89 -13.89 19.09 8.45
C GLN F 89 -15.07 18.56 9.21
N GLN F 90 -15.03 18.70 10.53
CA GLN F 90 -16.18 18.40 11.37
C GLN F 90 -17.01 19.65 11.54
N TYR F 91 -18.33 19.47 11.58
CA TYR F 91 -19.24 20.56 11.92
C TYR F 91 -20.21 20.12 13.01
N ASN F 92 -19.72 19.32 13.96
CA ASN F 92 -20.50 18.96 15.13
C ASN F 92 -20.41 20.02 16.21
N SER F 93 -19.18 20.45 16.54
CA SER F 93 -18.95 21.53 17.50
C SER F 93 -17.99 22.52 16.84
N TYR F 94 -18.51 23.67 16.42
CA TYR F 94 -17.75 24.65 15.64
C TYR F 94 -17.29 23.97 14.36
N TRP F 95 -16.15 24.40 13.82
CA TRP F 95 -15.64 23.88 12.55
C TRP F 95 -14.12 23.80 12.63
N THR F 96 -13.58 22.58 12.64
CA THR F 96 -12.13 22.36 12.63
C THR F 96 -11.76 21.49 11.44
N PHE F 97 -10.62 21.81 10.83
CA PHE F 97 -10.14 21.11 9.65
C PHE F 97 -8.92 20.26 9.99
N GLY F 98 -8.71 19.22 9.16
CA GLY F 98 -7.48 18.46 9.25
C GLY F 98 -6.34 19.15 8.54
N GLN F 99 -5.13 18.60 8.73
CA GLN F 99 -3.96 19.22 8.11
C GLN F 99 -3.94 19.04 6.59
N GLY F 100 -4.69 18.08 6.06
CA GLY F 100 -4.79 17.89 4.64
C GLY F 100 -3.95 16.71 4.17
N THR F 101 -4.36 16.15 3.03
CA THR F 101 -3.65 15.05 2.38
C THR F 101 -3.45 15.40 0.91
N LYS F 102 -2.19 15.41 0.47
CA LYS F 102 -1.85 15.77 -0.90
C LYS F 102 -1.70 14.50 -1.73
N VAL F 103 -2.42 14.44 -2.84
CA VAL F 103 -2.34 13.33 -3.78
C VAL F 103 -1.40 13.77 -4.90
N GLU F 104 -0.22 13.16 -4.96
CA GLU F 104 0.79 13.47 -5.96
C GLU F 104 0.85 12.37 -7.01
N ILE F 105 1.39 12.72 -8.18
CA ILE F 105 1.50 11.80 -9.29
C ILE F 105 2.69 10.87 -9.05
N LYS F 106 2.42 9.56 -9.04
CA LYS F 106 3.50 8.59 -8.87
C LYS F 106 4.25 8.41 -10.20
N ARG F 107 5.56 8.24 -10.09
CA ARG F 107 6.42 8.02 -11.25
C ARG F 107 7.66 7.28 -10.79
N THR F 108 8.60 7.10 -11.72
CA THR F 108 9.84 6.40 -11.42
C THR F 108 10.75 7.27 -10.56
N VAL F 109 11.53 6.61 -9.70
CA VAL F 109 12.52 7.32 -8.89
C VAL F 109 13.55 7.97 -9.81
N ALA F 110 13.81 9.25 -9.58
CA ALA F 110 14.75 10.02 -10.39
C ALA F 110 15.71 10.77 -9.48
N ALA F 111 17.01 10.57 -9.72
CA ALA F 111 18.02 11.24 -8.91
C ALA F 111 18.10 12.72 -9.25
N PRO F 112 18.40 13.57 -8.28
CA PRO F 112 18.53 15.00 -8.56
C PRO F 112 19.86 15.33 -9.24
N SER F 113 19.82 16.37 -10.05
CA SER F 113 21.02 16.93 -10.67
C SER F 113 21.48 18.09 -9.82
N VAL F 114 22.60 17.91 -9.11
CA VAL F 114 23.09 18.89 -8.14
C VAL F 114 24.01 19.88 -8.84
N PHE F 115 23.68 21.16 -8.74
CA PHE F 115 24.51 22.24 -9.25
C PHE F 115 24.79 23.23 -8.14
N ILE F 116 25.85 24.00 -8.28
CA ILE F 116 26.21 25.01 -7.29
C ILE F 116 26.60 26.29 -8.01
N PHE F 117 26.27 27.42 -7.39
CA PHE F 117 26.50 28.75 -7.97
C PHE F 117 27.20 29.64 -6.96
N PRO F 118 28.45 29.99 -7.17
CA PRO F 118 29.11 30.97 -6.29
C PRO F 118 28.43 32.32 -6.40
N PRO F 119 28.58 33.18 -5.39
CA PRO F 119 27.96 34.50 -5.46
C PRO F 119 28.58 35.36 -6.55
N SER F 120 27.75 36.23 -7.12
CA SER F 120 28.20 37.12 -8.18
C SER F 120 29.04 38.27 -7.60
N ASP F 121 29.92 38.80 -8.44
CA ASP F 121 30.76 39.92 -8.01
C ASP F 121 29.92 41.16 -7.70
N GLU F 122 28.79 41.32 -8.40
CA GLU F 122 27.92 42.47 -8.14
C GLU F 122 27.34 42.42 -6.73
N GLN F 123 26.84 41.25 -6.32
CA GLN F 123 26.34 41.11 -4.96
C GLN F 123 27.46 41.28 -3.94
N LEU F 124 28.65 40.77 -4.24
CA LEU F 124 29.78 40.92 -3.34
C LEU F 124 30.16 42.38 -3.14
N LYS F 125 29.87 43.23 -4.13
CA LYS F 125 30.16 44.65 -3.99
C LYS F 125 29.28 45.32 -2.95
N SER F 126 28.14 44.73 -2.62
CA SER F 126 27.24 45.27 -1.61
C SER F 126 27.51 44.73 -0.21
N GLY F 127 28.46 43.80 -0.06
CA GLY F 127 28.82 43.28 1.24
C GLY F 127 28.07 42.04 1.67
N THR F 128 27.49 41.28 0.74
CA THR F 128 26.73 40.09 1.07
C THR F 128 27.00 39.02 0.03
N ALA F 129 27.13 37.77 0.48
CA ALA F 129 27.44 36.65 -0.39
C ALA F 129 26.37 35.57 -0.22
N SER F 130 25.68 35.25 -1.31
CA SER F 130 24.69 34.18 -1.34
C SER F 130 25.20 33.07 -2.24
N VAL F 131 25.27 31.85 -1.71
CA VAL F 131 25.69 30.67 -2.45
C VAL F 131 24.46 29.78 -2.63
N VAL F 132 24.22 29.36 -3.88
CA VAL F 132 22.99 28.67 -4.25
C VAL F 132 23.33 27.27 -4.73
N CYS F 133 22.66 26.27 -4.15
CA CYS F 133 22.75 24.88 -4.58
C CYS F 133 21.41 24.47 -5.16
N LEU F 134 21.43 23.94 -6.38
CA LEU F 134 20.21 23.59 -7.10
C LEU F 134 20.09 22.08 -7.25
N LEU F 135 18.93 21.55 -6.88
CA LEU F 135 18.59 20.14 -7.08
C LEU F 135 17.44 20.12 -8.08
N ASN F 136 17.70 19.62 -9.28
CA ASN F 136 16.77 19.75 -10.40
C ASN F 136 16.21 18.41 -10.79
N ASN F 137 14.87 18.32 -10.84
CA ASN F 137 14.14 17.21 -11.44
C ASN F 137 14.42 15.88 -10.71
N PHE F 138 13.87 15.78 -9.50
CA PHE F 138 14.01 14.58 -8.71
C PHE F 138 12.65 14.09 -8.23
N TYR F 139 12.61 12.81 -7.86
CA TYR F 139 11.42 12.19 -7.30
C TYR F 139 11.84 10.98 -6.49
N PRO F 140 11.28 10.76 -5.29
CA PRO F 140 10.22 11.53 -4.64
C PRO F 140 10.67 12.87 -4.07
N ARG F 141 9.74 13.60 -3.45
CA ARG F 141 10.02 14.96 -3.01
C ARG F 141 11.06 15.00 -1.90
N GLU F 142 11.15 13.95 -1.07
CA GLU F 142 12.02 13.98 0.09
C GLU F 142 13.49 14.00 -0.34
N ALA F 143 14.26 14.92 0.25
CA ALA F 143 15.67 15.07 -0.04
C ALA F 143 16.34 15.85 1.08
N LYS F 144 17.60 15.54 1.33
CA LYS F 144 18.39 16.18 2.38
C LYS F 144 19.47 17.05 1.77
N VAL F 145 19.74 18.19 2.41
CA VAL F 145 20.72 19.14 1.93
C VAL F 145 21.50 19.69 3.12
N GLN F 146 22.83 19.60 3.05
CA GLN F 146 23.70 20.13 4.09
C GLN F 146 24.75 21.03 3.45
N TRP F 147 25.17 22.05 4.18
CA TRP F 147 26.20 22.98 3.72
C TRP F 147 27.50 22.74 4.48
N LYS F 148 28.61 22.83 3.77
CA LYS F 148 29.93 22.69 4.37
C LYS F 148 30.84 23.78 3.84
N VAL F 149 31.48 24.51 4.76
CA VAL F 149 32.44 25.55 4.42
C VAL F 149 33.78 25.11 4.98
N ASP F 150 34.72 24.77 4.09
CA ASP F 150 35.99 24.17 4.48
C ASP F 150 35.76 22.90 5.31
N ASN F 151 34.80 22.10 4.85
CA ASN F 151 34.41 20.84 5.50
C ASN F 151 33.96 21.07 6.95
N ALA F 152 33.24 22.17 7.17
CA ALA F 152 32.64 22.46 8.46
C ALA F 152 31.14 22.58 8.27
N LEU F 153 30.38 21.77 8.99
CA LEU F 153 28.93 21.74 8.84
C LEU F 153 28.32 23.08 9.27
N GLN F 154 27.40 23.58 8.45
CA GLN F 154 26.77 24.87 8.68
C GLN F 154 25.39 24.68 9.28
N SER F 155 25.01 25.59 10.18
CA SER F 155 23.72 25.55 10.84
C SER F 155 23.15 26.96 10.93
N GLY F 156 21.86 27.08 10.58
CA GLY F 156 21.15 28.33 10.76
C GLY F 156 21.47 29.44 9.78
N ASN F 157 22.11 29.12 8.66
CA ASN F 157 22.44 30.15 7.67
C ASN F 157 22.02 29.76 6.26
N SER F 158 21.03 28.87 6.13
CA SER F 158 20.56 28.43 4.82
C SER F 158 19.04 28.34 4.83
N GLN F 159 18.44 28.63 3.68
CA GLN F 159 17.00 28.51 3.49
C GLN F 159 16.73 27.65 2.27
N GLU F 160 15.61 26.94 2.31
CA GLU F 160 15.28 25.90 1.34
C GLU F 160 13.91 26.18 0.75
N SER F 161 13.78 25.90 -0.56
CA SER F 161 12.54 26.16 -1.29
C SER F 161 12.31 25.06 -2.30
N VAL F 162 11.09 24.54 -2.35
CA VAL F 162 10.74 23.41 -3.21
C VAL F 162 9.63 23.82 -4.17
N THR F 163 9.78 23.47 -5.44
CA THR F 163 8.70 23.68 -6.39
C THR F 163 7.62 22.62 -6.19
N GLU F 164 6.48 22.85 -6.84
CA GLU F 164 5.43 21.85 -6.89
C GLU F 164 5.79 20.78 -7.93
N GLN F 165 4.91 19.80 -8.09
CA GLN F 165 5.16 18.73 -9.05
C GLN F 165 4.97 19.27 -10.46
N ASP F 166 6.00 19.15 -11.30
CA ASP F 166 5.91 19.59 -12.68
C ASP F 166 4.85 18.77 -13.41
N SER F 167 4.04 19.46 -14.22
CA SER F 167 2.92 18.79 -14.87
C SER F 167 3.40 17.76 -15.89
N LYS F 168 4.51 18.05 -16.57
CA LYS F 168 4.99 17.16 -17.63
C LYS F 168 5.59 15.88 -17.07
N ASP F 169 6.68 16.00 -16.32
CA ASP F 169 7.45 14.84 -15.90
C ASP F 169 7.23 14.45 -14.45
N SER F 170 6.34 15.15 -13.73
CA SER F 170 6.01 14.82 -12.34
C SER F 170 7.25 14.82 -11.45
N THR F 171 8.15 15.77 -11.67
CA THR F 171 9.37 15.90 -10.90
C THR F 171 9.29 17.11 -9.98
N TYR F 172 10.11 17.08 -8.93
CA TYR F 172 10.27 18.19 -8.02
C TYR F 172 11.65 18.80 -8.19
N SER F 173 11.77 20.07 -7.79
CA SER F 173 13.05 20.76 -7.79
C SER F 173 13.21 21.53 -6.48
N LEU F 174 14.44 21.64 -6.03
CA LEU F 174 14.74 22.25 -4.74
C LEU F 174 15.94 23.17 -4.87
N SER F 175 15.93 24.25 -4.09
CA SER F 175 17.02 25.22 -4.07
C SER F 175 17.36 25.54 -2.63
N SER F 176 18.64 25.43 -2.29
CA SER F 176 19.16 25.84 -0.99
C SER F 176 20.09 27.02 -1.19
N THR F 177 19.94 28.03 -0.35
CA THR F 177 20.72 29.27 -0.46
C THR F 177 21.44 29.52 0.85
N LEU F 178 22.76 29.51 0.80
CA LEU F 178 23.60 29.84 1.95
C LEU F 178 23.95 31.33 1.90
N THR F 179 23.61 32.05 2.95
CA THR F 179 23.81 33.50 3.00
C THR F 179 24.89 33.83 4.02
N LEU F 180 25.98 34.44 3.55
CA LEU F 180 27.07 34.89 4.40
C LEU F 180 27.38 36.34 4.10
N SER F 181 28.12 36.97 5.01
CA SER F 181 28.62 38.31 4.75
C SER F 181 29.88 38.23 3.89
N LYS F 182 30.19 39.36 3.23
CA LYS F 182 31.37 39.42 2.39
C LYS F 182 32.64 39.13 3.19
N ALA F 183 32.68 39.59 4.44
CA ALA F 183 33.86 39.36 5.27
C ALA F 183 34.02 37.88 5.61
N ASP F 184 32.93 37.24 6.03
CA ASP F 184 33.00 35.81 6.31
C ASP F 184 33.26 35.00 5.04
N TYR F 185 32.76 35.45 3.89
CA TYR F 185 32.96 34.71 2.66
C TYR F 185 34.41 34.77 2.17
N GLU F 186 35.12 35.85 2.50
CA GLU F 186 36.49 36.00 2.03
C GLU F 186 37.48 35.14 2.81
N LYS F 187 37.18 34.79 4.05
CA LYS F 187 38.11 34.09 4.91
C LYS F 187 37.96 32.56 4.83
N HIS F 188 37.34 32.06 3.78
CA HIS F 188 37.22 30.62 3.56
C HIS F 188 37.39 30.33 2.08
N LYS F 189 37.77 29.08 1.78
CA LYS F 189 38.13 28.68 0.43
C LYS F 189 37.12 27.75 -0.21
N VAL F 190 36.80 26.62 0.43
CA VAL F 190 35.97 25.59 -0.16
C VAL F 190 34.54 25.73 0.34
N TYR F 191 33.61 25.89 -0.59
CA TYR F 191 32.18 25.94 -0.30
C TYR F 191 31.52 24.79 -1.04
N ALA F 192 30.78 23.96 -0.32
CA ALA F 192 30.21 22.75 -0.90
C ALA F 192 28.86 22.46 -0.29
N CYS F 193 28.01 21.76 -1.05
CA CYS F 193 26.71 21.30 -0.58
CA CYS F 193 26.74 21.30 -0.54
C CYS F 193 26.62 19.81 -0.80
N GLU F 194 26.21 19.07 0.24
CA GLU F 194 26.12 17.62 0.23
C GLU F 194 24.64 17.24 0.20
N VAL F 195 24.27 16.40 -0.76
CA VAL F 195 22.88 16.07 -1.05
C VAL F 195 22.67 14.58 -0.79
N THR F 196 21.61 14.25 -0.06
CA THR F 196 21.20 12.87 0.18
C THR F 196 19.82 12.66 -0.43
N HIS F 197 19.63 11.55 -1.13
CA HIS F 197 18.37 11.27 -1.79
C HIS F 197 18.28 9.78 -2.05
N GLN F 198 17.05 9.31 -2.28
CA GLN F 198 16.82 7.88 -2.52
C GLN F 198 17.43 7.44 -3.86
N GLY F 199 17.39 8.30 -4.87
CA GLY F 199 17.92 7.97 -6.19
C GLY F 199 19.42 7.96 -6.30
N LEU F 200 20.14 8.30 -5.23
CA LEU F 200 21.59 8.32 -5.23
C LEU F 200 22.11 7.16 -4.39
N SER F 201 23.03 6.37 -4.95
CA SER F 201 23.61 5.26 -4.21
C SER F 201 24.45 5.73 -3.02
N SER F 202 24.95 6.96 -3.06
CA SER F 202 25.73 7.53 -1.97
C SER F 202 25.53 9.04 -2.01
N PRO F 203 25.77 9.72 -0.88
CA PRO F 203 25.64 11.18 -0.88
C PRO F 203 26.61 11.82 -1.86
N VAL F 204 26.14 12.86 -2.55
CA VAL F 204 26.89 13.56 -3.58
C VAL F 204 27.22 14.96 -3.09
N THR F 205 28.46 15.39 -3.31
CA THR F 205 28.92 16.71 -2.91
C THR F 205 29.29 17.52 -4.15
N LYS F 206 28.79 18.74 -4.22
CA LYS F 206 29.13 19.69 -5.27
C LYS F 206 29.85 20.87 -4.63
N SER F 207 31.09 21.12 -5.05
CA SER F 207 31.95 22.08 -4.37
C SER F 207 32.58 23.03 -5.38
N PHE F 208 33.07 24.15 -4.86
CA PHE F 208 33.87 25.08 -5.63
C PHE F 208 34.86 25.78 -4.71
N ASN F 209 35.91 26.32 -5.29
CA ASN F 209 36.89 27.10 -4.55
C ASN F 209 36.67 28.58 -4.84
N ARG F 210 36.63 29.38 -3.77
CA ARG F 210 36.45 30.82 -3.90
C ARG F 210 37.60 31.44 -4.68
N GLY F 211 37.30 31.99 -5.87
CA GLY F 211 38.32 32.68 -6.64
C GLY F 211 38.68 32.03 -7.95
N GLU F 212 37.94 31.02 -8.35
CA GLU F 212 38.16 30.36 -9.64
C GLU F 212 37.29 30.99 -10.73
N ASN G 1 -3.70 -31.65 -13.77
CA ASN G 1 -5.06 -31.14 -13.96
C ASN G 1 -5.03 -29.70 -14.48
N PRO G 2 -5.07 -29.53 -15.80
CA PRO G 2 -5.12 -28.18 -16.37
C PRO G 2 -6.42 -27.49 -16.00
N ASP G 3 -6.31 -26.19 -15.67
CA ASP G 3 -7.48 -25.43 -15.27
C ASP G 3 -8.43 -25.27 -16.45
N PRO G 4 -9.74 -25.37 -16.22
CA PRO G 4 -10.68 -25.21 -17.35
C PRO G 4 -10.60 -23.84 -18.01
N ASN G 5 -10.22 -22.80 -17.26
CA ASN G 5 -10.16 -21.45 -17.79
C ASN G 5 -8.80 -21.10 -18.38
N ALA G 6 -7.87 -22.06 -18.43
CA ALA G 6 -6.56 -21.81 -19.02
C ALA G 6 -6.66 -21.76 -20.53
N ASN G 7 -5.54 -21.46 -21.18
CA ASN G 7 -5.51 -21.31 -22.63
C ASN G 7 -5.82 -22.64 -23.33
N PRO G 8 -6.94 -22.76 -24.03
CA PRO G 8 -7.26 -23.99 -24.76
C PRO G 8 -6.73 -24.04 -26.18
N ASN G 9 -6.05 -22.99 -26.63
CA ASN G 9 -5.56 -22.88 -27.99
C ASN G 9 -4.08 -23.27 -28.08
N GLN H 1 -14.83 -12.09 -40.28
CA GLN H 1 -14.34 -13.14 -41.16
C GLN H 1 -14.55 -14.52 -40.54
N VAL H 2 -14.66 -14.58 -39.21
CA VAL H 2 -14.89 -15.85 -38.54
C VAL H 2 -16.33 -16.30 -38.77
N GLN H 3 -16.50 -17.54 -39.21
CA GLN H 3 -17.81 -18.09 -39.55
C GLN H 3 -18.01 -19.40 -38.81
N LEU H 4 -19.05 -19.46 -37.98
CA LEU H 4 -19.44 -20.68 -37.27
C LEU H 4 -20.88 -21.01 -37.62
N VAL H 5 -21.11 -22.21 -38.14
CA VAL H 5 -22.42 -22.63 -38.59
C VAL H 5 -22.78 -23.92 -37.86
N GLU H 6 -23.83 -23.87 -37.04
CA GLU H 6 -24.32 -25.04 -36.34
C GLU H 6 -25.41 -25.72 -37.14
N SER H 7 -25.46 -27.05 -37.03
CA SER H 7 -26.51 -27.84 -37.66
C SER H 7 -26.78 -29.07 -36.81
N GLY H 8 -27.83 -29.81 -37.18
CA GLY H 8 -28.20 -31.04 -36.51
C GLY H 8 -29.32 -30.88 -35.51
N GLY H 9 -29.59 -29.66 -35.04
CA GLY H 9 -30.67 -29.44 -34.11
C GLY H 9 -32.01 -29.74 -34.73
N ASN H 10 -32.78 -30.63 -34.10
CA ASN H 10 -34.05 -31.05 -34.65
C ASN H 10 -34.88 -31.61 -33.49
N VAL H 11 -35.96 -32.32 -33.83
CA VAL H 11 -36.78 -32.97 -32.82
C VAL H 11 -36.15 -34.31 -32.47
N VAL H 12 -36.05 -34.60 -31.17
CA VAL H 12 -35.54 -35.88 -30.69
C VAL H 12 -36.39 -36.32 -29.52
N GLN H 13 -36.66 -37.63 -29.44
CA GLN H 13 -37.52 -38.14 -28.39
C GLN H 13 -36.74 -38.36 -27.09
N PRO H 14 -37.40 -38.25 -25.94
CA PRO H 14 -36.72 -38.48 -24.66
C PRO H 14 -36.08 -39.87 -24.62
N GLY H 15 -34.80 -39.90 -24.26
CA GLY H 15 -34.04 -41.13 -24.19
C GLY H 15 -33.24 -41.45 -25.43
N ARG H 16 -33.61 -40.89 -26.58
CA ARG H 16 -32.90 -41.14 -27.83
C ARG H 16 -31.70 -40.22 -27.94
N SER H 17 -30.97 -40.35 -29.04
CA SER H 17 -29.70 -39.67 -29.22
C SER H 17 -29.76 -38.66 -30.37
N LEU H 18 -28.86 -37.69 -30.32
CA LEU H 18 -28.76 -36.65 -31.34
C LEU H 18 -27.35 -36.10 -31.33
N ARG H 19 -26.81 -35.81 -32.50
CA ARG H 19 -25.48 -35.22 -32.63
C ARG H 19 -25.57 -33.87 -33.31
N LEU H 20 -25.01 -32.85 -32.68
CA LEU H 20 -24.96 -31.52 -33.24
C LEU H 20 -23.60 -31.27 -33.88
N SER H 21 -23.58 -30.46 -34.92
CA SER H 21 -22.36 -30.17 -35.66
C SER H 21 -22.16 -28.67 -35.79
N CYS H 22 -20.89 -28.27 -35.87
CA CYS H 22 -20.52 -26.86 -36.01
C CYS H 22 -19.30 -26.79 -36.92
N THR H 23 -19.53 -26.39 -38.18
CA THR H 23 -18.45 -26.21 -39.12
C THR H 23 -17.88 -24.80 -38.97
N ALA H 24 -16.55 -24.69 -39.04
CA ALA H 24 -15.86 -23.43 -38.85
C ALA H 24 -15.21 -22.99 -40.15
N SER H 25 -15.07 -21.67 -40.29
CA SER H 25 -14.45 -21.09 -41.47
C SER H 25 -13.97 -19.69 -41.10
N GLY H 26 -13.04 -19.17 -41.91
CA GLY H 26 -12.47 -17.87 -41.66
C GLY H 26 -11.29 -17.87 -40.71
N PHE H 27 -10.94 -19.02 -40.12
CA PHE H 27 -9.81 -19.11 -39.20
C PHE H 27 -9.33 -20.54 -39.18
N THR H 28 -8.10 -20.73 -38.71
CA THR H 28 -7.53 -22.07 -38.60
C THR H 28 -8.18 -22.80 -37.43
N PHE H 29 -9.02 -23.79 -37.74
CA PHE H 29 -9.85 -24.44 -36.73
C PHE H 29 -9.01 -25.24 -35.74
N SER H 30 -7.93 -25.86 -36.20
CA SER H 30 -7.12 -26.74 -35.36
C SER H 30 -6.32 -26.01 -34.31
N SER H 31 -6.35 -24.68 -34.28
CA SER H 31 -5.53 -23.90 -33.37
C SER H 31 -6.32 -23.31 -32.21
N TYR H 32 -7.61 -23.63 -32.09
CA TYR H 32 -8.47 -23.00 -31.09
C TYR H 32 -9.31 -24.04 -30.35
N GLY H 33 -9.50 -23.82 -29.05
CA GLY H 33 -10.52 -24.55 -28.31
C GLY H 33 -11.90 -24.01 -28.60
N MET H 34 -12.92 -24.83 -28.31
CA MET H 34 -14.30 -24.51 -28.64
C MET H 34 -15.22 -24.81 -27.46
N HIS H 35 -16.31 -24.05 -27.37
CA HIS H 35 -17.34 -24.24 -26.36
C HIS H 35 -18.69 -24.53 -27.01
N TRP H 36 -19.54 -25.22 -26.25
CA TRP H 36 -20.97 -25.30 -26.53
C TRP H 36 -21.72 -24.56 -25.44
N VAL H 37 -22.66 -23.70 -25.84
CA VAL H 37 -23.50 -22.94 -24.91
C VAL H 37 -24.94 -23.03 -25.39
N ARG H 38 -25.87 -23.25 -24.46
CA ARG H 38 -27.26 -23.40 -24.82
C ARG H 38 -28.11 -22.31 -24.18
N GLN H 39 -29.26 -22.04 -24.80
CA GLN H 39 -30.13 -20.95 -24.37
C GLN H 39 -31.59 -21.35 -24.51
N ALA H 40 -32.37 -21.08 -23.46
CA ALA H 40 -33.80 -21.33 -23.44
C ALA H 40 -34.42 -20.41 -22.40
N PRO H 41 -35.68 -20.03 -22.56
CA PRO H 41 -36.30 -19.12 -21.58
C PRO H 41 -36.27 -19.63 -20.14
N ASP H 42 -36.32 -20.95 -19.95
CA ASP H 42 -36.29 -21.50 -18.59
C ASP H 42 -34.88 -21.55 -18.01
N LYS H 43 -33.85 -21.28 -18.80
CA LYS H 43 -32.48 -21.39 -18.32
C LYS H 43 -31.62 -20.17 -18.62
N GLY H 44 -32.05 -19.26 -19.49
CA GLY H 44 -31.14 -18.24 -19.93
C GLY H 44 -29.99 -18.85 -20.71
N LEU H 45 -28.81 -18.25 -20.58
CA LEU H 45 -27.60 -18.75 -21.20
C LEU H 45 -26.87 -19.68 -20.23
N GLU H 46 -26.65 -20.92 -20.65
CA GLU H 46 -26.02 -21.94 -19.81
C GLU H 46 -24.90 -22.61 -20.59
N TRP H 47 -23.68 -22.49 -20.07
CA TRP H 47 -22.53 -23.16 -20.68
C TRP H 47 -22.67 -24.66 -20.56
N VAL H 48 -22.25 -25.38 -21.60
CA VAL H 48 -22.41 -26.82 -21.70
C VAL H 48 -21.07 -27.55 -21.56
N ALA H 49 -20.11 -27.25 -22.43
CA ALA H 49 -18.86 -27.99 -22.46
C ALA H 49 -17.79 -27.18 -23.17
N ILE H 50 -16.53 -27.58 -22.94
CA ILE H 50 -15.37 -27.01 -23.62
C ILE H 50 -14.44 -28.14 -24.02
N ILE H 51 -13.73 -27.95 -25.13
CA ILE H 51 -12.76 -28.92 -25.61
C ILE H 51 -11.51 -28.16 -26.07
N TRP H 52 -10.34 -28.75 -25.81
CA TRP H 52 -9.07 -28.10 -26.15
C TRP H 52 -8.84 -28.15 -27.65
N TYR H 53 -7.74 -27.52 -28.08
CA TYR H 53 -7.41 -27.46 -29.51
C TYR H 53 -7.18 -28.85 -30.09
N ASP H 54 -6.52 -29.72 -29.33
CA ASP H 54 -6.17 -31.06 -29.80
C ASP H 54 -7.26 -32.09 -29.52
N GLY H 55 -8.33 -31.70 -28.84
CA GLY H 55 -9.37 -32.64 -28.49
C GLY H 55 -9.08 -33.49 -27.28
N GLY H 56 -8.10 -33.09 -26.45
CA GLY H 56 -7.73 -33.86 -25.28
C GLY H 56 -8.53 -33.50 -24.04
N ASN H 57 -8.20 -32.38 -23.42
CA ASN H 57 -8.88 -31.95 -22.21
C ASN H 57 -10.31 -31.52 -22.53
N LYS H 58 -11.26 -32.02 -21.75
CA LYS H 58 -12.68 -31.72 -21.93
C LYS H 58 -13.32 -31.52 -20.56
N PHE H 59 -14.13 -30.47 -20.45
CA PHE H 59 -14.87 -30.18 -19.23
C PHE H 59 -16.34 -29.97 -19.58
N TYR H 60 -17.22 -30.41 -18.68
CA TYR H 60 -18.66 -30.38 -18.92
C TYR H 60 -19.38 -29.74 -17.74
N ALA H 61 -20.57 -29.22 -18.01
CA ALA H 61 -21.45 -28.81 -16.93
C ALA H 61 -22.02 -30.04 -16.24
N ASP H 62 -22.28 -29.91 -14.93
CA ASP H 62 -22.67 -31.07 -14.14
C ASP H 62 -24.00 -31.67 -14.60
N SER H 63 -24.91 -30.85 -15.11
CA SER H 63 -26.22 -31.37 -15.50
C SER H 63 -26.18 -32.17 -16.79
N VAL H 64 -25.06 -32.18 -17.51
CA VAL H 64 -24.93 -32.94 -18.75
C VAL H 64 -23.82 -33.98 -18.69
N LYS H 65 -23.12 -34.11 -17.56
CA LYS H 65 -22.04 -35.08 -17.45
C LYS H 65 -22.60 -36.50 -17.53
N GLY H 66 -21.90 -37.35 -18.29
CA GLY H 66 -22.35 -38.70 -18.54
C GLY H 66 -23.31 -38.85 -19.70
N ARG H 67 -24.03 -37.79 -20.06
CA ARG H 67 -25.01 -37.83 -21.14
C ARG H 67 -24.51 -37.18 -22.42
N PHE H 68 -23.81 -36.05 -22.32
CA PHE H 68 -23.30 -35.33 -23.48
C PHE H 68 -21.81 -35.59 -23.64
N THR H 69 -21.35 -35.53 -24.88
CA THR H 69 -19.93 -35.77 -25.20
C THR H 69 -19.50 -34.81 -26.30
N ILE H 70 -18.48 -34.01 -26.02
CA ILE H 70 -17.97 -33.02 -26.96
C ILE H 70 -16.75 -33.60 -27.66
N SER H 71 -16.61 -33.32 -28.95
CA SER H 71 -15.49 -33.82 -29.73
C SER H 71 -15.29 -32.94 -30.94
N ARG H 72 -14.18 -33.17 -31.65
CA ARG H 72 -13.81 -32.36 -32.80
C ARG H 72 -13.08 -33.22 -33.82
N ASP H 73 -13.12 -32.78 -35.08
CA ASP H 73 -12.42 -33.43 -36.18
C ASP H 73 -11.69 -32.34 -36.95
N ASN H 74 -10.43 -32.11 -36.62
CA ASN H 74 -9.68 -31.01 -37.21
C ASN H 74 -9.44 -31.21 -38.70
N SER H 75 -9.46 -32.46 -39.19
CA SER H 75 -9.34 -32.70 -40.62
C SER H 75 -10.57 -32.24 -41.39
N LYS H 76 -11.71 -32.05 -40.71
CA LYS H 76 -12.94 -31.60 -41.35
C LYS H 76 -13.38 -30.22 -40.89
N ASP H 77 -12.65 -29.59 -39.96
CA ASP H 77 -13.01 -28.29 -39.40
C ASP H 77 -14.41 -28.30 -38.80
N THR H 78 -14.75 -29.39 -38.13
CA THR H 78 -16.09 -29.57 -37.58
C THR H 78 -16.00 -29.86 -36.08
N LEU H 79 -16.89 -29.21 -35.32
CA LEU H 79 -17.06 -29.46 -33.89
C LEU H 79 -18.35 -30.24 -33.68
N TYR H 80 -18.31 -31.20 -32.76
CA TYR H 80 -19.45 -32.08 -32.52
C TYR H 80 -19.90 -32.00 -31.07
N LEU H 81 -21.16 -32.39 -30.85
CA LEU H 81 -21.71 -32.58 -29.50
C LEU H 81 -22.68 -33.76 -29.60
N GLN H 82 -22.26 -34.92 -29.09
CA GLN H 82 -23.11 -36.10 -29.05
C GLN H 82 -23.95 -36.08 -27.79
N MET H 83 -25.27 -36.06 -27.95
CA MET H 83 -26.21 -35.96 -26.83
C MET H 83 -26.97 -37.29 -26.71
N ASN H 84 -26.68 -38.04 -25.66
CA ASN H 84 -27.38 -39.27 -25.35
C ASN H 84 -28.34 -39.04 -24.19
N SER H 85 -29.34 -39.91 -24.10
CA SER H 85 -30.32 -39.90 -23.00
C SER H 85 -30.92 -38.52 -22.80
N LEU H 86 -31.47 -37.98 -23.88
CA LEU H 86 -31.95 -36.61 -23.87
C LEU H 86 -33.19 -36.47 -23.01
N ARG H 87 -33.28 -35.34 -22.31
CA ARG H 87 -34.36 -35.05 -21.38
C ARG H 87 -35.07 -33.78 -21.81
N ALA H 88 -36.28 -33.59 -21.26
CA ALA H 88 -37.12 -32.46 -21.67
C ALA H 88 -36.43 -31.13 -21.42
N GLU H 89 -35.72 -31.00 -20.30
CA GLU H 89 -35.03 -29.75 -19.97
C GLU H 89 -33.82 -29.49 -20.86
N ASP H 90 -33.44 -30.42 -21.74
CA ASP H 90 -32.38 -30.14 -22.71
C ASP H 90 -32.86 -29.31 -23.89
N THR H 91 -34.18 -29.09 -24.00
CA THR H 91 -34.74 -28.28 -25.08
C THR H 91 -34.22 -26.86 -25.01
N ALA H 92 -33.50 -26.43 -26.07
CA ALA H 92 -32.88 -25.11 -26.08
C ALA H 92 -32.31 -24.84 -27.46
N VAL H 93 -31.84 -23.62 -27.65
CA VAL H 93 -30.99 -23.26 -28.79
C VAL H 93 -29.55 -23.48 -28.39
N TYR H 94 -28.81 -24.26 -29.17
CA TYR H 94 -27.43 -24.60 -28.84
C TYR H 94 -26.47 -23.79 -29.71
N TYR H 95 -25.62 -23.02 -29.07
CA TYR H 95 -24.66 -22.15 -29.74
C TYR H 95 -23.27 -22.76 -29.71
N CYS H 96 -22.56 -22.62 -30.82
CA CYS H 96 -21.15 -22.95 -30.95
C CYS H 96 -20.35 -21.67 -30.73
N ALA H 97 -19.31 -21.76 -29.89
CA ALA H 97 -18.53 -20.57 -29.55
C ALA H 97 -17.05 -20.88 -29.58
N LYS H 98 -16.27 -19.96 -30.14
CA LYS H 98 -14.83 -20.11 -30.26
C LYS H 98 -14.14 -19.40 -29.10
N ALA H 99 -13.18 -20.09 -28.47
CA ALA H 99 -12.41 -19.48 -27.40
C ALA H 99 -11.59 -18.32 -27.96
N TRP H 100 -11.48 -17.25 -27.18
CA TRP H 100 -10.78 -16.08 -27.67
C TRP H 100 -9.27 -16.24 -27.46
N TYR H 101 -8.51 -15.27 -27.96
CA TYR H 101 -7.07 -15.28 -27.76
C TYR H 101 -6.60 -13.98 -27.13
N LYS H 102 -7.28 -13.58 -26.06
CA LYS H 102 -6.80 -12.48 -25.21
C LYS H 102 -5.83 -13.08 -24.20
N ILE H 103 -4.54 -13.02 -24.51
CA ILE H 103 -3.52 -13.70 -23.72
C ILE H 103 -3.51 -13.14 -22.31
N ASP H 104 -4.00 -13.93 -21.35
CA ASP H 104 -4.07 -13.52 -19.97
C ASP H 104 -4.19 -14.77 -19.11
N ASP H 105 -4.47 -14.58 -17.82
CA ASP H 105 -4.52 -15.71 -16.89
C ASP H 105 -5.68 -16.64 -17.23
N LYS H 106 -6.82 -16.09 -17.64
CA LYS H 106 -8.02 -16.87 -17.90
C LYS H 106 -8.61 -16.48 -19.25
N TYR H 107 -9.32 -17.42 -19.86
CA TYR H 107 -9.83 -17.27 -21.21
C TYR H 107 -11.35 -17.47 -21.23
N SER H 108 -11.96 -17.05 -22.33
CA SER H 108 -13.39 -17.20 -22.54
C SER H 108 -13.65 -17.29 -24.04
N MET H 109 -14.88 -16.96 -24.44
CA MET H 109 -15.34 -17.08 -25.82
C MET H 109 -15.61 -15.71 -26.40
N ASP H 110 -15.34 -15.56 -27.70
CA ASP H 110 -15.51 -14.28 -28.37
C ASP H 110 -16.51 -14.33 -29.52
N VAL H 111 -16.42 -15.32 -30.39
CA VAL H 111 -17.27 -15.42 -31.58
C VAL H 111 -18.22 -16.59 -31.43
N TRP H 112 -19.51 -16.33 -31.63
CA TRP H 112 -20.57 -17.33 -31.55
C TRP H 112 -21.17 -17.55 -32.93
N GLY H 113 -21.82 -18.71 -33.10
CA GLY H 113 -22.55 -19.01 -34.31
C GLY H 113 -24.01 -18.63 -34.21
N GLN H 114 -24.75 -18.91 -35.30
CA GLN H 114 -26.16 -18.56 -35.32
C GLN H 114 -27.00 -19.43 -34.39
N GLY H 115 -26.54 -20.65 -34.12
CA GLY H 115 -27.24 -21.55 -33.23
C GLY H 115 -28.18 -22.49 -33.97
N THR H 116 -28.47 -23.61 -33.32
CA THR H 116 -29.41 -24.60 -33.82
C THR H 116 -30.33 -25.02 -32.68
N THR H 117 -31.56 -25.39 -33.03
CA THR H 117 -32.63 -25.60 -32.05
C THR H 117 -32.88 -27.07 -31.84
N VAL H 118 -32.84 -27.51 -30.58
CA VAL H 118 -33.10 -28.90 -30.20
C VAL H 118 -34.41 -28.95 -29.42
N THR H 119 -35.33 -29.79 -29.89
CA THR H 119 -36.63 -29.96 -29.25
C THR H 119 -36.77 -31.40 -28.79
N VAL H 120 -36.94 -31.58 -27.49
CA VAL H 120 -37.09 -32.91 -26.89
C VAL H 120 -38.57 -33.13 -26.63
N SER H 121 -39.15 -34.09 -27.34
CA SER H 121 -40.57 -34.38 -27.26
C SER H 121 -40.85 -35.71 -27.93
N SER H 122 -41.91 -36.39 -27.47
CA SER H 122 -42.35 -37.64 -28.07
C SER H 122 -43.58 -37.44 -28.96
N ALA H 123 -43.95 -36.20 -29.25
CA ALA H 123 -45.13 -35.95 -30.08
C ALA H 123 -44.84 -36.26 -31.55
N SER H 124 -45.89 -36.63 -32.26
CA SER H 124 -45.79 -36.93 -33.69
C SER H 124 -46.00 -35.67 -34.52
N THR H 125 -45.36 -35.63 -35.68
CA THR H 125 -45.47 -34.49 -36.58
C THR H 125 -46.89 -34.38 -37.11
N LYS H 126 -47.43 -33.16 -37.06
CA LYS H 126 -48.84 -32.95 -37.36
C LYS H 126 -49.05 -31.51 -37.81
N GLY H 127 -49.80 -31.34 -38.90
CA GLY H 127 -50.16 -30.02 -39.37
C GLY H 127 -51.27 -29.42 -38.53
N PRO H 128 -51.36 -28.09 -38.52
CA PRO H 128 -52.32 -27.41 -37.64
C PRO H 128 -53.73 -27.37 -38.23
N SER H 129 -54.69 -27.17 -37.32
CA SER H 129 -56.05 -26.82 -37.69
C SER H 129 -56.19 -25.31 -37.60
N VAL H 130 -56.52 -24.67 -38.71
CA VAL H 130 -56.61 -23.22 -38.76
C VAL H 130 -58.08 -22.83 -38.62
N PHE H 131 -58.42 -22.18 -37.50
CA PHE H 131 -59.79 -21.76 -37.21
C PHE H 131 -59.91 -20.25 -37.26
N PRO H 132 -61.00 -19.72 -37.79
CA PRO H 132 -61.15 -18.27 -37.91
C PRO H 132 -61.42 -17.59 -36.58
N LEU H 133 -60.98 -16.34 -36.50
CA LEU H 133 -61.32 -15.43 -35.40
C LEU H 133 -62.14 -14.31 -36.04
N ALA H 134 -63.45 -14.52 -36.13
CA ALA H 134 -64.30 -13.63 -36.90
C ALA H 134 -64.45 -12.27 -36.22
N PRO H 135 -64.46 -11.18 -36.98
CA PRO H 135 -64.70 -9.87 -36.38
C PRO H 135 -66.18 -9.72 -36.00
N SER H 136 -66.40 -9.02 -34.89
CA SER H 136 -67.76 -8.82 -34.39
C SER H 136 -67.76 -7.58 -33.49
N SER H 137 -68.92 -7.32 -32.86
CA SER H 137 -69.03 -6.21 -31.94
C SER H 137 -68.14 -6.35 -30.72
N LYS H 138 -67.57 -7.54 -30.49
CA LYS H 138 -66.68 -7.77 -29.37
C LYS H 138 -65.21 -7.72 -29.77
N SER H 139 -64.91 -7.43 -31.03
CA SER H 139 -63.55 -7.26 -31.50
C SER H 139 -63.37 -5.94 -32.24
N THR H 140 -64.23 -4.96 -31.95
CA THR H 140 -64.28 -3.69 -32.66
C THR H 140 -64.08 -2.53 -31.70
N SER H 141 -63.41 -1.49 -32.21
CA SER H 141 -63.35 -0.20 -31.53
C SER H 141 -63.68 0.88 -32.56
N GLY H 142 -63.55 2.14 -32.19
CA GLY H 142 -63.95 3.22 -33.08
C GLY H 142 -63.33 3.17 -34.47
N GLY H 143 -64.08 2.68 -35.45
CA GLY H 143 -63.61 2.65 -36.83
C GLY H 143 -62.62 1.56 -37.14
N THR H 144 -62.40 0.61 -36.24
CA THR H 144 -61.45 -0.47 -36.45
C THR H 144 -62.09 -1.79 -36.07
N ALA H 145 -61.68 -2.85 -36.76
CA ALA H 145 -62.13 -4.20 -36.48
C ALA H 145 -60.91 -5.11 -36.36
N ALA H 146 -60.91 -5.96 -35.35
CA ALA H 146 -59.87 -6.97 -35.19
C ALA H 146 -60.38 -8.32 -35.65
N LEU H 147 -59.52 -9.06 -36.33
CA LEU H 147 -59.85 -10.40 -36.81
C LEU H 147 -58.56 -11.18 -36.95
N GLY H 148 -58.67 -12.49 -36.96
CA GLY H 148 -57.48 -13.30 -37.06
C GLY H 148 -57.76 -14.76 -37.31
N CYS H 149 -56.73 -15.57 -37.06
CA CYS H 149 -56.79 -17.02 -37.23
CA CYS H 149 -56.84 -17.01 -37.19
C CYS H 149 -56.19 -17.69 -35.99
N LEU H 150 -56.75 -18.84 -35.64
CA LEU H 150 -56.25 -19.66 -34.55
C LEU H 150 -55.56 -20.88 -35.18
N VAL H 151 -54.24 -20.96 -35.00
CA VAL H 151 -53.43 -22.04 -35.55
C VAL H 151 -53.15 -23.00 -34.40
N LYS H 152 -53.84 -24.13 -34.37
CA LYS H 152 -53.91 -24.95 -33.17
C LYS H 152 -53.47 -26.39 -33.43
N ASP H 153 -52.76 -26.96 -32.46
CA ASP H 153 -52.44 -28.38 -32.39
C ASP H 153 -51.57 -28.82 -33.57
N TYR H 154 -50.37 -28.24 -33.64
CA TYR H 154 -49.37 -28.63 -34.62
C TYR H 154 -48.06 -28.95 -33.92
N PHE H 155 -47.23 -29.73 -34.60
CA PHE H 155 -45.93 -30.12 -34.09
C PHE H 155 -45.05 -30.51 -35.26
N PRO H 156 -43.78 -30.09 -35.30
CA PRO H 156 -43.20 -29.17 -34.31
C PRO H 156 -43.15 -27.74 -34.82
N GLU H 157 -42.44 -26.89 -34.11
CA GLU H 157 -42.15 -25.55 -34.62
C GLU H 157 -41.29 -25.65 -35.88
N PRO H 158 -41.35 -24.64 -36.77
CA PRO H 158 -42.16 -23.42 -36.70
C PRO H 158 -43.35 -23.41 -37.65
N VAL H 159 -44.09 -22.31 -37.65
CA VAL H 159 -45.15 -22.06 -38.61
C VAL H 159 -45.05 -20.61 -39.06
N THR H 160 -45.19 -20.38 -40.36
CA THR H 160 -45.24 -19.03 -40.91
C THR H 160 -46.70 -18.66 -41.20
N VAL H 161 -47.04 -17.42 -40.89
CA VAL H 161 -48.39 -16.90 -41.12
C VAL H 161 -48.28 -15.56 -41.83
N SER H 162 -49.08 -15.39 -42.89
CA SER H 162 -49.18 -14.12 -43.59
C SER H 162 -50.64 -13.85 -43.90
N TRP H 163 -50.91 -12.64 -44.36
CA TRP H 163 -52.27 -12.23 -44.71
C TRP H 163 -52.28 -11.77 -46.16
N ASN H 164 -53.14 -12.40 -46.95
CA ASN H 164 -53.25 -12.11 -48.39
C ASN H 164 -51.89 -12.24 -49.07
N SER H 165 -51.20 -13.34 -48.76
CA SER H 165 -49.91 -13.68 -49.35
C SER H 165 -48.88 -12.56 -49.16
N GLY H 166 -48.97 -11.84 -48.05
CA GLY H 166 -47.99 -10.82 -47.73
C GLY H 166 -48.33 -9.41 -48.16
N ALA H 167 -49.46 -9.21 -48.85
CA ALA H 167 -49.82 -7.86 -49.28
C ALA H 167 -50.40 -7.02 -48.15
N LEU H 168 -50.85 -7.64 -47.07
CA LEU H 168 -51.38 -6.94 -45.90
C LEU H 168 -50.39 -7.10 -44.76
N THR H 169 -49.74 -6.02 -44.35
CA THR H 169 -48.75 -6.07 -43.28
C THR H 169 -49.04 -5.14 -42.11
N SER H 170 -49.74 -4.03 -42.35
CA SER H 170 -49.98 -3.05 -41.30
C SER H 170 -51.02 -3.56 -40.32
N GLY H 171 -50.71 -3.49 -39.03
CA GLY H 171 -51.62 -3.93 -38.00
C GLY H 171 -51.62 -5.43 -37.74
N VAL H 172 -50.68 -6.17 -38.31
CA VAL H 172 -50.62 -7.61 -38.14
C VAL H 172 -49.78 -7.93 -36.91
N HIS H 173 -50.26 -8.87 -36.10
CA HIS H 173 -49.53 -9.38 -34.94
C HIS H 173 -49.63 -10.89 -34.95
N THR H 174 -48.50 -11.57 -35.12
CA THR H 174 -48.44 -13.02 -35.05
C THR H 174 -47.71 -13.37 -33.76
N PHE H 175 -48.42 -14.00 -32.85
CA PHE H 175 -47.88 -14.21 -31.52
C PHE H 175 -46.95 -15.40 -31.47
N PRO H 176 -45.93 -15.37 -30.61
CA PRO H 176 -45.12 -16.56 -30.37
C PRO H 176 -46.00 -17.72 -29.96
N ALA H 177 -45.65 -18.91 -30.45
CA ALA H 177 -46.41 -20.10 -30.12
C ALA H 177 -46.28 -20.43 -28.65
N VAL H 178 -47.25 -21.19 -28.15
CA VAL H 178 -47.21 -21.74 -26.81
C VAL H 178 -47.28 -23.24 -26.92
N LEU H 179 -46.66 -23.93 -25.95
CA LEU H 179 -46.71 -25.38 -25.89
C LEU H 179 -47.86 -25.79 -24.98
N GLN H 180 -48.77 -26.60 -25.50
CA GLN H 180 -49.90 -27.08 -24.72
C GLN H 180 -49.52 -28.34 -23.95
N SER H 181 -50.35 -28.68 -22.97
CA SER H 181 -50.12 -29.87 -22.16
C SER H 181 -50.15 -31.15 -22.99
N SER H 182 -50.81 -31.12 -24.15
CA SER H 182 -50.84 -32.27 -25.05
C SER H 182 -49.52 -32.48 -25.80
N GLY H 183 -48.60 -31.53 -25.71
CA GLY H 183 -47.37 -31.60 -26.47
C GLY H 183 -47.42 -30.94 -27.83
N LEU H 184 -48.58 -30.40 -28.22
CA LEU H 184 -48.73 -29.70 -29.49
C LEU H 184 -48.67 -28.20 -29.27
N TYR H 185 -48.21 -27.49 -30.28
CA TYR H 185 -48.09 -26.03 -30.21
C TYR H 185 -49.37 -25.37 -30.72
N SER H 186 -49.47 -24.08 -30.44
CA SER H 186 -50.64 -23.30 -30.82
C SER H 186 -50.24 -21.83 -30.85
N LEU H 187 -50.82 -21.09 -31.79
CA LEU H 187 -50.60 -19.65 -31.85
C LEU H 187 -51.81 -19.00 -32.50
N SER H 188 -51.84 -17.67 -32.45
CA SER H 188 -52.84 -16.88 -33.14
C SER H 188 -52.15 -15.76 -33.90
N SER H 189 -52.79 -15.34 -34.98
CA SER H 189 -52.34 -14.20 -35.77
C SER H 189 -53.53 -13.29 -35.97
N VAL H 190 -53.39 -12.02 -35.58
CA VAL H 190 -54.49 -11.08 -35.65
C VAL H 190 -54.05 -9.88 -36.50
N VAL H 191 -55.05 -9.17 -37.03
CA VAL H 191 -54.81 -7.96 -37.80
C VAL H 191 -55.97 -7.01 -37.57
N THR H 192 -55.66 -5.72 -37.51
CA THR H 192 -56.65 -4.67 -37.35
C THR H 192 -56.95 -4.07 -38.72
N VAL H 193 -58.24 -3.96 -39.04
CA VAL H 193 -58.67 -3.46 -40.34
C VAL H 193 -59.72 -2.37 -40.11
N PRO H 194 -59.93 -1.52 -41.12
CA PRO H 194 -61.01 -0.52 -41.01
C PRO H 194 -62.38 -1.19 -40.95
N SER H 195 -63.21 -0.71 -40.02
CA SER H 195 -64.55 -1.27 -39.87
C SER H 195 -65.40 -1.05 -41.11
N SER H 196 -65.13 0.00 -41.89
CA SER H 196 -65.96 0.32 -43.05
CA SER H 196 -65.97 0.31 -43.04
C SER H 196 -65.86 -0.74 -44.14
N SER H 197 -64.76 -1.50 -44.18
CA SER H 197 -64.52 -2.46 -45.24
C SER H 197 -64.94 -3.88 -44.87
N LEU H 198 -65.66 -4.06 -43.76
CA LEU H 198 -65.95 -5.41 -43.29
C LEU H 198 -66.87 -6.18 -44.23
N GLY H 199 -67.57 -5.50 -45.13
CA GLY H 199 -68.46 -6.19 -46.04
C GLY H 199 -67.86 -6.47 -47.40
N THR H 200 -67.04 -5.55 -47.91
CA THR H 200 -66.51 -5.66 -49.26
C THR H 200 -65.11 -6.26 -49.33
N GLN H 201 -64.31 -6.11 -48.29
CA GLN H 201 -62.93 -6.56 -48.33
C GLN H 201 -62.82 -8.05 -48.02
N THR H 202 -61.74 -8.65 -48.49
CA THR H 202 -61.45 -10.07 -48.28
C THR H 202 -60.13 -10.20 -47.53
N TYR H 203 -60.15 -10.97 -46.44
CA TYR H 203 -58.98 -11.19 -45.61
C TYR H 203 -58.73 -12.68 -45.51
N ILE H 204 -57.54 -13.11 -45.92
CA ILE H 204 -57.18 -14.53 -45.95
C ILE H 204 -55.85 -14.69 -45.24
N CYS H 205 -55.83 -15.53 -44.21
CA CYS H 205 -54.59 -15.88 -43.55
C CYS H 205 -54.00 -17.12 -44.20
N ASN H 206 -52.67 -17.09 -44.40
CA ASN H 206 -51.93 -18.16 -45.03
C ASN H 206 -51.03 -18.81 -44.00
N VAL H 207 -51.23 -20.11 -43.77
CA VAL H 207 -50.51 -20.87 -42.76
C VAL H 207 -49.67 -21.93 -43.46
N ASN H 208 -48.37 -21.91 -43.22
CA ASN H 208 -47.43 -22.85 -43.83
C ASN H 208 -46.67 -23.56 -42.72
N HIS H 209 -46.75 -24.90 -42.71
CA HIS H 209 -46.08 -25.75 -41.73
C HIS H 209 -45.18 -26.71 -42.53
N LYS H 210 -43.94 -26.30 -42.74
CA LYS H 210 -43.04 -27.09 -43.57
C LYS H 210 -42.71 -28.48 -43.03
N PRO H 211 -42.65 -28.74 -41.73
CA PRO H 211 -42.39 -30.13 -41.29
C PRO H 211 -43.42 -31.13 -41.79
N SER H 212 -44.69 -30.73 -41.86
CA SER H 212 -45.76 -31.60 -42.34
C SER H 212 -46.15 -31.33 -43.79
N ASN H 213 -45.44 -30.41 -44.46
CA ASN H 213 -45.72 -30.08 -45.85
C ASN H 213 -47.18 -29.62 -46.01
N THR H 214 -47.60 -28.69 -45.16
CA THR H 214 -48.98 -28.24 -45.08
C THR H 214 -49.06 -26.77 -45.43
N LYS H 215 -49.90 -26.45 -46.41
CA LYS H 215 -50.24 -25.06 -46.74
C LYS H 215 -51.75 -24.91 -46.67
N VAL H 216 -52.21 -24.01 -45.80
CA VAL H 216 -53.63 -23.79 -45.56
C VAL H 216 -53.95 -22.33 -45.80
N ASP H 217 -55.03 -22.08 -46.54
CA ASP H 217 -55.57 -20.74 -46.72
C ASP H 217 -56.98 -20.72 -46.15
N LYS H 218 -57.26 -19.74 -45.31
CA LYS H 218 -58.56 -19.64 -44.64
C LYS H 218 -59.04 -18.21 -44.74
N LYS H 219 -60.21 -18.02 -45.35
CA LYS H 219 -60.81 -16.70 -45.43
C LYS H 219 -61.59 -16.44 -44.14
N VAL H 220 -61.37 -15.27 -43.56
CA VAL H 220 -62.01 -14.89 -42.29
C VAL H 220 -63.17 -13.98 -42.61
N GLU H 221 -64.38 -14.46 -42.39
CA GLU H 221 -65.57 -13.66 -42.65
C GLU H 221 -66.26 -13.27 -41.35
N PRO H 222 -66.98 -12.16 -41.33
CA PRO H 222 -67.72 -11.78 -40.13
C PRO H 222 -68.82 -12.79 -39.81
N LYS H 223 -69.02 -13.02 -38.52
CA LYS H 223 -70.03 -13.96 -38.06
C LYS H 223 -71.44 -13.40 -38.28
N ASP I 1 -21.61 -23.02 -7.10
CA ASP I 1 -20.97 -22.34 -8.23
C ASP I 1 -21.19 -20.83 -8.17
N ILE I 2 -20.39 -20.10 -8.94
CA ILE I 2 -20.51 -18.64 -8.98
C ILE I 2 -21.78 -18.26 -9.75
N GLN I 3 -22.59 -17.40 -9.16
CA GLN I 3 -23.87 -16.99 -9.75
C GLN I 3 -23.81 -15.51 -10.10
N MET I 4 -24.24 -15.18 -11.31
CA MET I 4 -24.33 -13.80 -11.77
C MET I 4 -25.77 -13.31 -11.67
N THR I 5 -25.93 -12.03 -11.32
CA THR I 5 -27.26 -11.42 -11.18
C THR I 5 -27.20 -10.00 -11.69
N GLN I 6 -28.05 -9.68 -12.66
CA GLN I 6 -28.09 -8.36 -13.26
C GLN I 6 -29.26 -7.55 -12.71
N SER I 7 -29.13 -6.22 -12.84
CA SER I 7 -30.14 -5.29 -12.37
C SER I 7 -30.14 -4.08 -13.29
N PRO I 8 -31.32 -3.67 -13.80
CA PRO I 8 -32.57 -4.40 -13.63
C PRO I 8 -32.78 -5.43 -14.73
N SER I 9 -33.95 -6.07 -14.75
CA SER I 9 -34.25 -7.05 -15.80
CA SER I 9 -34.24 -7.05 -15.80
C SER I 9 -34.65 -6.36 -17.09
N THR I 10 -35.40 -5.27 -16.99
CA THR I 10 -35.83 -4.48 -18.13
C THR I 10 -35.51 -3.02 -17.86
N LEU I 11 -35.06 -2.32 -18.89
CA LEU I 11 -34.66 -0.93 -18.77
C LEU I 11 -35.31 -0.14 -19.89
N SER I 12 -35.95 0.98 -19.54
CA SER I 12 -36.59 1.85 -20.51
C SER I 12 -35.75 3.10 -20.70
N ALA I 13 -35.47 3.46 -21.95
CA ALA I 13 -34.62 4.60 -22.25
C ALA I 13 -34.95 5.11 -23.65
N SER I 14 -34.42 6.28 -23.95
CA SER I 14 -34.60 6.93 -25.25
C SER I 14 -33.26 7.05 -25.96
N VAL I 15 -33.33 7.32 -27.26
CA VAL I 15 -32.13 7.45 -28.07
C VAL I 15 -31.35 8.68 -27.62
N GLY I 16 -30.06 8.48 -27.32
CA GLY I 16 -29.21 9.55 -26.86
C GLY I 16 -29.09 9.68 -25.36
N ASP I 17 -29.50 8.65 -24.61
CA ASP I 17 -29.44 8.68 -23.15
C ASP I 17 -28.21 7.94 -22.65
N ARG I 18 -27.92 8.14 -21.37
CA ARG I 18 -26.85 7.44 -20.66
C ARG I 18 -27.51 6.43 -19.74
N VAL I 19 -27.28 5.15 -20.01
CA VAL I 19 -27.89 4.07 -19.23
C VAL I 19 -26.79 3.34 -18.46
N THR I 20 -27.21 2.61 -17.44
CA THR I 20 -26.28 1.87 -16.59
C THR I 20 -26.92 0.55 -16.20
N ILE I 21 -26.17 -0.54 -16.37
CA ILE I 21 -26.64 -1.88 -16.05
C ILE I 21 -25.70 -2.46 -15.01
N THR I 22 -26.27 -3.07 -13.98
CA THR I 22 -25.49 -3.63 -12.88
C THR I 22 -25.38 -5.14 -13.03
N CYS I 23 -24.19 -5.67 -12.79
CA CYS I 23 -23.94 -7.10 -12.73
C CYS I 23 -23.31 -7.41 -11.37
N ARG I 24 -23.86 -8.39 -10.68
CA ARG I 24 -23.42 -8.76 -9.34
C ARG I 24 -22.92 -10.20 -9.35
N ALA I 25 -21.80 -10.43 -8.67
CA ALA I 25 -21.20 -11.75 -8.55
C ALA I 25 -21.41 -12.29 -7.15
N SER I 26 -21.55 -13.61 -7.05
CA SER I 26 -21.69 -14.26 -5.75
C SER I 26 -20.37 -14.38 -5.00
N GLN I 27 -19.24 -14.38 -5.71
CA GLN I 27 -17.93 -14.34 -5.09
C GLN I 27 -16.99 -13.56 -5.98
N SER I 28 -15.79 -13.27 -5.46
CA SER I 28 -14.84 -12.43 -6.18
C SER I 28 -14.38 -13.10 -7.46
N ILE I 29 -14.36 -12.33 -8.55
CA ILE I 29 -13.94 -12.83 -9.85
C ILE I 29 -12.90 -11.89 -10.46
N SER I 30 -12.31 -11.04 -9.63
CA SER I 30 -11.30 -10.05 -10.03
C SER I 30 -11.90 -9.22 -11.17
N SER I 31 -11.22 -9.08 -12.30
CA SER I 31 -11.76 -8.40 -13.47
C SER I 31 -12.19 -9.37 -14.56
N TRP I 32 -12.22 -10.67 -14.27
CA TRP I 32 -12.56 -11.68 -15.27
C TRP I 32 -14.06 -11.67 -15.55
N LEU I 33 -14.56 -10.56 -16.09
CA LEU I 33 -15.97 -10.43 -16.44
C LEU I 33 -16.08 -9.88 -17.85
N ALA I 34 -17.03 -10.41 -18.61
CA ALA I 34 -17.29 -9.94 -19.96
C ALA I 34 -18.76 -9.55 -20.09
N TRP I 35 -19.04 -8.75 -21.11
CA TRP I 35 -20.40 -8.34 -21.45
C TRP I 35 -20.69 -8.70 -22.90
N TYR I 36 -21.90 -9.19 -23.15
CA TYR I 36 -22.33 -9.59 -24.49
C TYR I 36 -23.64 -8.91 -24.82
N GLN I 37 -23.80 -8.57 -26.10
CA GLN I 37 -25.04 -7.99 -26.62
C GLN I 37 -25.75 -9.05 -27.48
N GLN I 38 -27.05 -9.19 -27.30
CA GLN I 38 -27.83 -10.12 -28.09
C GLN I 38 -29.15 -9.47 -28.49
N LYS I 39 -29.40 -9.42 -29.80
CA LYS I 39 -30.66 -9.02 -30.40
C LYS I 39 -31.55 -10.24 -30.58
N PRO I 40 -32.87 -10.07 -30.52
CA PRO I 40 -33.77 -11.22 -30.58
C PRO I 40 -33.54 -12.05 -31.84
N GLY I 41 -33.37 -13.35 -31.65
CA GLY I 41 -33.16 -14.28 -32.74
C GLY I 41 -31.75 -14.34 -33.28
N LYS I 42 -30.81 -13.61 -32.70
CA LYS I 42 -29.44 -13.53 -33.19
C LYS I 42 -28.46 -14.05 -32.14
N ALA I 43 -27.23 -14.09 -32.52
CA ALA I 43 -26.11 -14.56 -31.73
C ALA I 43 -25.56 -13.46 -30.84
N PRO I 44 -25.04 -13.81 -29.67
CA PRO I 44 -24.41 -12.79 -28.80
C PRO I 44 -23.12 -12.26 -29.43
N LYS I 45 -22.87 -10.97 -29.23
CA LYS I 45 -21.66 -10.31 -29.69
C LYS I 45 -20.86 -9.81 -28.49
N LEU I 46 -19.57 -10.13 -28.46
CA LEU I 46 -18.73 -9.73 -27.34
C LEU I 46 -18.54 -8.21 -27.34
N LEU I 47 -18.88 -7.58 -26.23
CA LEU I 47 -18.74 -6.13 -26.11
C LEU I 47 -17.42 -5.75 -25.47
N ILE I 48 -17.27 -6.07 -24.18
CA ILE I 48 -16.05 -5.73 -23.45
C ILE I 48 -15.56 -6.97 -22.71
N TYR I 49 -14.25 -7.09 -22.60
CA TYR I 49 -13.60 -8.17 -21.87
C TYR I 49 -12.70 -7.59 -20.78
N LYS I 50 -12.43 -8.42 -19.78
CA LYS I 50 -11.66 -8.00 -18.61
C LYS I 50 -12.23 -6.72 -18.02
N ALA I 51 -13.55 -6.72 -17.81
CA ALA I 51 -14.29 -5.65 -17.16
C ALA I 51 -14.30 -4.35 -17.97
N SER I 52 -13.14 -3.90 -18.47
CA SER I 52 -13.04 -2.57 -19.04
C SER I 52 -12.54 -2.49 -20.47
N SER I 53 -11.94 -3.54 -21.02
CA SER I 53 -11.35 -3.46 -22.35
C SER I 53 -12.40 -3.72 -23.42
N LEU I 54 -12.44 -2.86 -24.43
CA LEU I 54 -13.40 -2.97 -25.53
C LEU I 54 -12.84 -3.84 -26.65
N GLU I 55 -13.69 -4.72 -27.18
CA GLU I 55 -13.29 -5.59 -28.28
C GLU I 55 -13.09 -4.78 -29.56
N SER I 56 -12.19 -5.26 -30.41
CA SER I 56 -11.91 -4.59 -31.67
C SER I 56 -13.18 -4.50 -32.51
N GLY I 57 -13.58 -3.27 -32.83
CA GLY I 57 -14.79 -3.02 -33.58
C GLY I 57 -15.95 -2.48 -32.76
N VAL I 58 -15.86 -2.55 -31.44
CA VAL I 58 -16.94 -2.08 -30.57
C VAL I 58 -16.97 -0.55 -30.58
N PRO I 59 -18.14 0.08 -30.73
CA PRO I 59 -18.19 1.54 -30.72
C PRO I 59 -17.68 2.11 -29.40
N SER I 60 -17.10 3.31 -29.49
CA SER I 60 -16.52 3.96 -28.33
C SER I 60 -17.56 4.39 -27.29
N ARG I 61 -18.85 4.40 -27.65
CA ARG I 61 -19.87 4.79 -26.69
C ARG I 61 -20.02 3.78 -25.57
N PHE I 62 -19.72 2.50 -25.83
CA PHE I 62 -19.81 1.48 -24.81
C PHE I 62 -18.64 1.60 -23.83
N SER I 63 -18.95 1.44 -22.54
CA SER I 63 -17.95 1.55 -21.49
CA SER I 63 -17.96 1.56 -21.49
C SER I 63 -18.24 0.52 -20.42
N GLY I 64 -17.21 0.22 -19.63
CA GLY I 64 -17.35 -0.74 -18.55
C GLY I 64 -16.32 -0.57 -17.47
N SER I 65 -16.73 -0.76 -16.22
CA SER I 65 -15.82 -0.63 -15.09
C SER I 65 -16.32 -1.49 -13.95
N GLY I 66 -15.43 -1.75 -13.00
CA GLY I 66 -15.75 -2.54 -11.83
C GLY I 66 -14.77 -3.68 -11.63
N SER I 67 -14.64 -4.12 -10.38
CA SER I 67 -13.77 -5.24 -10.03
C SER I 67 -14.26 -5.87 -8.73
N GLY I 68 -13.93 -7.14 -8.56
CA GLY I 68 -14.39 -7.87 -7.39
C GLY I 68 -15.70 -8.59 -7.61
N THR I 69 -16.80 -7.93 -7.26
CA THR I 69 -18.11 -8.56 -7.37
C THR I 69 -19.11 -7.69 -8.11
N GLU I 70 -18.99 -6.37 -7.97
CA GLU I 70 -19.92 -5.44 -8.58
C GLU I 70 -19.33 -4.88 -9.87
N PHE I 71 -20.14 -4.84 -10.92
CA PHE I 71 -19.70 -4.37 -12.23
C PHE I 71 -20.80 -3.51 -12.86
N THR I 72 -20.41 -2.73 -13.86
CA THR I 72 -21.31 -1.76 -14.45
C THR I 72 -21.01 -1.60 -15.94
N LEU I 73 -22.06 -1.69 -16.76
CA LEU I 73 -21.99 -1.40 -18.18
C LEU I 73 -22.66 -0.06 -18.44
N THR I 74 -21.93 0.85 -19.08
CA THR I 74 -22.42 2.21 -19.32
C THR I 74 -22.40 2.49 -20.82
N ILE I 75 -23.57 2.86 -21.35
CA ILE I 75 -23.72 3.25 -22.74
C ILE I 75 -23.97 4.75 -22.79
N SER I 76 -22.97 5.51 -23.20
CA SER I 76 -23.06 6.96 -23.27
C SER I 76 -23.53 7.36 -24.67
N GLY I 77 -24.73 7.94 -24.75
CA GLY I 77 -25.29 8.30 -26.03
C GLY I 77 -25.93 7.11 -26.73
N LEU I 78 -27.07 6.66 -26.22
CA LEU I 78 -27.72 5.48 -26.75
C LEU I 78 -28.16 5.71 -28.19
N GLN I 79 -27.82 4.77 -29.06
CA GLN I 79 -28.18 4.79 -30.47
C GLN I 79 -29.20 3.72 -30.79
N PRO I 80 -29.93 3.84 -31.91
CA PRO I 80 -30.99 2.86 -32.20
C PRO I 80 -30.51 1.43 -32.31
N ASP I 81 -29.25 1.22 -32.71
CA ASP I 81 -28.70 -0.13 -32.81
C ASP I 81 -28.45 -0.77 -31.45
N ASP I 82 -28.54 -0.01 -30.37
CA ASP I 82 -28.19 -0.50 -29.05
C ASP I 82 -29.38 -1.08 -28.28
N PHE I 83 -30.57 -1.09 -28.88
CA PHE I 83 -31.75 -1.65 -28.24
C PHE I 83 -31.70 -3.16 -28.36
N ALA I 84 -31.31 -3.83 -27.29
CA ALA I 84 -31.17 -5.28 -27.26
C ALA I 84 -31.07 -5.73 -25.81
N THR I 85 -30.71 -6.99 -25.61
CA THR I 85 -30.47 -7.54 -24.28
C THR I 85 -28.98 -7.70 -24.06
N TYR I 86 -28.52 -7.34 -22.86
CA TYR I 86 -27.11 -7.38 -22.51
C TYR I 86 -26.89 -8.38 -21.39
N TYR I 87 -25.98 -9.33 -21.61
CA TYR I 87 -25.62 -10.33 -20.62
C TYR I 87 -24.20 -10.09 -20.12
N CYS I 88 -23.99 -10.36 -18.84
CA CYS I 88 -22.65 -10.39 -18.25
C CYS I 88 -22.26 -11.84 -17.96
N GLN I 89 -20.97 -12.11 -18.04
CA GLN I 89 -20.44 -13.46 -17.90
C GLN I 89 -19.12 -13.41 -17.16
N GLN I 90 -18.96 -14.30 -16.18
CA GLN I 90 -17.69 -14.46 -15.49
C GLN I 90 -16.92 -15.60 -16.14
N TYR I 91 -15.63 -15.36 -16.38
CA TYR I 91 -14.73 -16.42 -16.84
C TYR I 91 -13.61 -16.64 -15.85
N ASN I 92 -13.96 -16.62 -14.56
CA ASN I 92 -13.03 -16.94 -13.49
C ASN I 92 -13.03 -18.43 -13.19
N SER I 93 -14.21 -18.97 -12.85
CA SER I 93 -14.38 -20.40 -12.62
C SER I 93 -15.49 -20.89 -13.53
N TYR I 94 -15.14 -21.70 -14.51
CA TYR I 94 -16.06 -22.13 -15.58
C TYR I 94 -16.62 -20.88 -16.25
N TRP I 95 -17.86 -20.93 -16.73
CA TRP I 95 -18.47 -19.79 -17.41
C TRP I 95 -19.94 -19.78 -17.06
N THR I 96 -20.37 -18.77 -16.29
CA THR I 96 -21.77 -18.58 -15.95
C THR I 96 -22.20 -17.18 -16.36
N PHE I 97 -23.49 -17.03 -16.65
CA PHE I 97 -24.05 -15.80 -17.18
C PHE I 97 -25.11 -15.25 -16.23
N GLY I 98 -25.36 -13.94 -16.35
CA GLY I 98 -26.50 -13.34 -15.70
C GLY I 98 -27.78 -13.62 -16.46
N GLN I 99 -28.91 -13.23 -15.85
CA GLN I 99 -30.21 -13.50 -16.47
C GLN I 99 -30.47 -12.59 -17.67
N GLY I 100 -29.79 -11.48 -17.77
CA GLY I 100 -29.93 -10.58 -18.90
C GLY I 100 -30.71 -9.33 -18.53
N THR I 101 -30.36 -8.22 -19.18
CA THR I 101 -31.05 -6.95 -19.03
C THR I 101 -31.49 -6.48 -20.41
N LYS I 102 -32.79 -6.28 -20.58
CA LYS I 102 -33.34 -5.81 -21.85
C LYS I 102 -33.49 -4.30 -21.82
N VAL I 103 -32.95 -3.64 -22.85
CA VAL I 103 -33.06 -2.20 -23.02
C VAL I 103 -34.12 -1.93 -24.07
N GLU I 104 -35.26 -1.42 -23.64
CA GLU I 104 -36.41 -1.21 -24.50
C GLU I 104 -36.58 0.27 -24.84
N ILE I 105 -37.32 0.53 -25.92
CA ILE I 105 -37.62 1.89 -26.35
C ILE I 105 -38.69 2.47 -25.45
N LYS I 106 -38.39 3.60 -24.82
CA LYS I 106 -39.34 4.25 -23.91
C LYS I 106 -40.33 5.11 -24.68
N ARG I 107 -41.58 5.08 -24.25
CA ARG I 107 -42.63 5.88 -24.87
C ARG I 107 -43.72 6.15 -23.84
N THR I 108 -44.72 6.93 -24.25
CA THR I 108 -45.80 7.29 -23.34
C THR I 108 -46.65 6.05 -23.03
N VAL I 109 -47.28 6.08 -21.86
CA VAL I 109 -48.14 4.98 -21.44
C VAL I 109 -49.35 4.92 -22.36
N ALA I 110 -49.69 3.71 -22.80
CA ALA I 110 -50.80 3.48 -23.70
C ALA I 110 -51.64 2.32 -23.18
N ALA I 111 -52.95 2.54 -23.08
CA ALA I 111 -53.85 1.51 -22.56
C ALA I 111 -54.14 0.46 -23.64
N PRO I 112 -54.35 -0.79 -23.25
CA PRO I 112 -54.67 -1.82 -24.24
C PRO I 112 -56.13 -1.75 -24.69
N SER I 113 -56.33 -1.97 -25.98
CA SER I 113 -57.66 -2.17 -26.54
C SER I 113 -57.99 -3.64 -26.42
N VAL I 114 -59.03 -3.97 -25.64
CA VAL I 114 -59.33 -5.36 -25.30
C VAL I 114 -60.42 -5.87 -26.24
N PHE I 115 -60.18 -7.03 -26.83
CA PHE I 115 -61.14 -7.71 -27.69
C PHE I 115 -61.24 -9.16 -27.25
N ILE I 116 -62.36 -9.79 -27.60
CA ILE I 116 -62.61 -11.18 -27.22
C ILE I 116 -63.22 -11.92 -28.40
N PHE I 117 -62.82 -13.17 -28.58
CA PHE I 117 -63.26 -13.98 -29.72
C PHE I 117 -63.83 -15.29 -29.21
N PRO I 118 -65.14 -15.52 -29.33
CA PRO I 118 -65.70 -16.82 -28.97
C PRO I 118 -65.19 -17.91 -29.90
N PRO I 119 -65.27 -19.17 -29.49
CA PRO I 119 -64.84 -20.26 -30.39
C PRO I 119 -65.71 -20.32 -31.63
N SER I 120 -65.07 -20.58 -32.77
CA SER I 120 -65.81 -20.70 -34.01
C SER I 120 -66.65 -21.97 -34.02
N ASP I 121 -67.65 -22.00 -34.90
CA ASP I 121 -68.47 -23.20 -35.04
C ASP I 121 -67.65 -24.38 -35.55
N GLU I 122 -66.65 -24.12 -36.40
CA GLU I 122 -65.83 -25.20 -36.95
C GLU I 122 -65.05 -25.92 -35.86
N GLN I 123 -64.48 -25.17 -34.92
CA GLN I 123 -63.75 -25.80 -33.82
C GLN I 123 -64.69 -26.55 -32.90
N LEU I 124 -65.88 -25.99 -32.65
CA LEU I 124 -66.84 -26.64 -31.76
C LEU I 124 -67.30 -27.98 -32.31
N LYS I 125 -67.32 -28.13 -33.63
CA LYS I 125 -67.68 -29.42 -34.21
C LYS I 125 -66.61 -30.47 -33.94
N SER I 126 -65.34 -30.05 -33.77
CA SER I 126 -64.27 -30.98 -33.47
C SER I 126 -64.21 -31.36 -31.99
N GLY I 127 -65.01 -30.72 -31.14
CA GLY I 127 -65.09 -31.08 -29.74
C GLY I 127 -64.26 -30.25 -28.78
N THR I 128 -63.70 -29.14 -29.25
CA THR I 128 -62.87 -28.28 -28.41
C THR I 128 -63.31 -26.84 -28.58
N ALA I 129 -63.23 -26.08 -27.49
CA ALA I 129 -63.59 -24.66 -27.49
C ALA I 129 -62.40 -23.85 -27.00
N SER I 130 -61.93 -22.93 -27.84
CA SER I 130 -60.89 -21.98 -27.46
C SER I 130 -61.48 -20.58 -27.47
N VAL I 131 -61.27 -19.85 -26.37
CA VAL I 131 -61.71 -18.47 -26.24
C VAL I 131 -60.47 -17.59 -26.18
N VAL I 132 -60.42 -16.58 -27.04
CA VAL I 132 -59.23 -15.75 -27.19
C VAL I 132 -59.54 -14.33 -26.78
N CYS I 133 -58.72 -13.78 -25.89
CA CYS I 133 -58.78 -12.39 -25.48
C CYS I 133 -57.54 -11.69 -26.00
N LEU I 134 -57.75 -10.58 -26.71
CA LEU I 134 -56.67 -9.86 -27.38
C LEU I 134 -56.46 -8.51 -26.71
N LEU I 135 -55.24 -8.25 -26.27
CA LEU I 135 -54.83 -6.95 -25.74
C LEU I 135 -53.90 -6.32 -26.76
N ASN I 136 -54.36 -5.26 -27.40
CA ASN I 136 -53.72 -4.73 -28.60
C ASN I 136 -53.02 -3.40 -28.28
N ASN I 137 -51.71 -3.35 -28.57
CA ASN I 137 -50.92 -2.12 -28.66
C ASN I 137 -50.97 -1.31 -27.35
N PHE I 138 -50.30 -1.86 -26.34
CA PHE I 138 -50.24 -1.19 -25.04
C PHE I 138 -48.78 -1.01 -24.62
N TYR I 139 -48.59 -0.19 -23.59
CA TYR I 139 -47.27 0.07 -23.01
C TYR I 139 -47.46 0.63 -21.62
N PRO I 140 -46.69 0.20 -20.62
CA PRO I 140 -45.61 -0.80 -20.72
C PRO I 140 -46.12 -2.23 -20.84
N ARG I 141 -45.19 -3.19 -20.88
CA ARG I 141 -45.54 -4.57 -21.14
C ARG I 141 -46.30 -5.21 -19.98
N GLU I 142 -46.10 -4.73 -18.75
CA GLU I 142 -46.70 -5.36 -17.59
C GLU I 142 -48.21 -5.23 -17.64
N ALA I 143 -48.91 -6.37 -17.71
CA ALA I 143 -50.36 -6.38 -17.76
C ALA I 143 -50.86 -7.62 -17.02
N LYS I 144 -52.13 -7.58 -16.63
CA LYS I 144 -52.76 -8.67 -15.88
C LYS I 144 -54.03 -9.09 -16.60
N VAL I 145 -54.19 -10.39 -16.80
CA VAL I 145 -55.30 -10.97 -17.55
C VAL I 145 -55.89 -12.11 -16.73
N GLN I 146 -57.16 -12.00 -16.36
CA GLN I 146 -57.85 -13.04 -15.63
C GLN I 146 -59.16 -13.38 -16.32
N TRP I 147 -59.49 -14.67 -16.34
CA TRP I 147 -60.70 -15.17 -16.98
C TRP I 147 -61.76 -15.47 -15.94
N LYS I 148 -63.00 -15.10 -16.24
CA LYS I 148 -64.14 -15.39 -15.38
C LYS I 148 -65.24 -16.03 -16.22
N VAL I 149 -65.71 -17.19 -15.78
CA VAL I 149 -66.79 -17.92 -16.44
C VAL I 149 -67.99 -17.92 -15.50
N ASP I 150 -69.02 -17.17 -15.87
CA ASP I 150 -70.18 -16.93 -15.00
C ASP I 150 -69.73 -16.39 -13.65
N ASN I 151 -68.90 -15.33 -13.70
CA ASN I 151 -68.38 -14.66 -12.51
CA ASN I 151 -68.38 -14.67 -12.51
C ASN I 151 -67.62 -15.62 -11.60
N ALA I 152 -66.93 -16.60 -12.19
CA ALA I 152 -66.13 -17.55 -11.42
C ALA I 152 -64.72 -17.55 -12.00
N LEU I 153 -63.74 -17.25 -11.15
CA LEU I 153 -62.36 -17.11 -11.60
C LEU I 153 -61.78 -18.45 -12.04
N GLN I 154 -61.10 -18.45 -13.18
CA GLN I 154 -60.50 -19.63 -13.77
C GLN I 154 -59.03 -19.74 -13.41
N SER I 155 -58.54 -20.98 -13.32
CA SER I 155 -57.14 -21.23 -13.01
C SER I 155 -56.68 -22.49 -13.71
N GLY I 156 -55.50 -22.42 -14.31
CA GLY I 156 -54.87 -23.59 -14.89
C GLY I 156 -55.43 -24.04 -16.23
N ASN I 157 -56.18 -23.18 -16.92
CA ASN I 157 -56.77 -23.56 -18.21
C ASN I 157 -56.60 -22.47 -19.26
N SER I 158 -55.66 -21.56 -19.06
CA SER I 158 -55.36 -20.53 -20.06
C SER I 158 -53.85 -20.41 -20.23
N GLN I 159 -53.44 -19.88 -21.37
CA GLN I 159 -52.04 -19.60 -21.67
C GLN I 159 -51.93 -18.27 -22.38
N GLU I 160 -50.89 -17.51 -22.05
CA GLU I 160 -50.69 -16.17 -22.60
C GLU I 160 -49.48 -16.16 -23.52
N SER I 161 -49.49 -15.19 -24.43
CA SER I 161 -48.38 -14.95 -25.34
C SER I 161 -48.31 -13.46 -25.61
N VAL I 162 -47.10 -12.91 -25.58
CA VAL I 162 -46.87 -11.49 -25.79
C VAL I 162 -45.95 -11.32 -26.99
N THR I 163 -46.16 -10.23 -27.73
CA THR I 163 -45.31 -9.95 -28.87
C THR I 163 -44.06 -9.20 -28.42
N GLU I 164 -43.08 -9.14 -29.31
CA GLU I 164 -41.94 -8.27 -29.11
C GLU I 164 -42.37 -6.82 -29.29
N GLN I 165 -41.55 -5.89 -28.80
CA GLN I 165 -41.88 -4.48 -28.91
C GLN I 165 -41.91 -4.06 -30.38
N ASP I 166 -43.00 -3.39 -30.76
CA ASP I 166 -43.19 -3.02 -32.15
C ASP I 166 -42.16 -1.98 -32.58
N SER I 167 -41.79 -2.04 -33.87
CA SER I 167 -40.79 -1.11 -34.39
C SER I 167 -41.40 0.24 -34.76
N LYS I 168 -42.67 0.27 -35.12
CA LYS I 168 -43.30 1.51 -35.54
C LYS I 168 -43.72 2.36 -34.34
N ASP I 169 -44.60 1.82 -33.49
CA ASP I 169 -45.17 2.58 -32.39
C ASP I 169 -44.63 2.16 -31.02
N SER I 170 -43.74 1.16 -30.97
CA SER I 170 -43.06 0.76 -29.74
C SER I 170 -44.04 0.27 -28.68
N THR I 171 -45.06 -0.46 -29.10
CA THR I 171 -46.04 -1.04 -28.19
C THR I 171 -45.94 -2.56 -28.19
N TYR I 172 -46.58 -3.16 -27.19
CA TYR I 172 -46.69 -4.60 -27.05
C TYR I 172 -48.12 -5.04 -27.32
N SER I 173 -48.27 -6.32 -27.60
CA SER I 173 -49.59 -6.93 -27.73
C SER I 173 -49.57 -8.29 -27.07
N LEU I 174 -50.72 -8.69 -26.53
CA LEU I 174 -50.84 -9.93 -25.78
C LEU I 174 -52.13 -10.64 -26.15
N SER I 175 -52.08 -11.97 -26.16
CA SER I 175 -53.25 -12.80 -26.37
C SER I 175 -53.34 -13.82 -25.24
N SER I 176 -54.54 -14.00 -24.69
CA SER I 176 -54.80 -15.02 -23.69
C SER I 176 -55.86 -15.97 -24.22
N THR I 177 -55.58 -17.27 -24.14
CA THR I 177 -56.43 -18.29 -24.74
C THR I 177 -56.93 -19.21 -23.64
N LEU I 178 -58.25 -19.21 -23.44
CA LEU I 178 -58.90 -20.12 -22.52
C LEU I 178 -59.37 -21.35 -23.29
N THR I 179 -58.96 -22.53 -22.85
CA THR I 179 -59.25 -23.77 -23.56
C THR I 179 -60.18 -24.63 -22.74
N LEU I 180 -61.32 -24.99 -23.32
CA LEU I 180 -62.32 -25.84 -22.68
C LEU I 180 -62.77 -26.93 -23.65
N SER I 181 -63.24 -28.03 -23.08
CA SER I 181 -63.93 -29.02 -23.90
C SER I 181 -65.28 -28.46 -24.35
N LYS I 182 -65.79 -29.02 -25.46
CA LYS I 182 -67.06 -28.56 -25.99
C LYS I 182 -68.18 -28.74 -24.99
N ALA I 183 -68.19 -29.89 -24.30
CA ALA I 183 -69.25 -30.18 -23.33
C ALA I 183 -69.20 -29.20 -22.16
N ASP I 184 -68.00 -28.83 -21.70
CA ASP I 184 -67.89 -27.87 -20.62
C ASP I 184 -68.24 -26.46 -21.08
N TYR I 185 -67.91 -26.13 -22.34
CA TYR I 185 -68.21 -24.81 -22.86
C TYR I 185 -69.72 -24.54 -22.90
N GLU I 186 -70.52 -25.57 -23.17
CA GLU I 186 -71.96 -25.40 -23.29
C GLU I 186 -72.67 -25.40 -21.94
N LYS I 187 -71.96 -25.70 -20.86
CA LYS I 187 -72.55 -25.69 -19.52
C LYS I 187 -72.51 -24.32 -18.86
N HIS I 188 -72.00 -23.30 -19.54
CA HIS I 188 -71.91 -21.95 -19.00
C HIS I 188 -72.40 -20.96 -20.05
N LYS I 189 -72.64 -19.72 -19.61
CA LYS I 189 -73.16 -18.70 -20.50
C LYS I 189 -72.24 -17.50 -20.66
N VAL I 190 -71.78 -16.90 -19.57
CA VAL I 190 -71.01 -15.67 -19.64
C VAL I 190 -69.52 -16.00 -19.59
N TYR I 191 -68.80 -15.60 -20.63
CA TYR I 191 -67.35 -15.74 -20.71
C TYR I 191 -66.74 -14.36 -20.81
N ALA I 192 -65.77 -14.08 -19.94
CA ALA I 192 -65.21 -12.73 -19.85
C ALA I 192 -63.74 -12.80 -19.48
N CYS I 193 -63.01 -11.76 -19.86
CA CYS I 193 -61.62 -11.55 -19.44
CA CYS I 193 -61.65 -11.57 -19.39
C CYS I 193 -61.51 -10.18 -18.78
N GLU I 194 -60.79 -10.13 -17.66
CA GLU I 194 -60.60 -8.91 -16.89
C GLU I 194 -59.15 -8.47 -17.07
N VAL I 195 -58.95 -7.26 -17.57
CA VAL I 195 -57.63 -6.74 -17.94
C VAL I 195 -57.25 -5.63 -16.97
N THR I 196 -56.10 -5.78 -16.33
CA THR I 196 -55.54 -4.76 -15.44
C THR I 196 -54.27 -4.20 -16.06
N HIS I 197 -54.13 -2.88 -16.05
CA HIS I 197 -53.00 -2.22 -16.69
C HIS I 197 -52.85 -0.81 -16.12
N GLN I 198 -51.61 -0.32 -16.17
CA GLN I 198 -51.30 1.01 -15.63
C GLN I 198 -52.05 2.11 -16.35
N GLY I 199 -52.26 1.96 -17.66
CA GLY I 199 -52.99 2.97 -18.42
C GLY I 199 -54.48 3.01 -18.13
N LEU I 200 -55.03 1.94 -17.55
CA LEU I 200 -56.43 1.90 -17.20
C LEU I 200 -56.62 2.37 -15.76
N SER I 201 -57.59 3.27 -15.55
CA SER I 201 -57.87 3.73 -14.20
C SER I 201 -58.53 2.63 -13.36
N SER I 202 -59.23 1.71 -14.02
CA SER I 202 -59.91 0.60 -13.37
C SER I 202 -59.85 -0.61 -14.29
N PRO I 203 -59.87 -1.82 -13.73
CA PRO I 203 -59.84 -3.02 -14.57
C PRO I 203 -60.99 -3.03 -15.56
N VAL I 204 -60.71 -3.52 -16.76
CA VAL I 204 -61.66 -3.54 -17.87
C VAL I 204 -62.07 -4.99 -18.12
N THR I 205 -63.37 -5.22 -18.27
CA THR I 205 -63.91 -6.54 -18.55
C THR I 205 -64.54 -6.53 -19.93
N LYS I 206 -64.13 -7.46 -20.78
CA LYS I 206 -64.75 -7.71 -22.06
C LYS I 206 -65.41 -9.08 -22.01
N SER I 207 -66.69 -9.15 -22.36
CA SER I 207 -67.47 -10.36 -22.16
C SER I 207 -68.43 -10.59 -23.32
N PHE I 208 -68.85 -11.85 -23.45
CA PHE I 208 -69.92 -12.22 -24.36
C PHE I 208 -70.75 -13.33 -23.73
N ASN I 209 -71.93 -13.54 -24.27
CA ASN I 209 -72.82 -14.63 -23.87
C ASN I 209 -72.81 -15.69 -24.96
N ARG I 210 -72.59 -16.94 -24.56
CA ARG I 210 -72.54 -18.04 -25.52
C ARG I 210 -73.88 -18.18 -26.23
N GLY I 211 -73.86 -18.13 -27.56
CA GLY I 211 -75.03 -18.36 -28.37
C GLY I 211 -75.60 -17.15 -29.08
N GLU I 212 -74.89 -16.02 -29.12
CA GLU I 212 -75.40 -14.82 -29.76
C GLU I 212 -74.57 -14.43 -30.97
N PRO J 2 59.46 18.34 -0.10
CA PRO J 2 59.42 16.88 -0.22
C PRO J 2 58.03 16.30 0.00
N ASP J 3 57.96 14.98 0.13
CA ASP J 3 56.68 14.31 0.33
C ASP J 3 56.25 14.43 1.79
N PRO J 4 55.13 15.08 2.09
CA PRO J 4 54.68 15.13 3.48
C PRO J 4 54.32 13.77 4.05
N ASN J 5 53.90 12.83 3.20
CA ASN J 5 53.56 11.49 3.64
C ASN J 5 54.77 10.56 3.70
N ALA J 6 55.97 11.07 3.43
CA ALA J 6 57.17 10.26 3.54
C ALA J 6 57.54 10.06 5.00
N ASN J 7 58.61 9.30 5.24
CA ASN J 7 59.03 8.94 6.60
C ASN J 7 59.45 10.17 7.40
N PRO J 8 58.70 10.55 8.43
CA PRO J 8 59.09 11.68 9.28
C PRO J 8 59.98 11.31 10.45
N ASN J 9 60.27 10.02 10.65
CA ASN J 9 61.05 9.56 11.78
C ASN J 9 62.54 9.49 11.44
N GLN K 1 53.99 2.22 28.42
CA GLN K 1 54.01 2.31 26.96
C GLN K 1 54.00 3.77 26.51
N VAL K 2 53.66 3.99 25.24
CA VAL K 2 53.66 5.33 24.66
C VAL K 2 52.54 6.15 25.30
N GLN K 3 52.88 7.34 25.81
CA GLN K 3 51.90 8.24 26.40
CA GLN K 3 51.90 8.24 26.41
C GLN K 3 52.16 9.66 25.93
N LEU K 4 51.08 10.35 25.54
CA LEU K 4 51.14 11.74 25.09
C LEU K 4 50.13 12.53 25.89
N VAL K 5 50.60 13.53 26.63
CA VAL K 5 49.75 14.37 27.47
C VAL K 5 49.84 15.80 26.96
N GLU K 6 48.70 16.35 26.54
CA GLU K 6 48.63 17.70 26.03
C GLU K 6 48.00 18.64 27.06
N SER K 7 48.39 19.90 27.00
CA SER K 7 47.90 20.94 27.90
C SER K 7 47.77 22.25 27.14
N GLY K 8 47.36 23.30 27.85
CA GLY K 8 47.26 24.62 27.29
C GLY K 8 45.88 25.00 26.79
N GLY K 9 44.93 24.07 26.78
CA GLY K 9 43.59 24.40 26.33
C GLY K 9 42.90 25.34 27.31
N ASN K 10 42.26 26.37 26.75
CA ASN K 10 41.59 27.39 27.56
C ASN K 10 40.57 28.10 26.70
N VAL K 11 39.83 29.02 27.32
CA VAL K 11 38.93 29.91 26.60
C VAL K 11 39.73 31.09 26.07
N VAL K 12 39.62 31.36 24.78
CA VAL K 12 40.39 32.42 24.13
C VAL K 12 39.43 33.29 23.34
N GLN K 13 39.59 34.62 23.47
CA GLN K 13 38.74 35.54 22.73
C GLN K 13 39.08 35.50 21.25
N PRO K 14 38.08 35.67 20.38
CA PRO K 14 38.33 35.63 18.93
C PRO K 14 39.35 36.67 18.50
N GLY K 15 40.43 36.20 17.88
CA GLY K 15 41.50 37.05 17.45
C GLY K 15 42.72 37.08 18.35
N ARG K 16 42.65 36.41 19.50
CA ARG K 16 43.79 36.37 20.43
C ARG K 16 44.62 35.11 20.18
N SER K 17 45.67 34.95 20.96
CA SER K 17 46.64 33.87 20.78
C SER K 17 46.50 32.84 21.90
N LEU K 18 47.01 31.64 21.62
CA LEU K 18 47.05 30.56 22.60
C LEU K 18 48.05 29.51 22.11
N ARG K 19 48.90 29.03 23.02
CA ARG K 19 49.89 28.01 22.71
C ARG K 19 49.51 26.70 23.40
N LEU K 20 49.66 25.60 22.67
CA LEU K 20 49.37 24.27 23.19
C LEU K 20 50.68 23.51 23.38
N SER K 21 50.68 22.61 24.37
CA SER K 21 51.83 21.77 24.67
C SER K 21 51.42 20.30 24.60
N CYS K 22 52.43 19.44 24.53
CA CYS K 22 52.19 17.99 24.44
C CYS K 22 53.45 17.30 24.93
N THR K 23 53.46 16.88 26.19
CA THR K 23 54.59 16.14 26.74
C THR K 23 54.49 14.69 26.33
N ALA K 24 55.63 14.12 25.94
CA ALA K 24 55.70 12.73 25.51
C ALA K 24 56.47 11.90 26.53
N SER K 25 56.06 10.64 26.67
CA SER K 25 56.70 9.72 27.59
C SER K 25 56.47 8.29 27.09
N GLY K 26 57.30 7.38 27.59
CA GLY K 26 57.20 5.98 27.23
C GLY K 26 57.92 5.59 25.94
N PHE K 27 58.52 6.54 25.24
CA PHE K 27 59.24 6.26 24.01
C PHE K 27 60.28 7.35 23.80
N THR K 28 61.05 7.24 22.72
CA THR K 28 62.09 8.20 22.39
C THR K 28 61.48 9.28 21.50
N PHE K 29 61.35 10.49 22.06
CA PHE K 29 60.62 11.56 21.37
C PHE K 29 61.35 12.03 20.12
N SER K 30 62.67 12.15 20.19
CA SER K 30 63.45 12.67 19.08
C SER K 30 63.56 11.70 17.91
N SER K 31 62.97 10.51 18.01
CA SER K 31 63.07 9.50 16.97
C SER K 31 61.82 9.42 16.10
N TYR K 32 60.83 10.29 16.32
CA TYR K 32 59.56 10.19 15.61
C TYR K 32 59.06 11.58 15.25
N GLY K 33 58.35 11.65 14.12
CA GLY K 33 57.59 12.84 13.79
C GLY K 33 56.28 12.89 14.56
N MET K 34 55.67 14.06 14.60
CA MET K 34 54.47 14.29 15.39
C MET K 34 53.42 15.03 14.57
N HIS K 35 52.15 14.78 14.90
CA HIS K 35 51.02 15.44 14.27
C HIS K 35 50.17 16.17 15.32
N TRP K 36 49.40 17.14 14.85
CA TRP K 36 48.32 17.75 15.60
C TRP K 36 47.02 17.51 14.85
N VAL K 37 46.01 16.97 15.53
CA VAL K 37 44.71 16.68 14.93
C VAL K 37 43.63 17.22 15.87
N ARG K 38 42.70 17.99 15.33
CA ARG K 38 41.62 18.56 16.11
C ARG K 38 40.29 17.90 15.75
N GLN K 39 39.35 17.96 16.68
CA GLN K 39 38.06 17.29 16.53
C GLN K 39 36.96 18.14 17.12
N ALA K 40 35.91 18.37 16.34
CA ALA K 40 34.73 19.09 16.77
C ALA K 40 33.51 18.45 16.13
N PRO K 41 32.35 18.53 16.79
CA PRO K 41 31.15 17.86 16.24
C PRO K 41 30.72 18.36 14.87
N ASP K 42 31.15 19.56 14.45
CA ASP K 42 30.78 20.07 13.14
C ASP K 42 31.81 19.73 12.06
N LYS K 43 33.06 19.49 12.44
CA LYS K 43 34.11 19.17 11.48
C LYS K 43 34.55 17.72 11.51
N GLY K 44 34.24 16.98 12.57
CA GLY K 44 34.77 15.65 12.72
C GLY K 44 36.26 15.70 13.04
N LEU K 45 36.99 14.71 12.53
CA LEU K 45 38.44 14.67 12.67
C LEU K 45 39.09 15.44 11.53
N GLU K 46 39.97 16.37 11.89
CA GLU K 46 40.63 17.24 10.91
C GLU K 46 42.12 17.33 11.25
N TRP K 47 42.96 16.91 10.31
CA TRP K 47 44.40 17.04 10.50
C TRP K 47 44.81 18.51 10.45
N VAL K 48 45.80 18.87 11.27
CA VAL K 48 46.25 20.25 11.40
C VAL K 48 47.66 20.44 10.86
N ALA K 49 48.64 19.76 11.47
CA ALA K 49 50.04 19.98 11.11
C ALA K 49 50.87 18.75 11.46
N ILE K 50 52.02 18.66 10.82
CA ILE K 50 53.00 17.62 11.09
C ILE K 50 54.38 18.27 11.15
N ILE K 51 55.28 17.68 11.94
CA ILE K 51 56.65 18.16 12.06
C ILE K 51 57.58 16.96 12.08
N TRP K 52 58.73 17.11 11.41
CA TRP K 52 59.71 16.04 11.34
C TRP K 52 60.38 15.82 12.69
N TYR K 53 61.18 14.77 12.77
CA TYR K 53 61.82 14.41 14.04
C TYR K 53 62.80 15.49 14.49
N ASP K 54 63.53 16.10 13.54
CA ASP K 54 64.51 17.12 13.86
C ASP K 54 63.91 18.52 13.90
N GLY K 55 62.62 18.66 13.63
CA GLY K 55 61.98 19.96 13.62
C GLY K 55 62.13 20.76 12.35
N GLY K 56 62.78 20.20 11.33
CA GLY K 56 62.98 20.90 10.09
C GLY K 56 61.74 21.00 9.23
N ASN K 57 61.37 19.89 8.58
CA ASN K 57 60.21 19.89 7.70
C ASN K 57 58.94 20.06 8.51
N LYS K 58 58.08 20.97 8.06
CA LYS K 58 56.79 21.22 8.70
C LYS K 58 55.74 21.43 7.62
N PHE K 59 54.56 20.87 7.82
CA PHE K 59 53.44 21.01 6.91
C PHE K 59 52.18 21.33 7.69
N TYR K 60 51.26 22.05 7.06
CA TYR K 60 50.02 22.50 7.69
C TYR K 60 48.85 22.24 6.75
N ALA K 61 47.67 22.13 7.34
CA ALA K 61 46.44 22.12 6.55
C ALA K 61 46.16 23.51 6.00
N ASP K 62 45.51 23.57 4.83
CA ASP K 62 45.34 24.83 4.14
C ASP K 62 44.48 25.83 4.92
N SER K 63 43.63 25.35 5.85
CA SER K 63 42.77 26.25 6.60
C SER K 63 43.47 26.90 7.80
N VAL K 64 44.70 26.51 8.11
CA VAL K 64 45.41 27.04 9.26
C VAL K 64 46.78 27.60 8.90
N LYS K 65 47.15 27.64 7.63
CA LYS K 65 48.45 28.15 7.24
C LYS K 65 48.54 29.65 7.52
N GLY K 66 49.66 30.07 8.11
CA GLY K 66 49.90 31.45 8.46
C GLY K 66 49.42 31.81 9.86
N ARG K 67 48.28 31.27 10.28
CA ARG K 67 47.75 31.53 11.62
C ARG K 67 48.35 30.59 12.66
N PHE K 68 48.59 29.33 12.31
CA PHE K 68 49.16 28.37 13.24
C PHE K 68 50.63 28.16 12.93
N THR K 69 51.34 27.58 13.92
CA THR K 69 52.77 27.32 13.79
C THR K 69 53.13 26.15 14.69
N ILE K 70 53.71 25.10 14.11
CA ILE K 70 54.08 23.90 14.85
C ILE K 70 55.58 23.92 15.11
N SER K 71 55.97 23.44 16.30
CA SER K 71 57.38 23.35 16.67
C SER K 71 57.50 22.32 17.78
N ARG K 72 58.75 22.02 18.16
CA ARG K 72 59.02 21.00 19.16
C ARG K 72 60.32 21.32 19.86
N ASP K 73 60.54 20.66 21.00
CA ASP K 73 61.77 20.77 21.77
C ASP K 73 62.15 19.38 22.24
N ASN K 74 63.16 18.80 21.58
CA ASN K 74 63.58 17.44 21.92
C ASN K 74 64.23 17.35 23.29
N SER K 75 64.77 18.47 23.79
CA SER K 75 65.37 18.47 25.12
C SER K 75 64.35 18.28 26.23
N LYS K 76 63.08 18.55 25.96
CA LYS K 76 62.03 18.42 26.97
C LYS K 76 60.92 17.45 26.56
N ASP K 77 61.04 16.80 25.40
CA ASP K 77 60.03 15.84 24.92
C ASP K 77 58.65 16.49 24.79
N THR K 78 58.64 17.74 24.37
CA THR K 78 57.41 18.54 24.31
C THR K 78 57.17 19.01 22.89
N LEU K 79 55.93 18.85 22.43
CA LEU K 79 55.48 19.34 21.14
C LEU K 79 54.58 20.56 21.36
N TYR K 80 54.74 21.57 20.50
CA TYR K 80 54.01 22.82 20.63
C TYR K 80 53.13 23.06 19.42
N LEU K 81 52.14 23.94 19.59
CA LEU K 81 51.29 24.39 18.50
C LEU K 81 50.88 25.82 18.81
N GLN K 82 51.58 26.78 18.19
CA GLN K 82 51.28 28.19 18.39
C GLN K 82 50.11 28.60 17.50
N MET K 83 49.04 29.09 18.11
CA MET K 83 47.81 29.45 17.40
C MET K 83 47.57 30.93 17.54
N ASN K 84 47.47 31.63 16.41
CA ASN K 84 47.24 33.07 16.37
C ASN K 84 45.96 33.38 15.61
N SER K 85 45.36 34.52 15.94
CA SER K 85 44.12 35.01 15.34
C SER K 85 43.07 33.90 15.24
N LEU K 86 42.74 33.34 16.40
CA LEU K 86 41.80 32.23 16.45
C LEU K 86 40.40 32.71 16.08
N ARG K 87 39.63 31.79 15.50
CA ARG K 87 38.27 32.05 15.06
C ARG K 87 37.31 31.08 15.74
N ALA K 88 36.02 31.31 15.54
CA ALA K 88 35.00 30.48 16.17
C ALA K 88 35.10 29.02 15.72
N GLU K 89 35.37 28.80 14.43
CA GLU K 89 35.49 27.44 13.92
C GLU K 89 36.73 26.72 14.42
N ASP K 90 37.68 27.44 15.01
CA ASP K 90 38.86 26.79 15.59
C ASP K 90 38.54 26.08 16.90
N THR K 91 37.32 26.22 17.42
CA THR K 91 36.92 25.53 18.63
C THR K 91 36.86 24.03 18.37
N ALA K 92 37.75 23.29 19.02
CA ALA K 92 37.82 21.84 18.87
C ALA K 92 38.66 21.26 20.01
N VAL K 93 38.71 19.94 20.06
CA VAL K 93 39.61 19.21 20.94
C VAL K 93 40.85 18.85 20.14
N TYR K 94 42.02 19.31 20.59
CA TYR K 94 43.26 19.15 19.85
C TYR K 94 44.06 17.98 20.42
N TYR K 95 44.35 17.01 19.56
CA TYR K 95 45.20 15.87 19.90
C TYR K 95 46.58 16.05 19.29
N CYS K 96 47.59 15.57 20.00
CA CYS K 96 48.89 15.31 19.41
C CYS K 96 49.03 13.80 19.19
N ALA K 97 49.64 13.43 18.08
CA ALA K 97 49.73 12.02 17.69
C ALA K 97 51.12 11.70 17.19
N LYS K 98 51.61 10.52 17.56
CA LYS K 98 52.92 10.05 17.09
C LYS K 98 52.80 9.41 15.71
N ALA K 99 53.74 9.72 14.83
CA ALA K 99 53.78 9.05 13.54
C ALA K 99 54.23 7.61 13.73
N TRP K 100 53.53 6.68 13.09
CA TRP K 100 53.87 5.28 13.25
C TRP K 100 55.17 4.97 12.49
N TYR K 101 55.73 3.80 12.77
CA TYR K 101 56.93 3.38 12.05
C TYR K 101 56.72 2.03 11.39
N LYS K 102 55.71 1.95 10.53
CA LYS K 102 55.49 0.79 9.68
C LYS K 102 56.10 1.11 8.32
N ILE K 103 57.24 0.49 8.03
CA ILE K 103 58.10 0.91 6.92
C ILE K 103 57.39 0.63 5.60
N ASP K 104 57.03 1.69 4.90
CA ASP K 104 56.42 1.59 3.57
C ASP K 104 56.64 2.92 2.86
N ASP K 105 55.96 3.11 1.73
CA ASP K 105 56.14 4.33 0.96
C ASP K 105 55.52 5.53 1.64
N LYS K 106 54.39 5.35 2.34
CA LYS K 106 53.67 6.45 2.96
C LYS K 106 53.37 6.12 4.42
N TYR K 107 53.23 7.16 5.23
CA TYR K 107 53.15 7.03 6.67
C TYR K 107 51.96 7.79 7.22
N SER K 108 51.62 7.47 8.47
CA SER K 108 50.52 8.12 9.17
C SER K 108 50.78 8.10 10.68
N MET K 109 49.72 8.12 11.48
CA MET K 109 49.84 8.20 12.93
C MET K 109 49.18 6.99 13.58
N ASP K 110 49.72 6.58 14.72
CA ASP K 110 49.22 5.40 15.43
C ASP K 110 48.70 5.72 16.83
N VAL K 111 49.49 6.42 17.65
CA VAL K 111 49.15 6.66 19.05
C VAL K 111 48.73 8.11 19.22
N TRP K 112 47.59 8.32 19.87
CA TRP K 112 47.03 9.64 20.12
C TRP K 112 47.16 10.00 21.60
N GLY K 113 47.06 11.30 21.87
CA GLY K 113 47.01 11.79 23.23
C GLY K 113 45.60 11.80 23.79
N GLN K 114 45.47 12.34 25.00
CA GLN K 114 44.16 12.37 25.64
C GLN K 114 43.30 13.53 25.15
N GLY K 115 43.90 14.64 24.78
CA GLY K 115 43.15 15.76 24.23
C GLY K 115 43.06 16.93 25.19
N THR K 116 43.09 18.13 24.61
CA THR K 116 42.89 19.37 25.36
C THR K 116 41.90 20.23 24.59
N THR K 117 41.06 20.95 25.32
CA THR K 117 39.92 21.65 24.74
C THR K 117 40.21 23.13 24.60
N VAL K 118 39.96 23.67 23.41
CA VAL K 118 40.13 25.09 23.11
C VAL K 118 38.77 25.63 22.69
N THR K 119 38.26 26.60 23.45
CA THR K 119 36.98 27.24 23.18
C THR K 119 37.22 28.70 22.82
N VAL K 120 36.86 29.09 21.61
CA VAL K 120 37.01 30.46 21.14
C VAL K 120 35.67 31.15 21.32
N SER K 121 35.62 32.09 22.26
CA SER K 121 34.37 32.78 22.58
CA SER K 121 34.38 32.79 22.56
C SER K 121 34.70 34.05 23.35
N SER K 122 33.87 35.07 23.16
CA SER K 122 34.03 36.36 23.85
C SER K 122 33.33 36.40 25.20
N ALA K 123 32.63 35.34 25.58
CA ALA K 123 31.86 35.37 26.81
C ALA K 123 32.78 35.31 28.04
N SER K 124 32.24 35.78 29.16
CA SER K 124 32.93 35.77 30.44
C SER K 124 32.38 34.63 31.31
N THR K 125 33.14 34.29 32.34
CA THR K 125 32.75 33.20 33.23
C THR K 125 31.49 33.59 34.00
N LYS K 126 30.45 32.77 33.91
CA LYS K 126 29.20 33.02 34.60
C LYS K 126 28.68 31.72 35.20
N GLY K 127 28.29 31.78 36.48
CA GLY K 127 27.69 30.66 37.15
C GLY K 127 26.27 30.41 36.70
N PRO K 128 25.82 29.17 36.77
CA PRO K 128 24.51 28.82 36.23
C PRO K 128 23.37 29.13 37.20
N SER K 129 22.21 29.41 36.62
CA SER K 129 20.97 29.52 37.36
C SER K 129 20.22 28.20 37.25
N VAL K 130 19.73 27.70 38.39
CA VAL K 130 19.08 26.39 38.46
C VAL K 130 17.59 26.61 38.72
N PHE K 131 16.76 26.01 37.87
CA PHE K 131 15.32 26.18 37.93
C PHE K 131 14.66 24.81 37.98
N PRO K 132 13.69 24.60 38.87
CA PRO K 132 13.10 23.27 39.01
C PRO K 132 12.06 22.97 37.94
N LEU K 133 12.00 21.70 37.55
CA LEU K 133 11.01 21.19 36.62
C LEU K 133 10.05 20.32 37.43
N ALA K 134 8.99 20.94 37.94
CA ALA K 134 8.11 20.26 38.88
C ALA K 134 7.31 19.17 38.18
N PRO K 135 7.06 18.05 38.85
CA PRO K 135 6.16 17.05 38.29
C PRO K 135 4.71 17.50 38.39
N SER K 136 3.90 17.07 37.43
CA SER K 136 2.50 17.47 37.39
C SER K 136 1.74 16.46 36.55
N SER K 137 0.47 16.77 36.24
CA SER K 137 -0.30 15.91 35.36
C SER K 137 0.27 15.86 33.95
N LYS K 138 1.14 16.80 33.58
CA LYS K 138 1.73 16.86 32.25
C LYS K 138 3.09 16.19 32.17
N SER K 139 3.56 15.57 33.25
CA SER K 139 4.83 14.85 33.25
C SER K 139 4.70 13.49 33.90
N THR K 140 3.51 12.91 33.90
CA THR K 140 3.23 11.67 34.61
C THR K 140 2.65 10.61 33.66
N SER K 141 2.81 9.36 34.06
CA SER K 141 2.22 8.22 33.37
C SER K 141 1.74 7.25 34.43
N GLY K 142 1.31 6.06 34.01
CA GLY K 142 0.82 5.06 34.93
C GLY K 142 1.83 4.65 35.98
N GLY K 143 1.66 5.13 37.22
CA GLY K 143 2.57 4.78 38.28
C GLY K 143 3.96 5.36 38.14
N THR K 144 4.15 6.35 37.28
CA THR K 144 5.45 6.96 37.04
C THR K 144 5.30 8.46 36.95
N ALA K 145 6.35 9.17 37.35
CA ALA K 145 6.36 10.63 37.33
C ALA K 145 7.73 11.11 36.87
N ALA K 146 7.73 12.15 36.04
CA ALA K 146 8.96 12.76 35.55
C ALA K 146 9.16 14.11 36.21
N LEU K 147 10.41 14.45 36.48
CA LEU K 147 10.77 15.73 37.08
C LEU K 147 12.24 15.97 36.79
N GLY K 148 12.68 17.20 37.01
CA GLY K 148 14.07 17.52 36.76
C GLY K 148 14.39 18.95 37.12
N CYS K 149 15.50 19.43 36.57
CA CYS K 149 15.94 20.80 36.80
CA CYS K 149 15.97 20.79 36.81
C CYS K 149 16.58 21.35 35.53
N LEU K 150 16.52 22.68 35.41
CA LEU K 150 17.03 23.41 34.26
C LEU K 150 18.27 24.19 34.69
N VAL K 151 19.41 23.83 34.14
CA VAL K 151 20.68 24.51 34.38
C VAL K 151 20.91 25.46 33.20
N LYS K 152 20.78 26.76 33.43
CA LYS K 152 20.70 27.74 32.36
C LYS K 152 21.73 28.85 32.53
N ASP K 153 22.29 29.29 31.41
CA ASP K 153 23.13 30.49 31.32
C ASP K 153 24.41 30.34 32.15
N TYR K 154 25.28 29.45 31.67
CA TYR K 154 26.58 29.24 32.28
C TYR K 154 27.66 29.16 31.20
N PHE K 155 28.89 29.48 31.60
CA PHE K 155 30.04 29.48 30.72
C PHE K 155 31.30 29.51 31.57
N PRO K 156 32.34 28.74 31.23
CA PRO K 156 32.35 27.79 30.10
C PRO K 156 31.98 26.38 30.54
N GLU K 157 32.25 25.42 29.67
CA GLU K 157 32.10 24.02 30.04
C GLU K 157 33.13 23.63 31.08
N PRO K 158 32.87 22.58 31.87
CA PRO K 158 31.62 21.81 31.95
C PRO K 158 30.83 22.08 33.23
N VAL K 159 29.66 21.45 33.34
CA VAL K 159 28.86 21.46 34.55
C VAL K 159 28.46 20.03 34.87
N THR K 160 28.38 19.72 36.16
CA THR K 160 28.06 18.37 36.63
C THR K 160 26.76 18.41 37.43
N VAL K 161 25.94 17.39 37.26
CA VAL K 161 24.63 17.29 37.92
C VAL K 161 24.50 15.90 38.51
N SER K 162 24.02 15.83 39.75
CA SER K 162 23.68 14.56 40.38
C SER K 162 22.40 14.75 41.19
N TRP K 163 21.79 13.63 41.56
CA TRP K 163 20.51 13.64 42.25
C TRP K 163 20.65 12.98 43.60
N ASN K 164 20.11 13.64 44.63
CA ASN K 164 20.16 13.14 46.01
C ASN K 164 21.59 12.81 46.42
N SER K 165 22.49 13.75 46.15
CA SER K 165 23.91 13.65 46.51
C SER K 165 24.57 12.42 45.89
N GLY K 166 24.02 11.92 44.79
CA GLY K 166 24.54 10.74 44.13
C GLY K 166 23.87 9.44 44.52
N ALA K 167 22.96 9.46 45.50
CA ALA K 167 22.27 8.24 45.89
C ALA K 167 21.26 7.78 44.85
N LEU K 168 20.84 8.67 43.94
CA LEU K 168 19.86 8.35 42.92
C LEU K 168 20.52 8.43 41.55
N THR K 169 20.53 7.30 40.83
CA THR K 169 21.06 7.24 39.47
C THR K 169 20.14 6.55 38.48
N SER K 170 19.23 5.68 38.94
CA SER K 170 18.36 4.96 38.04
C SER K 170 17.27 5.89 37.49
N GLY K 171 17.05 5.81 36.18
CA GLY K 171 16.08 6.66 35.52
C GLY K 171 16.53 8.08 35.30
N VAL K 172 17.77 8.42 35.62
CA VAL K 172 18.28 9.77 35.44
C VAL K 172 18.81 9.93 34.02
N HIS K 173 18.48 11.07 33.40
CA HIS K 173 19.00 11.42 32.09
C HIS K 173 19.47 12.87 32.15
N THR K 174 20.76 13.09 31.96
CA THR K 174 21.34 14.42 31.90
C THR K 174 21.77 14.71 30.47
N PHE K 175 21.11 15.67 29.84
CA PHE K 175 21.32 15.94 28.43
C PHE K 175 22.59 16.73 28.20
N PRO K 176 23.28 16.49 27.09
CA PRO K 176 24.45 17.30 26.74
C PRO K 176 24.07 18.77 26.61
N ALA K 177 25.04 19.63 26.92
CA ALA K 177 24.80 21.07 26.86
C ALA K 177 24.59 21.53 25.42
N VAL K 178 23.86 22.63 25.29
CA VAL K 178 23.63 23.29 24.00
C VAL K 178 24.10 24.73 24.13
N LEU K 179 24.70 25.25 23.06
CA LEU K 179 25.22 26.62 23.06
C LEU K 179 24.12 27.56 22.57
N GLN K 180 23.70 28.48 23.44
CA GLN K 180 22.66 29.41 23.09
C GLN K 180 23.20 30.55 22.22
N SER K 181 22.29 31.31 21.63
CA SER K 181 22.69 32.45 20.81
C SER K 181 23.41 33.52 21.62
N SER K 182 23.18 33.55 22.94
CA SER K 182 23.86 34.52 23.80
C SER K 182 25.32 34.17 24.06
N GLY K 183 25.77 33.01 23.62
CA GLY K 183 27.10 32.53 23.95
C GLY K 183 27.18 31.75 25.24
N LEU K 184 26.06 31.52 25.91
CA LEU K 184 26.01 30.75 27.13
C LEU K 184 25.46 29.36 26.85
N TYR K 185 25.74 28.44 27.77
CA TYR K 185 25.29 27.07 27.64
C TYR K 185 24.09 26.81 28.54
N SER K 186 23.27 25.84 28.14
CA SER K 186 22.11 25.44 28.92
C SER K 186 22.00 23.93 28.90
N LEU K 187 21.45 23.38 29.98
CA LEU K 187 21.42 21.95 30.16
C LEU K 187 20.24 21.62 31.06
N SER K 188 19.68 20.42 30.84
CA SER K 188 18.61 19.91 31.67
C SER K 188 18.94 18.49 32.11
N SER K 189 18.54 18.15 33.32
CA SER K 189 18.65 16.79 33.85
C SER K 189 17.31 16.40 34.44
N VAL K 190 16.82 15.22 34.07
CA VAL K 190 15.52 14.73 34.52
C VAL K 190 15.70 13.34 35.11
N VAL K 191 14.67 12.89 35.85
CA VAL K 191 14.65 11.57 36.46
C VAL K 191 13.20 11.11 36.56
N THR K 192 12.95 9.87 36.15
CA THR K 192 11.62 9.28 36.25
C THR K 192 11.48 8.52 37.57
N VAL K 193 10.44 8.83 38.33
CA VAL K 193 10.28 8.31 39.68
C VAL K 193 8.89 7.69 39.81
N PRO K 194 8.69 6.83 40.80
CA PRO K 194 7.34 6.31 41.05
C PRO K 194 6.41 7.41 41.54
N SER K 195 5.15 7.34 41.09
CA SER K 195 4.16 8.33 41.49
CA SER K 195 4.16 8.33 41.49
C SER K 195 3.68 8.15 42.91
N SER K 196 3.81 6.95 43.48
CA SER K 196 3.36 6.73 44.85
C SER K 196 4.28 7.38 45.87
N SER K 197 5.53 7.66 45.49
CA SER K 197 6.51 8.25 46.39
C SER K 197 6.63 9.76 46.22
N LEU K 198 5.73 10.38 45.45
CA LEU K 198 5.84 11.81 45.18
C LEU K 198 5.71 12.63 46.46
N GLY K 199 4.83 12.21 47.36
CA GLY K 199 4.65 12.93 48.61
C GLY K 199 5.53 12.48 49.75
N THR K 200 6.25 11.38 49.58
CA THR K 200 7.04 10.80 50.67
C THR K 200 8.53 10.72 50.36
N GLN K 201 8.99 11.23 49.22
CA GLN K 201 10.40 11.15 48.85
C GLN K 201 10.90 12.52 48.44
N THR K 202 12.03 12.93 49.01
CA THR K 202 12.66 14.20 48.68
C THR K 202 13.55 14.02 47.46
N TYR K 203 13.42 14.94 46.50
CA TYR K 203 14.22 14.93 45.28
C TYR K 203 14.96 16.26 45.16
N ILE K 204 16.29 16.19 45.13
CA ILE K 204 17.13 17.37 45.07
C ILE K 204 18.24 17.13 44.05
N CYS K 205 18.39 18.06 43.12
CA CYS K 205 19.49 18.01 42.16
C CYS K 205 20.70 18.75 42.73
N ASN K 206 21.89 18.30 42.33
CA ASN K 206 23.15 18.85 42.80
C ASN K 206 23.93 19.32 41.58
N VAL K 207 24.04 20.64 41.42
CA VAL K 207 24.69 21.25 40.26
C VAL K 207 26.00 21.87 40.70
N ASN K 208 27.09 21.54 40.02
CA ASN K 208 28.42 22.02 40.35
C ASN K 208 29.07 22.59 39.10
N HIS K 209 29.45 23.87 39.15
CA HIS K 209 30.14 24.55 38.05
C HIS K 209 31.46 25.09 38.61
N LYS K 210 32.52 24.29 38.49
CA LYS K 210 33.79 24.66 39.09
C LYS K 210 34.44 25.91 38.48
N PRO K 211 34.33 26.22 37.18
CA PRO K 211 34.95 27.46 36.68
C PRO K 211 34.51 28.72 37.41
N SER K 212 33.36 28.71 38.07
CA SER K 212 32.86 29.89 38.78
C SER K 212 32.69 29.65 40.27
N ASN K 213 33.12 28.49 40.79
CA ASN K 213 32.95 28.13 42.20
C ASN K 213 31.49 28.25 42.63
N THR K 214 30.61 27.63 41.85
CA THR K 214 29.17 27.68 42.05
C THR K 214 28.66 26.29 42.37
N LYS K 215 28.23 26.09 43.62
CA LYS K 215 27.62 24.84 44.06
C LYS K 215 26.19 25.15 44.49
N VAL K 216 25.22 24.66 43.70
CA VAL K 216 23.81 24.92 43.94
C VAL K 216 23.10 23.58 44.11
N ASP K 217 22.30 23.48 45.16
CA ASP K 217 21.38 22.36 45.37
C ASP K 217 19.96 22.91 45.32
N LYS K 218 19.11 22.29 44.51
CA LYS K 218 17.74 22.74 44.35
C LYS K 218 16.79 21.59 44.59
N LYS K 219 15.76 21.82 45.40
CA LYS K 219 14.76 20.82 45.69
C LYS K 219 13.60 20.95 44.70
N VAL K 220 13.23 19.84 44.09
CA VAL K 220 12.15 19.81 43.10
C VAL K 220 10.90 19.33 43.80
N GLU K 221 9.93 20.23 43.97
CA GLU K 221 8.67 19.95 44.63
C GLU K 221 7.50 20.22 43.70
N PRO K 222 6.40 19.48 43.85
CA PRO K 222 5.20 19.79 43.05
C PRO K 222 4.60 21.13 43.44
N LYS K 223 3.99 21.78 42.45
CA LYS K 223 3.40 23.10 42.66
C LYS K 223 2.06 22.95 43.37
N SER K 224 1.93 23.61 44.52
CA SER K 224 0.70 23.61 45.30
C SER K 224 -0.03 24.92 45.06
N CYS K 225 -1.21 24.84 44.46
CA CYS K 225 -1.99 26.04 44.12
C CYS K 225 -3.40 25.97 44.68
N ASP L 1 41.63 18.45 -2.72
CA ASP L 1 41.80 17.59 -1.55
C ASP L 1 41.02 16.29 -1.69
N ILE L 2 41.62 15.19 -1.23
CA ILE L 2 40.97 13.89 -1.28
C ILE L 2 39.97 13.80 -0.13
N GLN L 3 38.71 13.56 -0.46
CA GLN L 3 37.63 13.55 0.52
C GLN L 3 37.19 12.12 0.80
N MET L 4 36.94 11.83 2.08
CA MET L 4 36.49 10.52 2.53
C MET L 4 35.01 10.61 2.92
N THR L 5 34.25 9.60 2.50
CA THR L 5 32.83 9.53 2.84
C THR L 5 32.49 8.10 3.22
N GLN L 6 32.00 7.91 4.43
CA GLN L 6 31.68 6.59 4.95
C GLN L 6 30.19 6.31 4.79
N SER L 7 29.85 5.02 4.86
CA SER L 7 28.47 4.59 4.73
C SER L 7 28.25 3.30 5.50
N PRO L 8 27.23 3.23 6.36
CA PRO L 8 26.36 4.37 6.67
C PRO L 8 26.92 5.21 7.83
N SER L 9 26.14 6.18 8.30
CA SER L 9 26.56 6.99 9.45
CA SER L 9 26.56 6.99 9.45
C SER L 9 26.16 6.36 10.77
N THR L 10 25.01 5.68 10.82
CA THR L 10 24.54 4.99 12.01
C THR L 10 24.20 3.56 11.63
N LEU L 11 24.79 2.61 12.33
CA LEU L 11 24.61 1.20 12.04
C LEU L 11 24.09 0.50 13.30
N SER L 12 22.97 -0.21 13.16
CA SER L 12 22.35 -0.91 14.27
C SER L 12 22.65 -2.40 14.15
N ALA L 13 23.16 -2.99 15.22
CA ALA L 13 23.49 -4.40 15.21
C ALA L 13 23.41 -4.95 16.63
N SER L 14 23.32 -6.28 16.71
CA SER L 14 23.31 -6.99 17.97
C SER L 14 24.64 -7.69 18.20
N VAL L 15 24.82 -8.19 19.42
CA VAL L 15 26.03 -8.92 19.74
C VAL L 15 26.07 -10.21 18.95
N GLY L 16 27.21 -10.45 18.28
CA GLY L 16 27.39 -11.63 17.46
C GLY L 16 27.12 -11.44 15.99
N ASP L 17 26.50 -10.33 15.61
CA ASP L 17 26.19 -10.07 14.21
C ASP L 17 27.45 -9.69 13.43
N ARG L 18 27.37 -9.85 12.11
CA ARG L 18 28.43 -9.43 11.21
C ARG L 18 28.12 -8.03 10.69
N VAL L 19 29.07 -7.12 10.82
CA VAL L 19 28.88 -5.71 10.50
C VAL L 19 29.88 -5.28 9.45
N THR L 20 29.42 -4.53 8.46
CA THR L 20 30.25 -4.03 7.38
C THR L 20 30.08 -2.52 7.27
N ILE L 21 31.18 -1.79 7.29
CA ILE L 21 31.20 -0.34 7.14
C ILE L 21 31.93 -0.01 5.85
N THR L 22 31.36 0.88 5.04
CA THR L 22 31.94 1.25 3.77
C THR L 22 32.63 2.60 3.86
N CYS L 23 33.69 2.76 3.08
CA CYS L 23 34.44 4.01 2.99
C CYS L 23 34.79 4.25 1.53
N ARG L 24 34.60 5.48 1.07
CA ARG L 24 34.81 5.83 -0.32
C ARG L 24 35.78 7.00 -0.41
N ALA L 25 36.71 6.91 -1.36
CA ALA L 25 37.68 7.97 -1.60
C ALA L 25 37.29 8.75 -2.84
N SER L 26 37.53 10.06 -2.81
CA SER L 26 37.15 10.91 -3.94
C SER L 26 38.01 10.59 -5.17
N GLN L 27 39.31 10.46 -4.97
CA GLN L 27 40.22 10.01 -6.02
C GLN L 27 40.92 8.74 -5.56
N SER L 28 41.75 8.19 -6.44
CA SER L 28 42.45 6.94 -6.14
C SER L 28 43.46 7.17 -5.03
N ILE L 29 43.36 6.37 -3.97
CA ILE L 29 44.30 6.42 -2.86
C ILE L 29 45.05 5.09 -2.71
N SER L 30 45.02 4.26 -3.77
CA SER L 30 45.65 2.94 -3.76
C SER L 30 45.16 2.12 -2.58
N SER L 31 46.07 1.73 -1.69
CA SER L 31 45.72 1.03 -0.46
C SER L 31 46.20 1.78 0.78
N TRP L 32 46.46 3.08 0.66
CA TRP L 32 46.92 3.88 1.79
C TRP L 32 45.71 4.36 2.59
N LEU L 33 45.08 3.39 3.26
CA LEU L 33 43.89 3.63 4.05
C LEU L 33 44.08 3.01 5.43
N ALA L 34 43.56 3.68 6.46
CA ALA L 34 43.61 3.19 7.82
C ALA L 34 42.24 3.30 8.45
N TRP L 35 42.01 2.48 9.48
CA TRP L 35 40.77 2.47 10.24
C TRP L 35 41.08 2.74 11.70
N TYR L 36 40.31 3.65 12.31
CA TYR L 36 40.45 3.99 13.72
C TYR L 36 39.12 3.79 14.43
N GLN L 37 39.19 3.36 15.69
CA GLN L 37 38.04 3.24 16.58
C GLN L 37 38.12 4.32 17.64
N GLN L 38 36.96 4.85 18.04
CA GLN L 38 36.92 5.85 19.09
C GLN L 38 35.63 5.71 19.89
N LYS L 39 35.75 5.64 21.21
CA LYS L 39 34.65 5.67 22.14
C LYS L 39 34.43 7.09 22.67
N PRO L 40 33.23 7.41 23.13
CA PRO L 40 32.95 8.78 23.59
C PRO L 40 33.89 9.20 24.71
N GLY L 41 34.42 10.42 24.61
CA GLY L 41 35.31 10.97 25.59
C GLY L 41 36.73 10.44 25.56
N LYS L 42 37.00 9.41 24.77
CA LYS L 42 38.32 8.81 24.69
C LYS L 42 38.95 9.10 23.34
N ALA L 43 40.25 8.84 23.24
CA ALA L 43 41.00 9.14 22.04
C ALA L 43 40.80 8.05 21.00
N PRO L 44 41.04 8.38 19.72
CA PRO L 44 40.99 7.35 18.67
C PRO L 44 42.06 6.28 18.89
N LYS L 45 41.84 5.14 18.26
CA LYS L 45 42.69 3.96 18.42
C LYS L 45 42.84 3.27 17.08
N LEU L 46 44.10 3.03 16.68
CA LEU L 46 44.37 2.47 15.36
C LEU L 46 43.93 1.00 15.30
N LEU L 47 43.24 0.64 14.22
CA LEU L 47 42.75 -0.71 14.01
C LEU L 47 43.43 -1.40 12.84
N ILE L 48 43.37 -0.80 11.65
CA ILE L 48 43.85 -1.41 10.42
C ILE L 48 44.71 -0.40 9.69
N TYR L 49 45.81 -0.87 9.09
CA TYR L 49 46.64 -0.05 8.22
C TYR L 49 46.85 -0.78 6.90
N LYS L 50 47.16 0.00 5.87
CA LYS L 50 47.33 -0.54 4.52
C LYS L 50 46.10 -1.33 4.08
N ALA L 51 44.92 -0.82 4.48
CA ALA L 51 43.62 -1.34 4.09
C ALA L 51 43.30 -2.71 4.68
N SER L 52 44.29 -3.62 4.72
CA SER L 52 44.02 -4.99 5.12
C SER L 52 44.86 -5.50 6.29
N SER L 53 45.83 -4.74 6.78
CA SER L 53 46.73 -5.22 7.82
C SER L 53 46.24 -4.77 9.19
N LEU L 54 46.14 -5.73 10.12
CA LEU L 54 45.71 -5.43 11.48
C LEU L 54 46.86 -4.87 12.30
N GLU L 55 46.55 -3.85 13.11
CA GLU L 55 47.50 -3.36 14.09
C GLU L 55 47.72 -4.43 15.16
N SER L 56 48.93 -4.44 15.73
CA SER L 56 49.22 -5.40 16.78
C SER L 56 48.27 -5.22 17.95
N GLY L 57 47.72 -6.34 18.45
CA GLY L 57 46.77 -6.31 19.53
C GLY L 57 45.32 -6.23 19.12
N VAL L 58 45.03 -6.15 17.82
CA VAL L 58 43.66 -6.07 17.33
C VAL L 58 43.11 -7.49 17.15
N PRO L 59 41.90 -7.79 17.66
CA PRO L 59 41.35 -9.13 17.50
C PRO L 59 41.14 -9.49 16.05
N SER L 60 41.15 -10.80 15.77
CA SER L 60 41.01 -11.30 14.41
C SER L 60 39.60 -11.17 13.87
N ARG L 61 38.65 -10.65 14.65
CA ARG L 61 37.30 -10.45 14.14
C ARG L 61 37.20 -9.22 13.23
N PHE L 62 38.08 -8.24 13.40
CA PHE L 62 38.13 -7.10 12.49
C PHE L 62 38.82 -7.51 11.20
N SER L 63 38.31 -7.01 10.08
CA SER L 63 38.84 -7.36 8.76
C SER L 63 38.66 -6.16 7.83
N GLY L 64 39.67 -5.91 7.01
CA GLY L 64 39.61 -4.82 6.06
C GLY L 64 39.90 -5.26 4.65
N SER L 65 39.05 -4.83 3.72
CA SER L 65 39.24 -5.17 2.31
C SER L 65 39.03 -3.93 1.47
N GLY L 66 39.63 -3.93 0.27
CA GLY L 66 39.46 -2.81 -0.64
C GLY L 66 40.76 -2.29 -1.22
N SER L 67 40.64 -1.54 -2.32
CA SER L 67 41.78 -0.96 -3.01
C SER L 67 41.27 0.05 -4.04
N GLY L 68 42.00 1.16 -4.18
CA GLY L 68 41.59 2.20 -5.10
C GLY L 68 40.79 3.30 -4.44
N THR L 69 39.45 3.23 -4.55
CA THR L 69 38.59 4.27 -4.00
C THR L 69 37.54 3.76 -3.02
N GLU L 70 37.17 2.48 -3.05
CA GLU L 70 36.15 1.94 -2.16
C GLU L 70 36.76 0.90 -1.24
N PHE L 71 36.48 1.01 0.05
CA PHE L 71 37.03 0.14 1.07
C PHE L 71 35.91 -0.28 2.02
N THR L 72 36.11 -1.44 2.66
CA THR L 72 35.11 -1.98 3.57
C THR L 72 35.80 -2.50 4.83
N LEU L 73 35.28 -2.09 5.99
CA LEU L 73 35.68 -2.64 7.28
C LEU L 73 34.62 -3.63 7.74
N THR L 74 35.06 -4.78 8.26
CA THR L 74 34.14 -5.85 8.62
C THR L 74 34.45 -6.35 10.02
N ILE L 75 33.41 -6.42 10.86
CA ILE L 75 33.49 -6.97 12.21
C ILE L 75 32.65 -8.23 12.22
N SER L 76 33.28 -9.40 12.18
CA SER L 76 32.59 -10.67 12.20
C SER L 76 32.39 -11.11 13.65
N GLY L 77 31.14 -11.23 14.07
CA GLY L 77 30.85 -11.61 15.44
C GLY L 77 31.05 -10.45 16.40
N LEU L 78 30.13 -9.49 16.34
CA LEU L 78 30.25 -8.27 17.13
C LEU L 78 30.26 -8.59 18.62
N GLN L 79 31.06 -7.84 19.36
CA GLN L 79 31.18 -7.99 20.80
C GLN L 79 30.91 -6.66 21.50
N PRO L 80 30.53 -6.67 22.77
CA PRO L 80 30.08 -5.43 23.42
C PRO L 80 31.11 -4.30 23.42
N ASP L 81 32.40 -4.62 23.43
CA ASP L 81 33.41 -3.57 23.42
C ASP L 81 33.52 -2.87 22.07
N ASP L 82 32.94 -3.45 21.01
CA ASP L 82 33.07 -2.89 19.68
C ASP L 82 32.04 -1.82 19.36
N PHE L 83 31.15 -1.50 20.29
CA PHE L 83 30.15 -0.47 20.07
C PHE L 83 30.81 0.90 20.25
N ALA L 84 31.17 1.53 19.14
CA ALA L 84 31.88 2.81 19.15
C ALA L 84 31.73 3.44 17.78
N THR L 85 32.43 4.56 17.57
CA THR L 85 32.49 5.23 16.28
C THR L 85 33.76 4.81 15.55
N TYR L 86 33.61 4.50 14.26
CA TYR L 86 34.71 4.03 13.44
C TYR L 86 34.97 5.01 12.31
N TYR L 87 36.22 5.41 12.15
CA TYR L 87 36.64 6.35 11.11
C TYR L 87 37.60 5.65 10.15
N CYS L 88 37.47 5.98 8.86
CA CYS L 88 38.53 5.66 7.91
C CYS L 88 39.39 6.90 7.67
N GLN L 89 40.61 6.67 7.20
CA GLN L 89 41.54 7.77 6.96
C GLN L 89 42.46 7.38 5.81
N GLN L 90 42.69 8.32 4.89
CA GLN L 90 43.66 8.13 3.83
C GLN L 90 44.96 8.83 4.21
N TYR L 91 46.09 8.19 3.89
CA TYR L 91 47.39 8.82 4.07
C TYR L 91 48.19 8.77 2.77
N ASN L 92 47.49 8.84 1.64
CA ASN L 92 48.14 8.89 0.34
C ASN L 92 48.60 10.32 0.01
N SER L 93 47.81 11.31 0.38
CA SER L 93 48.16 12.72 0.19
C SER L 93 47.68 13.47 1.43
N TYR L 94 48.62 13.90 2.26
CA TYR L 94 48.31 14.48 3.57
C TYR L 94 47.46 13.46 4.33
N TRP L 95 46.52 13.93 5.16
CA TRP L 95 45.72 13.03 5.98
C TRP L 95 44.33 13.61 6.14
N THR L 96 43.31 12.91 5.64
CA THR L 96 41.93 13.30 5.82
C THR L 96 41.13 12.11 6.31
N PHE L 97 40.06 12.39 7.05
CA PHE L 97 39.23 11.37 7.67
C PHE L 97 37.82 11.40 7.10
N GLY L 98 37.10 10.31 7.32
CA GLY L 98 35.68 10.29 7.05
C GLY L 98 34.89 10.82 8.23
N GLN L 99 33.58 10.93 8.03
CA GLN L 99 32.73 11.48 9.09
C GLN L 99 32.48 10.49 10.23
N GLY L 100 32.87 9.23 10.07
CA GLY L 100 32.68 8.25 11.12
C GLY L 100 31.35 7.53 11.02
N THR L 101 31.34 6.30 11.49
CA THR L 101 30.14 5.47 11.54
C THR L 101 29.95 4.96 12.96
N LYS L 102 28.84 5.34 13.58
CA LYS L 102 28.54 4.93 14.95
C LYS L 102 27.79 3.60 14.93
N VAL L 103 28.39 2.57 15.51
CA VAL L 103 27.75 1.27 15.63
C VAL L 103 26.98 1.24 16.95
N GLU L 104 25.65 1.20 16.86
CA GLU L 104 24.78 1.27 18.02
C GLU L 104 24.15 -0.09 18.29
N ILE L 105 23.56 -0.20 19.48
CA ILE L 105 22.93 -1.44 19.93
C ILE L 105 21.50 -1.49 19.38
N LYS L 106 21.11 -2.64 18.83
CA LYS L 106 19.79 -2.82 18.25
C LYS L 106 18.80 -3.31 19.29
N ARG L 107 17.57 -2.82 19.21
CA ARG L 107 16.49 -3.24 20.09
C ARG L 107 15.17 -3.03 19.37
N THR L 108 14.09 -3.49 19.99
CA THR L 108 12.76 -3.28 19.41
C THR L 108 12.43 -1.80 19.39
N VAL L 109 11.51 -1.43 18.50
CA VAL L 109 11.05 -0.06 18.41
C VAL L 109 10.32 0.32 19.69
N ALA L 110 10.63 1.50 20.22
CA ALA L 110 10.02 1.99 21.44
C ALA L 110 9.53 3.42 21.21
N ALA L 111 8.23 3.63 21.40
CA ALA L 111 7.67 4.96 21.24
C ALA L 111 8.07 5.84 22.42
N PRO L 112 8.32 7.13 22.17
CA PRO L 112 8.71 8.04 23.26
C PRO L 112 7.54 8.38 24.17
N SER L 113 7.81 8.44 25.46
CA SER L 113 6.86 8.98 26.43
C SER L 113 7.07 10.49 26.50
N VAL L 114 6.05 11.25 26.11
CA VAL L 114 6.16 12.69 25.92
C VAL L 114 5.63 13.40 27.16
N PHE L 115 6.52 14.16 27.81
CA PHE L 115 6.17 15.00 28.95
C PHE L 115 6.54 16.44 28.63
N ILE L 116 5.92 17.38 29.34
CA ILE L 116 6.15 18.80 29.11
C ILE L 116 6.21 19.51 30.46
N PHE L 117 7.07 20.54 30.56
CA PHE L 117 7.28 21.28 31.80
C PHE L 117 7.13 22.77 31.51
N PRO L 118 6.18 23.45 32.14
CA PRO L 118 6.06 24.90 31.96
C PRO L 118 7.18 25.63 32.68
N PRO L 119 7.42 26.90 32.34
CA PRO L 119 8.46 27.66 33.05
C PRO L 119 8.17 27.76 34.54
N SER L 120 9.22 27.61 35.34
CA SER L 120 9.06 27.71 36.78
C SER L 120 8.78 29.15 37.19
N ASP L 121 8.30 29.30 38.43
CA ASP L 121 8.08 30.63 38.98
C ASP L 121 9.39 31.32 39.31
N GLU L 122 10.43 30.55 39.66
CA GLU L 122 11.73 31.15 39.92
C GLU L 122 12.34 31.74 38.66
N GLN L 123 12.11 31.09 37.51
CA GLN L 123 12.71 31.57 36.27
C GLN L 123 12.00 32.83 35.77
N LEU L 124 10.68 32.89 35.93
CA LEU L 124 9.92 34.05 35.45
C LEU L 124 10.32 35.34 36.16
N LYS L 125 10.87 35.24 37.37
CA LYS L 125 11.35 36.44 38.06
C LYS L 125 12.57 37.02 37.37
N SER L 126 13.40 36.18 36.75
CA SER L 126 14.55 36.68 36.00
C SER L 126 14.14 37.39 34.72
N GLY L 127 12.97 37.08 34.17
CA GLY L 127 12.47 37.71 32.97
C GLY L 127 12.46 36.82 31.75
N THR L 128 12.85 35.56 31.87
CA THR L 128 12.88 34.62 30.75
C THR L 128 12.01 33.42 31.08
N ALA L 129 11.50 32.78 30.04
CA ALA L 129 10.66 31.60 30.17
C ALA L 129 11.18 30.50 29.27
N SER L 130 11.27 29.28 29.80
CA SER L 130 11.73 28.13 29.05
C SER L 130 10.73 26.99 29.23
N VAL L 131 10.12 26.56 28.14
CA VAL L 131 9.23 25.41 28.13
C VAL L 131 10.02 24.21 27.62
N VAL L 132 9.92 23.09 28.32
CA VAL L 132 10.72 21.91 28.01
C VAL L 132 9.79 20.76 27.67
N CYS L 133 9.96 20.19 26.49
CA CYS L 133 9.26 18.99 26.06
C CYS L 133 10.22 17.81 26.16
N LEU L 134 9.81 16.76 26.85
CA LEU L 134 10.67 15.62 27.14
C LEU L 134 10.18 14.38 26.42
N LEU L 135 11.05 13.80 25.58
CA LEU L 135 10.82 12.51 24.95
C LEU L 135 11.72 11.50 25.64
N ASN L 136 11.12 10.57 26.38
CA ASN L 136 11.85 9.68 27.26
C ASN L 136 11.80 8.25 26.76
N ASN L 137 12.97 7.61 26.68
CA ASN L 137 13.12 6.17 26.45
C ASN L 137 12.46 5.74 25.14
N PHE L 138 13.06 6.17 24.03
CA PHE L 138 12.59 5.81 22.71
C PHE L 138 13.73 5.27 21.85
N TYR L 139 13.36 4.52 20.82
CA TYR L 139 14.30 3.95 19.86
C TYR L 139 13.56 3.71 18.57
N PRO L 140 14.15 4.00 17.39
CA PRO L 140 15.50 4.54 17.18
C PRO L 140 15.61 6.05 17.45
N ARG L 141 16.78 6.63 17.16
CA ARG L 141 17.04 8.01 17.52
C ARG L 141 16.20 8.99 16.70
N GLU L 142 15.83 8.63 15.48
CA GLU L 142 15.11 9.57 14.61
C GLU L 142 13.79 9.98 15.24
N ALA L 143 13.59 11.28 15.39
CA ALA L 143 12.37 11.81 15.97
C ALA L 143 12.21 13.26 15.52
N LYS L 144 10.97 13.65 15.22
CA LYS L 144 10.65 15.01 14.82
C LYS L 144 9.85 15.68 15.93
N VAL L 145 10.15 16.95 16.19
CA VAL L 145 9.59 17.68 17.32
C VAL L 145 9.25 19.09 16.86
N GLN L 146 7.98 19.48 17.00
CA GLN L 146 7.50 20.79 16.58
C GLN L 146 6.73 21.45 17.71
N TRP L 147 6.91 22.76 17.85
CA TRP L 147 6.23 23.54 18.88
C TRP L 147 5.08 24.31 18.26
N LYS L 148 3.93 24.31 18.95
CA LYS L 148 2.78 25.11 18.56
C LYS L 148 2.34 25.96 19.74
N VAL L 149 2.15 27.25 19.48
CA VAL L 149 1.73 28.21 20.50
C VAL L 149 0.45 28.87 19.99
N ASP L 150 -0.68 28.59 20.64
CA ASP L 150 -1.99 29.02 20.17
C ASP L 150 -2.23 28.55 18.74
N ASN L 151 -1.95 27.25 18.51
CA ASN L 151 -2.11 26.59 17.21
C ASN L 151 -1.12 27.11 16.18
N ALA L 152 -0.37 28.17 16.50
CA ALA L 152 0.59 28.73 15.56
C ALA L 152 1.90 27.95 15.63
N LEU L 153 2.39 27.50 14.48
CA LEU L 153 3.63 26.75 14.42
C LEU L 153 4.82 27.67 14.66
N GLN L 154 5.78 27.21 15.45
CA GLN L 154 6.94 28.00 15.84
C GLN L 154 8.16 27.61 15.01
N SER L 155 9.15 28.51 14.99
CA SER L 155 10.39 28.27 14.28
C SER L 155 11.48 29.17 14.83
N GLY L 156 12.70 28.63 14.91
CA GLY L 156 13.86 29.41 15.29
C GLY L 156 14.01 29.72 16.77
N ASN L 157 13.02 29.37 17.59
CA ASN L 157 13.06 29.69 19.02
C ASN L 157 13.15 28.43 19.88
N SER L 158 13.61 27.32 19.31
CA SER L 158 13.76 26.08 20.05
C SER L 158 15.09 25.43 19.70
N GLN L 159 15.67 24.75 20.68
CA GLN L 159 16.90 23.99 20.53
C GLN L 159 16.72 22.64 21.19
N GLU L 160 17.31 21.60 20.59
CA GLU L 160 17.11 20.23 21.04
C GLU L 160 18.43 19.62 21.47
N SER L 161 18.33 18.62 22.34
CA SER L 161 19.48 17.83 22.77
C SER L 161 19.05 16.40 23.00
N VAL L 162 19.96 15.47 22.73
CA VAL L 162 19.68 14.04 22.82
C VAL L 162 20.82 13.37 23.58
N THR L 163 20.49 12.36 24.38
CA THR L 163 21.47 11.60 25.15
C THR L 163 22.00 10.44 24.33
N GLU L 164 23.05 9.81 24.85
CA GLU L 164 23.55 8.59 24.27
C GLU L 164 22.67 7.41 24.66
N GLN L 165 22.96 6.25 24.08
CA GLN L 165 22.16 5.06 24.30
C GLN L 165 22.29 4.62 25.76
N ASP L 166 21.16 4.53 26.46
CA ASP L 166 21.18 4.12 27.86
C ASP L 166 21.66 2.68 27.97
N SER L 167 22.52 2.43 28.96
CA SER L 167 23.14 1.11 29.07
C SER L 167 22.14 0.03 29.45
N LYS L 168 21.07 0.39 30.16
CA LYS L 168 20.16 -0.61 30.68
C LYS L 168 19.15 -1.07 29.64
N ASP L 169 18.52 -0.13 28.93
CA ASP L 169 17.48 -0.46 27.98
C ASP L 169 17.80 -0.09 26.53
N SER L 170 19.01 0.43 26.27
CA SER L 170 19.46 0.76 24.91
C SER L 170 18.57 1.82 24.25
N THR L 171 17.91 2.66 25.04
CA THR L 171 17.00 3.66 24.52
C THR L 171 17.67 5.03 24.48
N TYR L 172 17.01 5.95 23.78
CA TYR L 172 17.43 7.34 23.69
C TYR L 172 16.41 8.22 24.39
N SER L 173 16.86 9.41 24.79
CA SER L 173 15.97 10.43 25.34
C SER L 173 16.37 11.78 24.78
N LEU L 174 15.36 12.60 24.51
CA LEU L 174 15.55 13.89 23.85
C LEU L 174 14.74 14.95 24.56
N SER L 175 15.30 16.16 24.63
CA SER L 175 14.63 17.30 25.23
C SER L 175 14.64 18.47 24.24
N SER L 176 13.49 19.09 24.05
CA SER L 176 13.36 20.28 23.24
C SER L 176 12.95 21.44 24.14
N THR L 177 13.64 22.56 24.00
CA THR L 177 13.43 23.71 24.88
C THR L 177 13.00 24.90 24.04
N LEU L 178 11.78 25.37 24.26
CA LEU L 178 11.29 26.61 23.69
C LEU L 178 11.65 27.76 24.62
N THR L 179 12.31 28.79 24.09
CA THR L 179 12.82 29.90 24.89
C THR L 179 12.11 31.18 24.48
N LEU L 180 11.38 31.78 25.42
CA LEU L 180 10.65 33.02 25.20
C LEU L 180 11.02 34.03 26.27
N SER L 181 10.70 35.29 26.00
CA SER L 181 10.74 36.30 27.05
C SER L 181 9.53 36.15 27.96
N LYS L 182 9.63 36.70 29.17
CA LYS L 182 8.54 36.59 30.13
C LYS L 182 7.26 37.20 29.58
N ALA L 183 7.37 38.39 28.98
CA ALA L 183 6.18 39.06 28.46
C ALA L 183 5.57 38.31 27.28
N ASP L 184 6.40 37.65 26.47
CA ASP L 184 5.86 36.90 25.35
C ASP L 184 5.27 35.56 25.80
N TYR L 185 5.80 34.98 26.87
CA TYR L 185 5.21 33.75 27.39
C TYR L 185 3.83 34.02 28.01
N GLU L 186 3.69 35.11 28.74
CA GLU L 186 2.47 35.43 29.45
C GLU L 186 1.46 36.19 28.58
N LYS L 187 1.66 36.22 27.27
CA LYS L 187 0.67 36.76 26.35
C LYS L 187 -0.02 35.70 25.52
N HIS L 188 0.41 34.44 25.64
CA HIS L 188 -0.24 33.30 25.00
C HIS L 188 -0.81 32.37 26.06
N LYS L 189 -1.65 31.43 25.61
CA LYS L 189 -2.37 30.54 26.53
C LYS L 189 -1.99 29.08 26.36
N VAL L 190 -1.97 28.55 25.14
CA VAL L 190 -1.75 27.13 24.90
C VAL L 190 -0.33 26.93 24.38
N TYR L 191 0.44 26.10 25.08
CA TYR L 191 1.79 25.72 24.67
C TYR L 191 1.82 24.22 24.48
N ALA L 192 2.14 23.77 23.27
CA ALA L 192 2.07 22.36 22.92
C ALA L 192 3.28 21.97 22.09
N CYS L 193 3.67 20.70 22.20
CA CYS L 193 4.74 20.13 21.39
CA CYS L 193 4.71 20.16 21.36
C CYS L 193 4.22 18.89 20.71
N GLU L 194 4.45 18.77 19.40
CA GLU L 194 3.98 17.66 18.59
C GLU L 194 5.16 16.76 18.24
N VAL L 195 5.01 15.47 18.52
CA VAL L 195 6.08 14.49 18.41
C VAL L 195 5.74 13.50 17.31
N THR L 196 6.70 13.24 16.42
CA THR L 196 6.56 12.26 15.36
C THR L 196 7.66 11.22 15.50
N HIS L 197 7.28 9.95 15.52
CA HIS L 197 8.23 8.88 15.74
C HIS L 197 7.71 7.60 15.08
N GLN L 198 8.64 6.71 14.75
CA GLN L 198 8.28 5.45 14.09
C GLN L 198 7.38 4.60 14.98
N GLY L 199 7.63 4.59 16.28
CA GLY L 199 6.81 3.82 17.21
C GLY L 199 5.44 4.38 17.50
N LEU L 200 5.08 5.50 16.86
CA LEU L 200 3.78 6.13 17.05
C LEU L 200 2.95 5.99 15.78
N SER L 201 1.72 5.51 15.93
CA SER L 201 0.83 5.36 14.78
C SER L 201 0.44 6.71 14.20
N SER L 202 0.39 7.74 15.04
CA SER L 202 0.09 9.09 14.60
C SER L 202 0.78 10.05 15.56
N PRO L 203 1.05 11.30 15.13
CA PRO L 203 1.77 12.23 16.00
C PRO L 203 1.03 12.47 17.31
N VAL L 204 1.81 12.71 18.36
CA VAL L 204 1.32 12.87 19.72
C VAL L 204 1.53 14.33 20.12
N THR L 205 0.51 14.93 20.73
CA THR L 205 0.55 16.32 21.16
C THR L 205 0.45 16.37 22.68
N LYS L 206 1.46 16.95 23.33
CA LYS L 206 1.45 17.19 24.77
C LYS L 206 1.37 18.69 24.99
N SER L 207 0.32 19.13 25.68
CA SER L 207 0.02 20.56 25.79
C SER L 207 -0.38 20.91 27.22
N PHE L 208 -0.38 22.21 27.50
CA PHE L 208 -0.81 22.74 28.78
C PHE L 208 -1.28 24.17 28.59
N ASN L 209 -2.15 24.62 29.50
CA ASN L 209 -2.57 26.01 29.54
C ASN L 209 -1.73 26.76 30.57
N ARG L 210 -1.28 27.94 30.18
CA ARG L 210 -0.46 28.76 31.08
C ARG L 210 -1.25 29.13 32.33
N GLY L 211 -0.59 29.02 33.48
CA GLY L 211 -1.24 29.26 34.75
C GLY L 211 -2.03 28.10 35.32
N GLU L 212 -2.38 27.13 34.49
CA GLU L 212 -3.09 25.95 34.97
C GLU L 212 -2.09 24.94 35.54
N CYS L 213 -2.46 24.33 36.67
CA CYS L 213 -1.57 23.42 37.37
C CYS L 213 -2.23 22.07 37.66
C1 EDO M . 1.59 -1.12 20.52
O1 EDO M . 1.42 -2.51 20.84
C2 EDO M . 1.00 -0.83 19.15
O2 EDO M . 1.62 -1.68 18.16
C1 EDO N . -26.68 -19.79 4.30
O1 EDO N . -27.46 -19.01 3.40
C2 EDO N . -27.25 -21.21 4.34
O2 EDO N . -27.24 -21.74 3.01
C1 EDO O . -4.37 51.37 15.01
O1 EDO O . -3.58 52.16 15.92
C2 EDO O . -4.93 52.26 13.89
O2 EDO O . -5.64 51.45 12.96
C1 EDO P . 3.67 39.65 16.57
O1 EDO P . 3.45 40.68 15.58
C2 EDO P . 3.54 40.26 17.96
O2 EDO P . 2.33 41.02 18.02
C1 EDO Q . 31.92 17.66 -10.29
O1 EDO Q . 32.48 18.94 -10.57
C2 EDO Q . 31.52 16.99 -11.60
O2 EDO Q . 30.98 15.69 -11.34
C1 EDO R . -31.04 -43.28 -31.02
O1 EDO R . -31.61 -42.06 -31.51
C2 EDO R . -32.18 -44.18 -30.53
O2 EDO R . -33.18 -44.22 -31.56
C1 EDO S . -68.43 -2.83 -24.34
O1 EDO S . -67.16 -2.51 -24.93
C2 EDO S . -69.31 -3.50 -25.37
O2 EDO S . -68.66 -4.69 -25.84
C1 EDO T . -3.26 14.72 28.81
O1 EDO T . -2.06 15.24 29.39
C2 EDO T . -2.89 13.65 27.81
O2 EDO T . -2.19 12.61 28.49
#